data_5JEU
# 
_entry.id   5JEU 
# 
_audit_conform.dict_name       mmcif_pdbx.dic 
_audit_conform.dict_version    5.391 
_audit_conform.dict_location   http://mmcif.pdb.org/dictionaries/ascii/mmcif_pdbx.dic 
# 
loop_
_database_2.database_id 
_database_2.database_code 
_database_2.pdbx_database_accession 
_database_2.pdbx_DOI 
PDB   5JEU         pdb_00005jeu 10.2210/pdb5jeu/pdb 
WWPDB D_1000220439 ?            ?                   
# 
loop_
_pdbx_audit_revision_history.ordinal 
_pdbx_audit_revision_history.data_content_type 
_pdbx_audit_revision_history.major_revision 
_pdbx_audit_revision_history.minor_revision 
_pdbx_audit_revision_history.revision_date 
1 'Structure model' 1 0 2016-09-14 
2 'Structure model' 1 1 2016-09-21 
3 'Structure model' 1 2 2016-09-28 
4 'Structure model' 1 3 2016-11-09 
5 'Structure model' 1 4 2024-05-08 
# 
_pdbx_audit_revision_details.ordinal             1 
_pdbx_audit_revision_details.revision_ordinal    1 
_pdbx_audit_revision_details.data_content_type   'Structure model' 
_pdbx_audit_revision_details.provider            repository 
_pdbx_audit_revision_details.type                'Initial release' 
_pdbx_audit_revision_details.description         ? 
_pdbx_audit_revision_details.details             ? 
# 
loop_
_pdbx_audit_revision_group.ordinal 
_pdbx_audit_revision_group.revision_ordinal 
_pdbx_audit_revision_group.data_content_type 
_pdbx_audit_revision_group.group 
1 2 'Structure model' 'Database references'  
2 3 'Structure model' 'Database references'  
3 4 'Structure model' 'Database references'  
4 5 'Structure model' 'Data collection'      
5 5 'Structure model' 'Database references'  
6 5 'Structure model' 'Derived calculations' 
# 
loop_
_pdbx_audit_revision_category.ordinal 
_pdbx_audit_revision_category.revision_ordinal 
_pdbx_audit_revision_category.data_content_type 
_pdbx_audit_revision_category.category 
1 5 'Structure model' chem_comp_atom         
2 5 'Structure model' chem_comp_bond         
3 5 'Structure model' database_2             
4 5 'Structure model' pdbx_struct_conn_angle 
5 5 'Structure model' struct_conn            
# 
loop_
_pdbx_audit_revision_item.ordinal 
_pdbx_audit_revision_item.revision_ordinal 
_pdbx_audit_revision_item.data_content_type 
_pdbx_audit_revision_item.item 
1 5 'Structure model' '_database_2.pdbx_DOI'                      
2 5 'Structure model' '_database_2.pdbx_database_accession'       
3 5 'Structure model' '_pdbx_struct_conn_angle.ptnr1_auth_seq_id' 
4 5 'Structure model' '_pdbx_struct_conn_angle.ptnr3_auth_seq_id' 
5 5 'Structure model' '_pdbx_struct_conn_angle.value'             
6 5 'Structure model' '_struct_conn.pdbx_dist_value'              
7 5 'Structure model' '_struct_conn.ptnr2_auth_seq_id'            
# 
_pdbx_database_status.status_code                     REL 
_pdbx_database_status.status_code_sf                  REL 
_pdbx_database_status.status_code_mr                  ? 
_pdbx_database_status.entry_id                        5JEU 
_pdbx_database_status.recvd_initial_deposition_date   2016-04-19 
_pdbx_database_status.SG_entry                        N 
_pdbx_database_status.deposit_site                    RCSB 
_pdbx_database_status.process_site                    PDBE 
_pdbx_database_status.status_code_cs                  ? 
_pdbx_database_status.methods_development_category    ? 
_pdbx_database_status.pdb_format_compatible           Y 
_pdbx_database_status.status_code_nmr_data            ? 
# 
loop_
_audit_author.name 
_audit_author.pdbx_ordinal 
'Hall, J.P.'   1 
'Cardin, C.J.' 2 
# 
_citation.abstract                  ? 
_citation.abstract_id_CAS           ? 
_citation.book_id_ISBN              ? 
_citation.book_publisher            ? 
_citation.book_publisher_city       ? 
_citation.book_title                ? 
_citation.coordinate_linkage        ? 
_citation.country                   UK 
_citation.database_id_Medline       ? 
_citation.details                   ? 
_citation.id                        primary 
_citation.journal_abbrev            'Nucleic Acids Res.' 
_citation.journal_id_ASTM           NARHAD 
_citation.journal_id_CSD            0389 
_citation.journal_id_ISSN           1362-4962 
_citation.journal_full              ? 
_citation.journal_issue             ? 
_citation.journal_volume            44 
_citation.language                  ? 
_citation.page_first                9472 
_citation.page_last                 9482 
_citation.title                     
;Delta chirality ruthenium 'light-switch' complexes can bind in the minor groove of DNA with five different binding modes.
;
_citation.year                      2016 
_citation.database_id_CSD           ? 
_citation.pdbx_database_id_DOI      10.1093/nar/gkw753 
_citation.pdbx_database_id_PubMed   27599841 
_citation.unpublished_flag          ? 
# 
loop_
_citation_author.citation_id 
_citation_author.name 
_citation_author.ordinal 
_citation_author.identifier_ORCID 
primary 'Hall, J.P.'     1 ? 
primary 'Keane, P.M.'    2 ? 
primary 'Beer, H.'       3 ? 
primary 'Buchner, K.'    4 ? 
primary 'Winter, G.'     5 ? 
primary 'Sorensen, T.L.' 6 ? 
primary 'Cardin, D.J.'   7 ? 
primary 'Brazier, J.A.'  8 ? 
primary 'Cardin, C.J.'   9 ? 
# 
loop_
_entity.id 
_entity.type 
_entity.src_method 
_entity.pdbx_description 
_entity.formula_weight 
_entity.pdbx_number_of_molecules 
_entity.pdbx_ec 
_entity.pdbx_mutation 
_entity.pdbx_fragment 
_entity.details 
1 polymer     syn 
;DNA (5'-D(*TP*CP*GP*GP*CP*GP*CP*CP*GP*A)-3')
;
3045.992 1  ? ? ? ? 
2 non-polymer syn 'BARIUM ION'                                   137.327  1  ? ? ? ? 
3 non-polymer syn 'Delta-Ru(phen)2(dppz) complex'                743.779  2  ? ? ? ? 
4 non-polymer syn 'CHLORIDE ION'                                 35.453   1  ? ? ? ? 
5 water       nat water                                          18.015   82 ? ? ? ? 
# 
_entity_poly.entity_id                      1 
_entity_poly.type                           polydeoxyribonucleotide 
_entity_poly.nstd_linkage                   no 
_entity_poly.nstd_monomer                   no 
_entity_poly.pdbx_seq_one_letter_code       '(DT)(DC)(DG)(DG)(DC)(DG)(DC)(DC)(DG)(DA)' 
_entity_poly.pdbx_seq_one_letter_code_can   TCGGCGCCGA 
_entity_poly.pdbx_strand_id                 A 
_entity_poly.pdbx_target_identifier         ? 
# 
loop_
_pdbx_entity_nonpoly.entity_id 
_pdbx_entity_nonpoly.name 
_pdbx_entity_nonpoly.comp_id 
2 'BARIUM ION'                    BA  
3 'Delta-Ru(phen)2(dppz) complex' 0TN 
4 'CHLORIDE ION'                  CL  
5 water                           HOH 
# 
loop_
_entity_poly_seq.entity_id 
_entity_poly_seq.num 
_entity_poly_seq.mon_id 
_entity_poly_seq.hetero 
1 1  DT n 
1 2  DC n 
1 3  DG n 
1 4  DG n 
1 5  DC n 
1 6  DG n 
1 7  DC n 
1 8  DC n 
1 9  DG n 
1 10 DA n 
# 
_pdbx_entity_src_syn.entity_id              1 
_pdbx_entity_src_syn.pdbx_src_id            1 
_pdbx_entity_src_syn.pdbx_alt_source_flag   sample 
_pdbx_entity_src_syn.pdbx_beg_seq_num       1 
_pdbx_entity_src_syn.pdbx_end_seq_num       10 
_pdbx_entity_src_syn.organism_scientific    'synthetic construct' 
_pdbx_entity_src_syn.organism_common_name   ? 
_pdbx_entity_src_syn.ncbi_taxonomy_id       32630 
_pdbx_entity_src_syn.details                ? 
# 
loop_
_chem_comp.id 
_chem_comp.type 
_chem_comp.mon_nstd_flag 
_chem_comp.name 
_chem_comp.pdbx_synonyms 
_chem_comp.formula 
_chem_comp.formula_weight 
0TN non-polymer   . 'Delta-Ru(phen)2(dppz) complex'      ? 'C42 H26 N8 Ru'   743.779 
BA  non-polymer   . 'BARIUM ION'                         ? 'Ba 2'            137.327 
CL  non-polymer   . 'CHLORIDE ION'                       ? 'Cl -1'           35.453  
DA  'DNA linking' y "2'-DEOXYADENOSINE-5'-MONOPHOSPHATE" ? 'C10 H14 N5 O6 P' 331.222 
DC  'DNA linking' y "2'-DEOXYCYTIDINE-5'-MONOPHOSPHATE"  ? 'C9 H14 N3 O7 P'  307.197 
DG  'DNA linking' y "2'-DEOXYGUANOSINE-5'-MONOPHOSPHATE" ? 'C10 H14 N5 O7 P' 347.221 
DT  'DNA linking' y "THYMIDINE-5'-MONOPHOSPHATE"         ? 'C10 H15 N2 O8 P' 322.208 
HOH non-polymer   . WATER                                ? 'H2 O'            18.015  
# 
loop_
_pdbx_poly_seq_scheme.asym_id 
_pdbx_poly_seq_scheme.entity_id 
_pdbx_poly_seq_scheme.seq_id 
_pdbx_poly_seq_scheme.mon_id 
_pdbx_poly_seq_scheme.ndb_seq_num 
_pdbx_poly_seq_scheme.pdb_seq_num 
_pdbx_poly_seq_scheme.auth_seq_num 
_pdbx_poly_seq_scheme.pdb_mon_id 
_pdbx_poly_seq_scheme.auth_mon_id 
_pdbx_poly_seq_scheme.pdb_strand_id 
_pdbx_poly_seq_scheme.pdb_ins_code 
_pdbx_poly_seq_scheme.hetero 
A 1 1  DT 1  1  1  DT DT A . n 
A 1 2  DC 2  2  2  DC DC A . n 
A 1 3  DG 3  3  3  DG DG A . n 
A 1 4  DG 4  4  4  DG DG A . n 
A 1 5  DC 5  5  5  DC DC A . n 
A 1 6  DG 6  6  6  DG DG A . n 
A 1 7  DC 7  7  7  DC DC A . n 
A 1 8  DC 8  8  8  DC DC A . n 
A 1 9  DG 9  9  9  DG DG A . n 
A 1 10 DA 10 10 10 DA DA A . n 
# 
loop_
_pdbx_nonpoly_scheme.asym_id 
_pdbx_nonpoly_scheme.entity_id 
_pdbx_nonpoly_scheme.mon_id 
_pdbx_nonpoly_scheme.ndb_seq_num 
_pdbx_nonpoly_scheme.pdb_seq_num 
_pdbx_nonpoly_scheme.auth_seq_num 
_pdbx_nonpoly_scheme.pdb_mon_id 
_pdbx_nonpoly_scheme.auth_mon_id 
_pdbx_nonpoly_scheme.pdb_strand_id 
_pdbx_nonpoly_scheme.pdb_ins_code 
B 2 BA  1  101 1  BA  BA  A . 
C 3 0TN 1  102 2  0TN 0TN A . 
D 3 0TN 1  103 3  0TN 0TN A . 
E 4 CL  1  104 1  CL  CL  A . 
F 5 HOH 1  201 31 HOH HOH A . 
F 5 HOH 2  202 81 HOH HOH A . 
F 5 HOH 3  203 39 HOH HOH A . 
F 5 HOH 4  204 26 HOH HOH A . 
F 5 HOH 5  205 6  HOH HOH A . 
F 5 HOH 6  206 44 HOH HOH A . 
F 5 HOH 7  207 10 HOH HOH A . 
F 5 HOH 8  208 11 HOH HOH A . 
F 5 HOH 9  209 85 HOH HOH A . 
F 5 HOH 10 210 4  HOH HOH A . 
F 5 HOH 11 211 22 HOH HOH A . 
F 5 HOH 12 212 46 HOH HOH A . 
F 5 HOH 13 213 18 HOH HOH A . 
F 5 HOH 14 214 5  HOH HOH A . 
F 5 HOH 15 215 13 HOH HOH A . 
F 5 HOH 16 216 63 HOH HOH A . 
F 5 HOH 17 217 47 HOH HOH A . 
F 5 HOH 18 218 84 HOH HOH A . 
F 5 HOH 19 219 56 HOH HOH A . 
F 5 HOH 20 220 60 HOH HOH A . 
F 5 HOH 21 221 23 HOH HOH A . 
F 5 HOH 22 222 8  HOH HOH A . 
F 5 HOH 23 223 12 HOH HOH A . 
F 5 HOH 24 224 92 HOH HOH A . 
F 5 HOH 25 225 28 HOH HOH A . 
F 5 HOH 26 226 74 HOH HOH A . 
F 5 HOH 27 227 32 HOH HOH A . 
F 5 HOH 28 228 19 HOH HOH A . 
F 5 HOH 29 229 93 HOH HOH A . 
F 5 HOH 30 230 55 HOH HOH A . 
F 5 HOH 31 231 24 HOH HOH A . 
F 5 HOH 32 232 3  HOH HOH A . 
F 5 HOH 33 233 9  HOH HOH A . 
F 5 HOH 34 234 15 HOH HOH A . 
F 5 HOH 35 235 30 HOH HOH A . 
F 5 HOH 36 236 51 HOH HOH A . 
F 5 HOH 37 237 62 HOH HOH A . 
F 5 HOH 38 238 88 HOH HOH A . 
F 5 HOH 39 239 21 HOH HOH A . 
F 5 HOH 40 240 48 HOH HOH A . 
F 5 HOH 41 241 41 HOH HOH A . 
F 5 HOH 42 242 67 HOH HOH A . 
F 5 HOH 43 243 61 HOH HOH A . 
F 5 HOH 44 244 76 HOH HOH A . 
F 5 HOH 45 245 33 HOH HOH A . 
F 5 HOH 46 246 16 HOH HOH A . 
F 5 HOH 47 247 40 HOH HOH A . 
F 5 HOH 48 248 90 HOH HOH A . 
F 5 HOH 49 249 34 HOH HOH A . 
F 5 HOH 50 250 20 HOH HOH A . 
F 5 HOH 51 251 43 HOH HOH A . 
F 5 HOH 52 252 71 HOH HOH A . 
F 5 HOH 53 253 7  HOH HOH A . 
F 5 HOH 54 254 25 HOH HOH A . 
F 5 HOH 55 255 42 HOH HOH A . 
F 5 HOH 56 256 80 HOH HOH A . 
F 5 HOH 57 257 27 HOH HOH A . 
F 5 HOH 58 258 52 HOH HOH A . 
F 5 HOH 59 259 79 HOH HOH A . 
F 5 HOH 60 260 78 HOH HOH A . 
F 5 HOH 61 261 91 HOH HOH A . 
F 5 HOH 62 262 66 HOH HOH A . 
F 5 HOH 63 263 36 HOH HOH A . 
F 5 HOH 64 264 75 HOH HOH A . 
F 5 HOH 65 265 49 HOH HOH A . 
F 5 HOH 66 266 70 HOH HOH A . 
F 5 HOH 67 267 82 HOH HOH A . 
F 5 HOH 68 268 77 HOH HOH A . 
F 5 HOH 69 269 57 HOH HOH A . 
F 5 HOH 70 270 89 HOH HOH A . 
F 5 HOH 71 271 29 HOH HOH A . 
F 5 HOH 72 272 45 HOH HOH A . 
F 5 HOH 73 273 69 HOH HOH A . 
F 5 HOH 74 274 50 HOH HOH A . 
F 5 HOH 75 275 59 HOH HOH A . 
F 5 HOH 76 276 65 HOH HOH A . 
F 5 HOH 77 277 58 HOH HOH A . 
F 5 HOH 78 278 86 HOH HOH A . 
F 5 HOH 79 279 83 HOH HOH A . 
F 5 HOH 80 280 54 HOH HOH A . 
F 5 HOH 81 281 72 HOH HOH A . 
F 5 HOH 82 282 73 HOH HOH A . 
# 
loop_
_software.citation_id 
_software.classification 
_software.compiler_name 
_software.compiler_version 
_software.contact_author 
_software.contact_author_email 
_software.date 
_software.description 
_software.dependencies 
_software.hardware 
_software.language 
_software.location 
_software.mods 
_software.name 
_software.os 
_software.os_version 
_software.type 
_software.version 
_software.pdbx_ordinal 
? refinement       ? ? ? ? ? ? ? ? ? ? ? PHENIX  ? ? ? '(1.10.1_2155: ???)' 1 
? 'data reduction' ? ? ? ? ? ? ? ? ? ? ? XDS     ? ? ? .                    2 
? 'data scaling'   ? ? ? ? ? ? ? ? ? ? ? XSCALE  ? ? ? .                    3 
? phasing          ? ? ? ? ? ? ? ? ? ? ? SHELXDE ? ? ? .                    4 
? 'data reduction' ? ? ? ? ? ? ? ? ? ? ? xia2    ? ? ? .                    5 
# 
_cell.angle_alpha                  90.00 
_cell.angle_alpha_esd              ? 
_cell.angle_beta                   90.00 
_cell.angle_beta_esd               ? 
_cell.angle_gamma                  90.00 
_cell.angle_gamma_esd              ? 
_cell.entry_id                     5JEU 
_cell.details                      ? 
_cell.formula_units_Z              ? 
_cell.length_a                     48.620 
_cell.length_a_esd                 ? 
_cell.length_b                     48.620 
_cell.length_b_esd                 ? 
_cell.length_c                     29.430 
_cell.length_c_esd                 ? 
_cell.volume                       ? 
_cell.volume_esd                   ? 
_cell.Z_PDB                        8 
_cell.reciprocal_angle_alpha       ? 
_cell.reciprocal_angle_beta        ? 
_cell.reciprocal_angle_gamma       ? 
_cell.reciprocal_angle_alpha_esd   ? 
_cell.reciprocal_angle_beta_esd    ? 
_cell.reciprocal_angle_gamma_esd   ? 
_cell.reciprocal_length_a          ? 
_cell.reciprocal_length_b          ? 
_cell.reciprocal_length_c          ? 
_cell.reciprocal_length_a_esd      ? 
_cell.reciprocal_length_b_esd      ? 
_cell.reciprocal_length_c_esd      ? 
_cell.pdbx_unique_axis             ? 
# 
_symmetry.entry_id                         5JEU 
_symmetry.cell_setting                     ? 
_symmetry.Int_Tables_number                92 
_symmetry.space_group_name_Hall            ? 
_symmetry.space_group_name_H-M             'P 41 21 2' 
_symmetry.pdbx_full_space_group_name_H-M   ? 
# 
_exptl.absorpt_coefficient_mu     ? 
_exptl.absorpt_correction_T_max   ? 
_exptl.absorpt_correction_T_min   ? 
_exptl.absorpt_correction_type    ? 
_exptl.absorpt_process_details    ? 
_exptl.entry_id                   5JEU 
_exptl.crystals_number            1 
_exptl.details                    ? 
_exptl.method                     'X-RAY DIFFRACTION' 
_exptl.method_details             ? 
# 
_exptl_crystal.colour                      ? 
_exptl_crystal.density_diffrn              ? 
_exptl_crystal.density_Matthews            2.85 
_exptl_crystal.density_method              ? 
_exptl_crystal.density_percent_sol         56.92 
_exptl_crystal.description                 ? 
_exptl_crystal.F_000                       ? 
_exptl_crystal.id                          1 
_exptl_crystal.preparation                 ? 
_exptl_crystal.size_max                    ? 
_exptl_crystal.size_mid                    ? 
_exptl_crystal.size_min                    ? 
_exptl_crystal.size_rad                    ? 
_exptl_crystal.colour_lustre               ? 
_exptl_crystal.colour_modifier             ? 
_exptl_crystal.colour_primary              ? 
_exptl_crystal.density_meas                ? 
_exptl_crystal.density_meas_esd            ? 
_exptl_crystal.density_meas_gt             ? 
_exptl_crystal.density_meas_lt             ? 
_exptl_crystal.density_meas_temp           ? 
_exptl_crystal.density_meas_temp_esd       ? 
_exptl_crystal.density_meas_temp_gt        ? 
_exptl_crystal.density_meas_temp_lt        ? 
_exptl_crystal.pdbx_crystal_image_url      ? 
_exptl_crystal.pdbx_crystal_image_format   ? 
_exptl_crystal.pdbx_mosaicity              ? 
_exptl_crystal.pdbx_mosaicity_esd          ? 
# 
_exptl_crystal_grow.apparatus       ? 
_exptl_crystal_grow.atmosphere      ? 
_exptl_crystal_grow.crystal_id      1 
_exptl_crystal_grow.details         ? 
_exptl_crystal_grow.method          'VAPOR DIFFUSION, SITTING DROP' 
_exptl_crystal_grow.method_ref      ? 
_exptl_crystal_grow.pH              7 
_exptl_crystal_grow.pressure        ? 
_exptl_crystal_grow.pressure_esd    ? 
_exptl_crystal_grow.seeding         ? 
_exptl_crystal_grow.seeding_ref     ? 
_exptl_crystal_grow.temp            291 
_exptl_crystal_grow.temp_details    ? 
_exptl_crystal_grow.temp_esd        ? 
_exptl_crystal_grow.time            ? 
_exptl_crystal_grow.pdbx_details    
;1uL 4mM del-[Ru(phen)2(dppz)]2+, 1uL 2mM d(TCGGCGCCGA), 6uL of a solution containing 40mM Na-cacodylate pH 7, 12mM spermine, 80mM KCl, 20mM BaCl2, 10% (v/v) hexylene glycol
;
_exptl_crystal_grow.pdbx_pH_range   ? 
# 
_diffrn.ambient_environment    ? 
_diffrn.ambient_temp           100 
_diffrn.ambient_temp_details   ? 
_diffrn.ambient_temp_esd       ? 
_diffrn.crystal_id             1 
_diffrn.crystal_support        ? 
_diffrn.crystal_treatment      ? 
_diffrn.details                ? 
_diffrn.id                     1 
_diffrn.ambient_pressure       ? 
_diffrn.ambient_pressure_esd   ? 
_diffrn.ambient_pressure_gt    ? 
_diffrn.ambient_pressure_lt    ? 
_diffrn.ambient_temp_gt        ? 
_diffrn.ambient_temp_lt        ? 
# 
_diffrn_detector.details                      ? 
_diffrn_detector.detector                     PIXEL 
_diffrn_detector.diffrn_id                    1 
_diffrn_detector.type                         'DECTRIS PILATUS 6M-F' 
_diffrn_detector.area_resol_mean              ? 
_diffrn_detector.dtime                        ? 
_diffrn_detector.pdbx_frames_total            ? 
_diffrn_detector.pdbx_collection_time_total   ? 
_diffrn_detector.pdbx_collection_date         2012-12-14 
# 
_diffrn_radiation.collimation                      ? 
_diffrn_radiation.diffrn_id                        1 
_diffrn_radiation.filter_edge                      ? 
_diffrn_radiation.inhomogeneity                    ? 
_diffrn_radiation.monochromator                    'dual Si(111)' 
_diffrn_radiation.polarisn_norm                    ? 
_diffrn_radiation.polarisn_ratio                   ? 
_diffrn_radiation.probe                            ? 
_diffrn_radiation.type                             ? 
_diffrn_radiation.xray_symbol                      ? 
_diffrn_radiation.wavelength_id                    1 
_diffrn_radiation.pdbx_monochromatic_or_laue_m_l   M 
_diffrn_radiation.pdbx_wavelength_list             ? 
_diffrn_radiation.pdbx_wavelength                  ? 
_diffrn_radiation.pdbx_diffrn_protocol             'SINGLE WAVELENGTH' 
_diffrn_radiation.pdbx_analyzer                    ? 
_diffrn_radiation.pdbx_scattering_type             x-ray 
# 
_diffrn_radiation_wavelength.id           1 
_diffrn_radiation_wavelength.wavelength   0.8266 
_diffrn_radiation_wavelength.wt           1.0 
# 
_diffrn_source.current                     ? 
_diffrn_source.details                     ? 
_diffrn_source.diffrn_id                   1 
_diffrn_source.power                       ? 
_diffrn_source.size                        ? 
_diffrn_source.source                      SYNCHROTRON 
_diffrn_source.target                      ? 
_diffrn_source.type                        'DIAMOND BEAMLINE I02' 
_diffrn_source.voltage                     ? 
_diffrn_source.take-off_angle              ? 
_diffrn_source.pdbx_wavelength_list        0.8266 
_diffrn_source.pdbx_wavelength             ? 
_diffrn_source.pdbx_synchrotron_beamline   I02 
_diffrn_source.pdbx_synchrotron_site       Diamond 
# 
_reflns.B_iso_Wilson_estimate            ? 
_reflns.entry_id                         5JEU 
_reflns.data_reduction_details           ? 
_reflns.data_reduction_method            ? 
_reflns.d_resolution_high                0.97 
_reflns.d_resolution_low                 25.18 
_reflns.details                          ? 
_reflns.limit_h_max                      ? 
_reflns.limit_h_min                      ? 
_reflns.limit_k_max                      ? 
_reflns.limit_k_min                      ? 
_reflns.limit_l_max                      ? 
_reflns.limit_l_min                      ? 
_reflns.number_all                       ? 
_reflns.number_obs                       20581 
_reflns.observed_criterion               ? 
_reflns.observed_criterion_F_max         ? 
_reflns.observed_criterion_F_min         ? 
_reflns.observed_criterion_I_max         ? 
_reflns.observed_criterion_I_min         ? 
_reflns.observed_criterion_sigma_F       -3 
_reflns.observed_criterion_sigma_I       ? 
_reflns.percent_possible_obs             96.7 
_reflns.R_free_details                   ? 
_reflns.Rmerge_F_all                     ? 
_reflns.Rmerge_F_obs                     ? 
_reflns.Friedel_coverage                 ? 
_reflns.number_gt                        ? 
_reflns.threshold_expression             ? 
_reflns.pdbx_redundancy                  6.4 
_reflns.pdbx_Rmerge_I_obs                0.027 
_reflns.pdbx_Rmerge_I_all                ? 
_reflns.pdbx_Rsym_value                  ? 
_reflns.pdbx_netI_over_av_sigmaI         ? 
_reflns.pdbx_netI_over_sigmaI            25.3 
_reflns.pdbx_res_netI_over_av_sigmaI_2   ? 
_reflns.pdbx_res_netI_over_sigmaI_2      ? 
_reflns.pdbx_chi_squared                 ? 
_reflns.pdbx_scaling_rejects             ? 
_reflns.pdbx_d_res_high_opt              ? 
_reflns.pdbx_d_res_low_opt               ? 
_reflns.pdbx_d_res_opt_method            ? 
_reflns.phase_calculation_details        ? 
_reflns.pdbx_Rrim_I_all                  ? 
_reflns.pdbx_Rpim_I_all                  ? 
_reflns.pdbx_d_opt                       ? 
_reflns.pdbx_number_measured_all         ? 
_reflns.pdbx_diffrn_id                   1 
_reflns.pdbx_ordinal                     1 
_reflns.pdbx_CC_half                     0.999 
_reflns.pdbx_R_split                     ? 
# 
_reflns_shell.d_res_high                  0.97 
_reflns_shell.d_res_low                   1.00 
_reflns_shell.meanI_over_sigI_all         ? 
_reflns_shell.meanI_over_sigI_obs         1.9 
_reflns_shell.number_measured_all         ? 
_reflns_shell.number_measured_obs         ? 
_reflns_shell.number_possible             ? 
_reflns_shell.number_unique_all           ? 
_reflns_shell.number_unique_obs           ? 
_reflns_shell.percent_possible_all        97.3 
_reflns_shell.percent_possible_obs        ? 
_reflns_shell.Rmerge_F_all                ? 
_reflns_shell.Rmerge_F_obs                ? 
_reflns_shell.Rmerge_I_all                ? 
_reflns_shell.Rmerge_I_obs                0.857 
_reflns_shell.meanI_over_sigI_gt          ? 
_reflns_shell.meanI_over_uI_all           ? 
_reflns_shell.meanI_over_uI_gt            ? 
_reflns_shell.number_measured_gt          ? 
_reflns_shell.number_unique_gt            ? 
_reflns_shell.percent_possible_gt         ? 
_reflns_shell.Rmerge_F_gt                 ? 
_reflns_shell.Rmerge_I_gt                 ? 
_reflns_shell.pdbx_redundancy             6.2 
_reflns_shell.pdbx_Rsym_value             ? 
_reflns_shell.pdbx_chi_squared            ? 
_reflns_shell.pdbx_netI_over_sigmaI_all   ? 
_reflns_shell.pdbx_netI_over_sigmaI_obs   ? 
_reflns_shell.pdbx_Rrim_I_all             ? 
_reflns_shell.pdbx_Rpim_I_all             ? 
_reflns_shell.pdbx_rejects                ? 
_reflns_shell.pdbx_ordinal                1 
_reflns_shell.pdbx_diffrn_id              1 
_reflns_shell.pdbx_CC_half                ? 
_reflns_shell.pdbx_R_split                ? 
# 
_refine.aniso_B[1][1]                            ? 
_refine.aniso_B[1][2]                            ? 
_refine.aniso_B[1][3]                            ? 
_refine.aniso_B[2][2]                            ? 
_refine.aniso_B[2][3]                            ? 
_refine.aniso_B[3][3]                            ? 
_refine.B_iso_max                                ? 
_refine.B_iso_mean                               ? 
_refine.B_iso_min                                ? 
_refine.correlation_coeff_Fo_to_Fc               ? 
_refine.correlation_coeff_Fo_to_Fc_free          ? 
_refine.details                                  ? 
_refine.diff_density_max                         ? 
_refine.diff_density_max_esd                     ? 
_refine.diff_density_min                         ? 
_refine.diff_density_min_esd                     ? 
_refine.diff_density_rms                         ? 
_refine.diff_density_rms_esd                     ? 
_refine.entry_id                                 5JEU 
_refine.pdbx_refine_id                           'X-RAY DIFFRACTION' 
_refine.ls_abs_structure_details                 ? 
_refine.ls_abs_structure_Flack                   ? 
_refine.ls_abs_structure_Flack_esd               ? 
_refine.ls_abs_structure_Rogers                  ? 
_refine.ls_abs_structure_Rogers_esd              ? 
_refine.ls_d_res_high                            0.970 
_refine.ls_d_res_low                             25.177 
_refine.ls_extinction_coef                       ? 
_refine.ls_extinction_coef_esd                   ? 
_refine.ls_extinction_expression                 ? 
_refine.ls_extinction_method                     ? 
_refine.ls_goodness_of_fit_all                   ? 
_refine.ls_goodness_of_fit_all_esd               ? 
_refine.ls_goodness_of_fit_obs                   ? 
_refine.ls_goodness_of_fit_obs_esd               ? 
_refine.ls_hydrogen_treatment                    ? 
_refine.ls_matrix_type                           ? 
_refine.ls_number_constraints                    ? 
_refine.ls_number_parameters                     ? 
_refine.ls_number_reflns_all                     ? 
_refine.ls_number_reflns_obs                     38325 
_refine.ls_number_reflns_R_free                  1905 
_refine.ls_number_reflns_R_work                  ? 
_refine.ls_number_restraints                     ? 
_refine.ls_percent_reflns_obs                    95.93 
_refine.ls_percent_reflns_R_free                 4.97 
_refine.ls_R_factor_all                          ? 
_refine.ls_R_factor_obs                          0.1133 
_refine.ls_R_factor_R_free                       0.1267 
_refine.ls_R_factor_R_free_error                 ? 
_refine.ls_R_factor_R_free_error_details         ? 
_refine.ls_R_factor_R_work                       0.1125 
_refine.ls_R_Fsqd_factor_obs                     ? 
_refine.ls_R_I_factor_obs                        ? 
_refine.ls_redundancy_reflns_all                 ? 
_refine.ls_redundancy_reflns_obs                 ? 
_refine.ls_restrained_S_all                      ? 
_refine.ls_restrained_S_obs                      ? 
_refine.ls_shift_over_esd_max                    ? 
_refine.ls_shift_over_esd_mean                   ? 
_refine.ls_structure_factor_coef                 ? 
_refine.ls_weighting_details                     ? 
_refine.ls_weighting_scheme                      ? 
_refine.ls_wR_factor_all                         ? 
_refine.ls_wR_factor_obs                         ? 
_refine.ls_wR_factor_R_free                      ? 
_refine.ls_wR_factor_R_work                      ? 
_refine.occupancy_max                            ? 
_refine.occupancy_min                            ? 
_refine.solvent_model_details                    'FLAT BULK SOLVENT MODEL' 
_refine.solvent_model_param_bsol                 ? 
_refine.solvent_model_param_ksol                 ? 
_refine.ls_R_factor_gt                           ? 
_refine.ls_goodness_of_fit_gt                    ? 
_refine.ls_goodness_of_fit_ref                   ? 
_refine.ls_shift_over_su_max                     ? 
_refine.ls_shift_over_su_max_lt                  ? 
_refine.ls_shift_over_su_mean                    ? 
_refine.ls_shift_over_su_mean_lt                 ? 
_refine.pdbx_ls_sigma_I                          ? 
_refine.pdbx_ls_sigma_F                          1.37 
_refine.pdbx_ls_sigma_Fsqd                       ? 
_refine.pdbx_data_cutoff_high_absF               ? 
_refine.pdbx_data_cutoff_high_rms_absF           ? 
_refine.pdbx_data_cutoff_low_absF                ? 
_refine.pdbx_isotropic_thermal_model             ? 
_refine.pdbx_ls_cross_valid_method               THROUGHOUT 
_refine.pdbx_method_to_determine_struct          SAD 
_refine.pdbx_starting_model                      ? 
_refine.pdbx_stereochemistry_target_values       ML 
_refine.pdbx_R_Free_selection_details            ? 
_refine.pdbx_stereochem_target_val_spec_case     ? 
_refine.pdbx_overall_ESU_R                       ? 
_refine.pdbx_overall_ESU_R_Free                  ? 
_refine.pdbx_solvent_vdw_probe_radii             1.11 
_refine.pdbx_solvent_ion_probe_radii             ? 
_refine.pdbx_solvent_shrinkage_radii             0.90 
_refine.pdbx_real_space_R                        ? 
_refine.pdbx_density_correlation                 ? 
_refine.pdbx_pd_number_of_powder_patterns        ? 
_refine.pdbx_pd_number_of_points                 ? 
_refine.pdbx_pd_meas_number_of_points            ? 
_refine.pdbx_pd_proc_ls_prof_R_factor            ? 
_refine.pdbx_pd_proc_ls_prof_wR_factor           ? 
_refine.pdbx_pd_Marquardt_correlation_coeff      ? 
_refine.pdbx_pd_Fsqrd_R_factor                   ? 
_refine.pdbx_pd_ls_matrix_band_width             ? 
_refine.pdbx_overall_phase_error                 13.45 
_refine.pdbx_overall_SU_R_free_Cruickshank_DPI   ? 
_refine.pdbx_overall_SU_R_free_Blow_DPI          ? 
_refine.pdbx_overall_SU_R_Blow_DPI               ? 
_refine.pdbx_TLS_residual_ADP_flag               ? 
_refine.pdbx_diffrn_id                           1 
_refine.overall_SU_B                             ? 
_refine.overall_SU_ML                            0.08 
_refine.overall_SU_R_Cruickshank_DPI             ? 
_refine.overall_SU_R_free                        ? 
_refine.overall_FOM_free_R_set                   ? 
_refine.overall_FOM_work_R_set                   ? 
_refine.pdbx_average_fsc_overall                 ? 
_refine.pdbx_average_fsc_work                    ? 
_refine.pdbx_average_fsc_free                    ? 
# 
_refine_hist.pdbx_refine_id                   'X-RAY DIFFRACTION' 
_refine_hist.cycle_id                         LAST 
_refine_hist.pdbx_number_atoms_protein        0 
_refine_hist.pdbx_number_atoms_nucleic_acid   202 
_refine_hist.pdbx_number_atoms_ligand         104 
_refine_hist.number_atoms_solvent             82 
_refine_hist.number_atoms_total               388 
_refine_hist.d_res_high                       0.970 
_refine_hist.d_res_low                        25.177 
# 
loop_
_refine_ls_restr.pdbx_refine_id 
_refine_ls_restr.criterion 
_refine_ls_restr.dev_ideal 
_refine_ls_restr.dev_ideal_target 
_refine_ls_restr.number 
_refine_ls_restr.rejects 
_refine_ls_restr.type 
_refine_ls_restr.weight 
_refine_ls_restr.pdbx_restraint_function 
'X-RAY DIFFRACTION' ? 0.013  ? 373 ? f_bond_d           ? ? 
'X-RAY DIFFRACTION' ? 2.525  ? 595 ? f_angle_d          ? ? 
'X-RAY DIFFRACTION' ? 28.643 ? 115 ? f_dihedral_angle_d ? ? 
'X-RAY DIFFRACTION' ? 0.067  ? 42  ? f_chiral_restr     ? ? 
'X-RAY DIFFRACTION' ? 0.028  ? 17  ? f_plane_restr      ? ? 
# 
loop_
_refine_ls_shell.pdbx_refine_id 
_refine_ls_shell.d_res_high 
_refine_ls_shell.d_res_low 
_refine_ls_shell.number_reflns_all 
_refine_ls_shell.number_reflns_obs 
_refine_ls_shell.number_reflns_R_free 
_refine_ls_shell.number_reflns_R_work 
_refine_ls_shell.percent_reflns_obs 
_refine_ls_shell.percent_reflns_R_free 
_refine_ls_shell.R_factor_all 
_refine_ls_shell.R_factor_obs 
_refine_ls_shell.R_factor_R_free 
_refine_ls_shell.R_factor_R_free_error 
_refine_ls_shell.R_factor_R_work 
_refine_ls_shell.redundancy_reflns_all 
_refine_ls_shell.redundancy_reflns_obs 
_refine_ls_shell.wR_factor_all 
_refine_ls_shell.wR_factor_obs 
_refine_ls_shell.wR_factor_R_free 
_refine_ls_shell.wR_factor_R_work 
_refine_ls_shell.pdbx_total_number_of_bins_used 
_refine_ls_shell.pdbx_phase_error 
_refine_ls_shell.pdbx_fsc_work 
_refine_ls_shell.pdbx_fsc_free 
'X-RAY DIFFRACTION' 0.9701 0.9943  . . 145 2660 97.00 . . . 0.2769 . 0.2652 . . . . . . . . . . 
'X-RAY DIFFRACTION' 0.9943 1.0212  . . 147 2628 98.00 . . . 0.2732 . 0.2405 . . . . . . . . . . 
'X-RAY DIFFRACTION' 1.0212 1.0513  . . 133 2680 98.00 . . . 0.2342 . 0.2054 . . . . . . . . . . 
'X-RAY DIFFRACTION' 1.0513 1.0852  . . 124 2649 98.00 . . . 0.1824 . 0.1815 . . . . . . . . . . 
'X-RAY DIFFRACTION' 1.0852 1.1240  . . 158 2592 98.00 . . . 0.1741 . 0.1524 . . . . . . . . . . 
'X-RAY DIFFRACTION' 1.1240 1.1690  . . 125 2655 97.00 . . . 0.1245 . 0.1269 . . . . . . . . . . 
'X-RAY DIFFRACTION' 1.1690 1.2222  . . 151 2587 97.00 . . . 0.1219 . 0.1134 . . . . . . . . . . 
'X-RAY DIFFRACTION' 1.2222 1.2866  . . 126 2635 96.00 . . . 0.1069 . 0.0968 . . . . . . . . . . 
'X-RAY DIFFRACTION' 1.2866 1.3672  . . 131 2538 95.00 . . . 0.0972 . 0.0872 . . . . . . . . . . 
'X-RAY DIFFRACTION' 1.3672 1.4728  . . 140 2581 94.00 . . . 0.0851 . 0.0877 . . . . . . . . . . 
'X-RAY DIFFRACTION' 1.4728 1.6210  . . 124 2566 94.00 . . . 0.0875 . 0.0816 . . . . . . . . . . 
'X-RAY DIFFRACTION' 1.6210 1.8555  . . 142 2528 94.00 . . . 0.1145 . 0.0916 . . . . . . . . . . 
'X-RAY DIFFRACTION' 1.8555 2.3374  . . 129 2571 94.00 . . . 0.1128 . 0.1071 . . . . . . . . . . 
'X-RAY DIFFRACTION' 2.3374 25.1854 . . 130 2550 94.00 . . . 0.1371 . 0.1146 . . . . . . . . . . 
# 
_struct.entry_id                     5JEU 
_struct.title                        'del-[Ru(phen)2(dppz)]2+ bound to d(TCGGCGCCGA) with Ba2+' 
_struct.pdbx_model_details           ? 
_struct.pdbx_formula_weight          ? 
_struct.pdbx_formula_weight_method   ? 
_struct.pdbx_model_type_details      ? 
_struct.pdbx_CASP_flag               N 
# 
_struct_keywords.entry_id        5JEU 
_struct_keywords.text            'DNA, ruthenium, light-switch, semi-intercalation' 
_struct_keywords.pdbx_keywords   DNA 
# 
loop_
_struct_asym.id 
_struct_asym.pdbx_blank_PDB_chainid_flag 
_struct_asym.pdbx_modified 
_struct_asym.entity_id 
_struct_asym.details 
A N N 1 ? 
B N N 2 ? 
C N N 3 ? 
D N N 3 ? 
E N N 4 ? 
F N N 5 ? 
# 
_struct_ref.id                         1 
_struct_ref.db_name                    PDB 
_struct_ref.db_code                    5JEU 
_struct_ref.pdbx_db_accession          5JEU 
_struct_ref.pdbx_db_isoform            ? 
_struct_ref.entity_id                  1 
_struct_ref.pdbx_seq_one_letter_code   ? 
_struct_ref.pdbx_align_begin           1 
# 
_struct_ref_seq.align_id                      1 
_struct_ref_seq.ref_id                        1 
_struct_ref_seq.pdbx_PDB_id_code              5JEU 
_struct_ref_seq.pdbx_strand_id                A 
_struct_ref_seq.seq_align_beg                 1 
_struct_ref_seq.pdbx_seq_align_beg_ins_code   ? 
_struct_ref_seq.seq_align_end                 10 
_struct_ref_seq.pdbx_seq_align_end_ins_code   ? 
_struct_ref_seq.pdbx_db_accession             5JEU 
_struct_ref_seq.db_align_beg                  1 
_struct_ref_seq.pdbx_db_align_beg_ins_code    ? 
_struct_ref_seq.db_align_end                  10 
_struct_ref_seq.pdbx_db_align_end_ins_code    ? 
_struct_ref_seq.pdbx_auth_seq_align_beg       1 
_struct_ref_seq.pdbx_auth_seq_align_end       10 
# 
_pdbx_struct_assembly.id                   1 
_pdbx_struct_assembly.details              author_defined_assembly 
_pdbx_struct_assembly.method_details       ? 
_pdbx_struct_assembly.oligomeric_details   dimeric 
_pdbx_struct_assembly.oligomeric_count     2 
# 
loop_
_pdbx_struct_assembly_gen.assembly_id 
_pdbx_struct_assembly_gen.oper_expression 
_pdbx_struct_assembly_gen.asym_id_list 
1 1 A,B,C,D,E,F 
1 2 A,B,C,D,E,F 
# 
loop_
_pdbx_struct_oper_list.id 
_pdbx_struct_oper_list.type 
_pdbx_struct_oper_list.name 
_pdbx_struct_oper_list.symmetry_operation 
_pdbx_struct_oper_list.matrix[1][1] 
_pdbx_struct_oper_list.matrix[1][2] 
_pdbx_struct_oper_list.matrix[1][3] 
_pdbx_struct_oper_list.vector[1] 
_pdbx_struct_oper_list.matrix[2][1] 
_pdbx_struct_oper_list.matrix[2][2] 
_pdbx_struct_oper_list.matrix[2][3] 
_pdbx_struct_oper_list.vector[2] 
_pdbx_struct_oper_list.matrix[3][1] 
_pdbx_struct_oper_list.matrix[3][2] 
_pdbx_struct_oper_list.matrix[3][3] 
_pdbx_struct_oper_list.vector[3] 
1 'identity operation'         1_555 x,y,z  1.0000000000  0.0000000000  0.0000000000 0.0000000000  0.0000000000  1.0000000000 0.0000000000  0.0000000000 0.0000000000 0.0000000000  1.0000000000  0.0000000000 
2 'crystal symmetry operation' 7_555 y,x,-z -0.9939235026 -0.0896640632 0.0638469015 -6.8780738640 -0.0896640632 0.3230721002 -0.9421171763 0.8722408402 0.0638469015 -0.9421171763 -0.3291485976 1.8795470612 
# 
loop_
_struct_conn.id 
_struct_conn.conn_type_id 
_struct_conn.pdbx_leaving_atom_flag 
_struct_conn.pdbx_PDB_id 
_struct_conn.ptnr1_label_asym_id 
_struct_conn.ptnr1_label_comp_id 
_struct_conn.ptnr1_label_seq_id 
_struct_conn.ptnr1_label_atom_id 
_struct_conn.pdbx_ptnr1_label_alt_id 
_struct_conn.pdbx_ptnr1_PDB_ins_code 
_struct_conn.pdbx_ptnr1_standard_comp_id 
_struct_conn.ptnr1_symmetry 
_struct_conn.ptnr2_label_asym_id 
_struct_conn.ptnr2_label_comp_id 
_struct_conn.ptnr2_label_seq_id 
_struct_conn.ptnr2_label_atom_id 
_struct_conn.pdbx_ptnr2_label_alt_id 
_struct_conn.pdbx_ptnr2_PDB_ins_code 
_struct_conn.ptnr1_auth_asym_id 
_struct_conn.ptnr1_auth_comp_id 
_struct_conn.ptnr1_auth_seq_id 
_struct_conn.ptnr2_auth_asym_id 
_struct_conn.ptnr2_auth_comp_id 
_struct_conn.ptnr2_auth_seq_id 
_struct_conn.ptnr2_symmetry 
_struct_conn.pdbx_ptnr3_label_atom_id 
_struct_conn.pdbx_ptnr3_label_seq_id 
_struct_conn.pdbx_ptnr3_label_comp_id 
_struct_conn.pdbx_ptnr3_label_asym_id 
_struct_conn.pdbx_ptnr3_label_alt_id 
_struct_conn.pdbx_ptnr3_PDB_ins_code 
_struct_conn.details 
_struct_conn.pdbx_dist_value 
_struct_conn.pdbx_value_order 
_struct_conn.pdbx_role 
metalc1  metalc ? ? A DG 4  O6 ? ? ? 1_555 B BA  .  BA ? ? A DG 4   A BA  101 1_555 ? ? ? ? ? ? ?            2.918 ? ? 
metalc2  metalc ? ? B BA .  BA ? ? ? 1_555 F HOH .  O  ? ? A BA 101 A HOH 210 1_555 ? ? ? ? ? ? ?            2.768 ? ? 
metalc3  metalc ? ? B BA .  BA ? ? ? 1_555 F HOH .  O  ? ? A BA 101 A HOH 222 1_555 ? ? ? ? ? ? ?            2.788 ? ? 
metalc4  metalc ? ? B BA .  BA ? ? ? 1_555 F HOH .  O  ? ? A BA 101 A HOH 223 1_555 ? ? ? ? ? ? ?            2.880 ? ? 
metalc5  metalc ? ? B BA .  BA ? ? ? 1_555 F HOH .  O  ? ? A BA 101 A HOH 233 1_555 ? ? ? ? ? ? ?            2.784 ? ? 
metalc6  metalc ? ? B BA .  BA ? ? ? 1_555 F HOH .  O  ? ? A BA 101 A HOH 248 1_555 ? ? ? ? ? ? ?            2.741 ? ? 
metalc7  metalc ? ? B BA .  BA ? ? ? 1_555 F HOH .  O  ? ? A BA 101 A HOH 252 1_555 ? ? ? ? ? ? ?            2.673 ? ? 
hydrog1  hydrog ? ? A DC 2  N3 ? ? ? 1_555 A DG  9  N1 ? ? A DC 2   A DG  9   7_555 ? ? ? ? ? ? WATSON-CRICK ?     ? ? 
hydrog2  hydrog ? ? A DC 2  N4 ? ? ? 1_555 A DG  9  O6 ? ? A DC 2   A DG  9   7_555 ? ? ? ? ? ? WATSON-CRICK ?     ? ? 
hydrog3  hydrog ? ? A DC 2  O2 ? ? ? 1_555 A DG  9  N2 ? ? A DC 2   A DG  9   7_555 ? ? ? ? ? ? WATSON-CRICK ?     ? ? 
hydrog4  hydrog ? ? A DG 3  N1 ? ? ? 1_555 A DC  8  N3 ? ? A DG 3   A DC  8   7_555 ? ? ? ? ? ? WATSON-CRICK ?     ? ? 
hydrog5  hydrog ? ? A DG 3  N2 ? ? ? 1_555 A DC  8  O2 ? ? A DG 3   A DC  8   7_555 ? ? ? ? ? ? WATSON-CRICK ?     ? ? 
hydrog6  hydrog ? ? A DG 3  O6 ? ? ? 1_555 A DC  8  N4 ? ? A DG 3   A DC  8   7_555 ? ? ? ? ? ? WATSON-CRICK ?     ? ? 
hydrog7  hydrog ? ? A DG 3  N2 ? ? ? 1_555 A DA  10 N1 ? ? A DG 3   A DA  10  7_555 ? ? ? ? ? ? TYPE_10_PAIR ?     ? ? 
hydrog8  hydrog ? ? A DG 3  N3 ? ? ? 1_555 A DA  10 N6 ? ? A DG 3   A DA  10  7_555 ? ? ? ? ? ? TYPE_10_PAIR ?     ? ? 
hydrog9  hydrog ? ? A DG 4  N1 ? ? ? 1_555 A DC  7  N3 ? ? A DG 4   A DC  7   7_555 ? ? ? ? ? ? WATSON-CRICK ?     ? ? 
hydrog10 hydrog ? ? A DG 4  N2 ? ? ? 1_555 A DC  7  O2 ? ? A DG 4   A DC  7   7_555 ? ? ? ? ? ? WATSON-CRICK ?     ? ? 
hydrog11 hydrog ? ? A DG 4  O6 ? ? ? 1_555 A DC  7  N4 ? ? A DG 4   A DC  7   7_555 ? ? ? ? ? ? WATSON-CRICK ?     ? ? 
hydrog12 hydrog ? ? A DC 5  N3 ? ? ? 1_555 A DG  6  N1 ? ? A DC 5   A DG  6   7_555 ? ? ? ? ? ? WATSON-CRICK ?     ? ? 
hydrog13 hydrog ? ? A DC 5  N4 ? ? ? 1_555 A DG  6  O6 ? ? A DC 5   A DG  6   7_555 ? ? ? ? ? ? WATSON-CRICK ?     ? ? 
hydrog14 hydrog ? ? A DC 5  O2 ? ? ? 1_555 A DG  6  N2 ? ? A DC 5   A DG  6   7_555 ? ? ? ? ? ? WATSON-CRICK ?     ? ? 
hydrog15 hydrog ? ? A DG 6  N1 ? ? ? 1_555 A DC  5  N3 ? ? A DG 6   A DC  5   7_555 ? ? ? ? ? ? WATSON-CRICK ?     ? ? 
hydrog16 hydrog ? ? A DG 6  N2 ? ? ? 1_555 A DC  5  O2 ? ? A DG 6   A DC  5   7_555 ? ? ? ? ? ? WATSON-CRICK ?     ? ? 
hydrog17 hydrog ? ? A DG 6  O6 ? ? ? 1_555 A DC  5  N4 ? ? A DG 6   A DC  5   7_555 ? ? ? ? ? ? WATSON-CRICK ?     ? ? 
hydrog18 hydrog ? ? A DC 7  N3 ? ? ? 1_555 A DG  4  N1 ? ? A DC 7   A DG  4   7_555 ? ? ? ? ? ? WATSON-CRICK ?     ? ? 
hydrog19 hydrog ? ? A DC 7  N4 ? ? ? 1_555 A DG  4  O6 ? ? A DC 7   A DG  4   7_555 ? ? ? ? ? ? WATSON-CRICK ?     ? ? 
hydrog20 hydrog ? ? A DC 7  O2 ? ? ? 1_555 A DG  4  N2 ? ? A DC 7   A DG  4   7_555 ? ? ? ? ? ? WATSON-CRICK ?     ? ? 
hydrog21 hydrog ? ? A DC 8  N3 ? ? ? 1_555 A DG  3  N1 ? ? A DC 8   A DG  3   7_555 ? ? ? ? ? ? WATSON-CRICK ?     ? ? 
hydrog22 hydrog ? ? A DC 8  N4 ? ? ? 1_555 A DG  3  O6 ? ? A DC 8   A DG  3   7_555 ? ? ? ? ? ? WATSON-CRICK ?     ? ? 
hydrog23 hydrog ? ? A DC 8  O2 ? ? ? 1_555 A DG  3  N2 ? ? A DC 8   A DG  3   7_555 ? ? ? ? ? ? WATSON-CRICK ?     ? ? 
hydrog24 hydrog ? ? A DG 9  N1 ? ? ? 1_555 A DC  2  N3 ? ? A DG 9   A DC  2   7_555 ? ? ? ? ? ? WATSON-CRICK ?     ? ? 
hydrog25 hydrog ? ? A DG 9  N2 ? ? ? 1_555 A DC  2  O2 ? ? A DG 9   A DC  2   7_555 ? ? ? ? ? ? WATSON-CRICK ?     ? ? 
hydrog26 hydrog ? ? A DG 9  O6 ? ? ? 1_555 A DC  2  N4 ? ? A DG 9   A DC  2   7_555 ? ? ? ? ? ? WATSON-CRICK ?     ? ? 
hydrog27 hydrog ? ? A DA 10 N1 ? ? ? 1_555 A DG  3  N2 ? ? A DA 10  A DG  3   7_555 ? ? ? ? ? ? TYPE_10_PAIR ?     ? ? 
hydrog28 hydrog ? ? A DA 10 N6 ? ? ? 1_555 A DG  3  N3 ? ? A DA 10  A DG  3   7_555 ? ? ? ? ? ? TYPE_10_PAIR ?     ? ? 
# 
loop_
_struct_conn_type.id 
_struct_conn_type.criteria 
_struct_conn_type.reference 
metalc ? ? 
hydrog ? ? 
# 
loop_
_pdbx_struct_conn_angle.id 
_pdbx_struct_conn_angle.ptnr1_label_atom_id 
_pdbx_struct_conn_angle.ptnr1_label_alt_id 
_pdbx_struct_conn_angle.ptnr1_label_asym_id 
_pdbx_struct_conn_angle.ptnr1_label_comp_id 
_pdbx_struct_conn_angle.ptnr1_label_seq_id 
_pdbx_struct_conn_angle.ptnr1_auth_atom_id 
_pdbx_struct_conn_angle.ptnr1_auth_asym_id 
_pdbx_struct_conn_angle.ptnr1_auth_comp_id 
_pdbx_struct_conn_angle.ptnr1_auth_seq_id 
_pdbx_struct_conn_angle.ptnr1_PDB_ins_code 
_pdbx_struct_conn_angle.ptnr1_symmetry 
_pdbx_struct_conn_angle.ptnr2_label_atom_id 
_pdbx_struct_conn_angle.ptnr2_label_alt_id 
_pdbx_struct_conn_angle.ptnr2_label_asym_id 
_pdbx_struct_conn_angle.ptnr2_label_comp_id 
_pdbx_struct_conn_angle.ptnr2_label_seq_id 
_pdbx_struct_conn_angle.ptnr2_auth_atom_id 
_pdbx_struct_conn_angle.ptnr2_auth_asym_id 
_pdbx_struct_conn_angle.ptnr2_auth_comp_id 
_pdbx_struct_conn_angle.ptnr2_auth_seq_id 
_pdbx_struct_conn_angle.ptnr2_PDB_ins_code 
_pdbx_struct_conn_angle.ptnr2_symmetry 
_pdbx_struct_conn_angle.ptnr3_label_atom_id 
_pdbx_struct_conn_angle.ptnr3_label_alt_id 
_pdbx_struct_conn_angle.ptnr3_label_asym_id 
_pdbx_struct_conn_angle.ptnr3_label_comp_id 
_pdbx_struct_conn_angle.ptnr3_label_seq_id 
_pdbx_struct_conn_angle.ptnr3_auth_atom_id 
_pdbx_struct_conn_angle.ptnr3_auth_asym_id 
_pdbx_struct_conn_angle.ptnr3_auth_comp_id 
_pdbx_struct_conn_angle.ptnr3_auth_seq_id 
_pdbx_struct_conn_angle.ptnr3_PDB_ins_code 
_pdbx_struct_conn_angle.ptnr3_symmetry 
_pdbx_struct_conn_angle.value 
_pdbx_struct_conn_angle.value_esd 
1  O6 ? A DG  4 ? A DG  4   ? 1_555 BA ? B BA . ? A BA 101 ? 1_555 O ? F HOH . ? A HOH 210 ? 1_555 72.4  ? 
2  O6 ? A DG  4 ? A DG  4   ? 1_555 BA ? B BA . ? A BA 101 ? 1_555 O ? F HOH . ? A HOH 222 ? 1_555 147.6 ? 
3  O  ? F HOH . ? A HOH 210 ? 1_555 BA ? B BA . ? A BA 101 ? 1_555 O ? F HOH . ? A HOH 222 ? 1_555 80.4  ? 
4  O6 ? A DG  4 ? A DG  4   ? 1_555 BA ? B BA . ? A BA 101 ? 1_555 O ? F HOH . ? A HOH 223 ? 1_555 125.9 ? 
5  O  ? F HOH . ? A HOH 210 ? 1_555 BA ? B BA . ? A BA 101 ? 1_555 O ? F HOH . ? A HOH 223 ? 1_555 139.4 ? 
6  O  ? F HOH . ? A HOH 222 ? 1_555 BA ? B BA . ? A BA 101 ? 1_555 O ? F HOH . ? A HOH 223 ? 1_555 67.4  ? 
7  O6 ? A DG  4 ? A DG  4   ? 1_555 BA ? B BA . ? A BA 101 ? 1_555 O ? F HOH . ? A HOH 233 ? 1_555 64.5  ? 
8  O  ? F HOH . ? A HOH 210 ? 1_555 BA ? B BA . ? A BA 101 ? 1_555 O ? F HOH . ? A HOH 233 ? 1_555 82.1  ? 
9  O  ? F HOH . ? A HOH 222 ? 1_555 BA ? B BA . ? A BA 101 ? 1_555 O ? F HOH . ? A HOH 233 ? 1_555 129.1 ? 
10 O  ? F HOH . ? A HOH 223 ? 1_555 BA ? B BA . ? A BA 101 ? 1_555 O ? F HOH . ? A HOH 233 ? 1_555 137.5 ? 
11 O6 ? A DG  4 ? A DG  4   ? 1_555 BA ? B BA . ? A BA 101 ? 1_555 O ? F HOH . ? A HOH 248 ? 1_555 113.7 ? 
12 O  ? F HOH . ? A HOH 210 ? 1_555 BA ? B BA . ? A BA 101 ? 1_555 O ? F HOH . ? A HOH 248 ? 1_555 144.6 ? 
13 O  ? F HOH . ? A HOH 222 ? 1_555 BA ? B BA . ? A BA 101 ? 1_555 O ? F HOH . ? A HOH 248 ? 1_555 98.6  ? 
14 O  ? F HOH . ? A HOH 223 ? 1_555 BA ? B BA . ? A BA 101 ? 1_555 O ? F HOH . ? A HOH 248 ? 1_555 67.5  ? 
15 O  ? F HOH . ? A HOH 233 ? 1_555 BA ? B BA . ? A BA 101 ? 1_555 O ? F HOH . ? A HOH 248 ? 1_555 71.1  ? 
16 O6 ? A DG  4 ? A DG  4   ? 1_555 BA ? B BA . ? A BA 101 ? 1_555 O ? F HOH . ? A HOH 252 ? 1_555 131.0 ? 
17 O  ? F HOH . ? A HOH 210 ? 1_555 BA ? B BA . ? A BA 101 ? 1_555 O ? F HOH . ? A HOH 252 ? 1_555 95.5  ? 
18 O  ? F HOH . ? A HOH 222 ? 1_555 BA ? B BA . ? A BA 101 ? 1_555 O ? F HOH . ? A HOH 252 ? 1_555 67.8  ? 
19 O  ? F HOH . ? A HOH 223 ? 1_555 BA ? B BA . ? A BA 101 ? 1_555 O ? F HOH . ? A HOH 252 ? 1_555 94.5  ? 
20 O  ? F HOH . ? A HOH 233 ? 1_555 BA ? B BA . ? A BA 101 ? 1_555 O ? F HOH . ? A HOH 252 ? 1_555 66.9  ? 
21 O  ? F HOH . ? A HOH 248 ? 1_555 BA ? B BA . ? A BA 101 ? 1_555 O ? F HOH . ? A HOH 252 ? 1_555 53.1  ? 
# 
loop_
_struct_site.id 
_struct_site.pdbx_evidence_code 
_struct_site.pdbx_auth_asym_id 
_struct_site.pdbx_auth_comp_id 
_struct_site.pdbx_auth_seq_id 
_struct_site.pdbx_auth_ins_code 
_struct_site.pdbx_num_residues 
_struct_site.details 
AC1 Software A BA  101 ? 8 'binding site for residue BA A 101'  
AC2 Software A 0TN 102 ? 7 'binding site for residue 0TN A 102' 
AC3 Software A 0TN 103 ? 9 'binding site for residue 0TN A 103' 
AC4 Software A CL  104 ? 3 'binding site for residue CL A 104'  
# 
loop_
_struct_site_gen.id 
_struct_site_gen.site_id 
_struct_site_gen.pdbx_num_res 
_struct_site_gen.label_comp_id 
_struct_site_gen.label_asym_id 
_struct_site_gen.label_seq_id 
_struct_site_gen.pdbx_auth_ins_code 
_struct_site_gen.auth_comp_id 
_struct_site_gen.auth_asym_id 
_struct_site_gen.auth_seq_id 
_struct_site_gen.label_atom_id 
_struct_site_gen.label_alt_id 
_struct_site_gen.symmetry 
_struct_site_gen.details 
1  AC1 8 DG  A 3  ? DG  A 3   . ? 1_555 ? 
2  AC1 8 DG  A 4  ? DG  A 4   . ? 1_555 ? 
3  AC1 8 HOH F .  ? HOH A 210 . ? 1_555 ? 
4  AC1 8 HOH F .  ? HOH A 222 . ? 1_555 ? 
5  AC1 8 HOH F .  ? HOH A 223 . ? 1_555 ? 
6  AC1 8 HOH F .  ? HOH A 233 . ? 1_555 ? 
7  AC1 8 HOH F .  ? HOH A 248 . ? 1_555 ? 
8  AC1 8 HOH F .  ? HOH A 252 . ? 1_555 ? 
9  AC2 7 DT  A 1  ? DT  A 1   . ? 3_655 ? 
10 AC2 7 DT  A 1  ? DT  A 1   . ? 2_675 ? 
11 AC2 7 DC  A 2  ? DC  A 2   . ? 1_555 ? 
12 AC2 7 DG  A 3  ? DG  A 3   . ? 4_464 ? 
13 AC2 7 DG  A 3  ? DG  A 3   . ? 1_555 ? 
14 AC2 7 DG  A 9  ? DG  A 9   . ? 7_555 ? 
15 AC2 7 DA  A 10 ? DA  A 10  . ? 7_555 ? 
16 AC3 9 DG  A 3  ? DG  A 3   . ? 1_555 ? 
17 AC3 9 DG  A 4  ? DG  A 4   . ? 1_555 ? 
18 AC3 9 DC  A 7  ? DC  A 7   . ? 2_665 ? 
19 AC3 9 DC  A 7  ? DC  A 7   . ? 7_555 ? 
20 AC3 9 DC  A 8  ? DC  A 8   . ? 2_665 ? 
21 AC3 9 DC  A 8  ? DC  A 8   . ? 7_555 ? 
22 AC3 9 DG  A 9  ? DG  A 9   . ? 7_555 ? 
23 AC3 9 DA  A 10 ? DA  A 10  . ? 7_555 ? 
24 AC3 9 HOH F .  ? HOH A 235 . ? 1_555 ? 
25 AC4 3 DG  A 3  ? DG  A 3   . ? 1_555 ? 
26 AC4 3 DA  A 10 ? DA  A 10  . ? 7_555 ? 
27 AC4 3 HOH F .  ? HOH A 255 . ? 1_555 ? 
# 
loop_
_pdbx_validate_close_contact.id 
_pdbx_validate_close_contact.PDB_model_num 
_pdbx_validate_close_contact.auth_atom_id_1 
_pdbx_validate_close_contact.auth_asym_id_1 
_pdbx_validate_close_contact.auth_comp_id_1 
_pdbx_validate_close_contact.auth_seq_id_1 
_pdbx_validate_close_contact.PDB_ins_code_1 
_pdbx_validate_close_contact.label_alt_id_1 
_pdbx_validate_close_contact.auth_atom_id_2 
_pdbx_validate_close_contact.auth_asym_id_2 
_pdbx_validate_close_contact.auth_comp_id_2 
_pdbx_validate_close_contact.auth_seq_id_2 
_pdbx_validate_close_contact.PDB_ins_code_2 
_pdbx_validate_close_contact.label_alt_id_2 
_pdbx_validate_close_contact.dist 
1 1 O  A HOH 244 ? ? O A HOH 268 ? ? 2.17 
2 1 O2 A DT  1   ? B O A HOH 201 ? ? 2.17 
# 
_pdbx_validate_rmsd_angle.id                         1 
_pdbx_validate_rmsd_angle.PDB_model_num              1 
_pdbx_validate_rmsd_angle.auth_atom_id_1             "O4'" 
_pdbx_validate_rmsd_angle.auth_asym_id_1             A 
_pdbx_validate_rmsd_angle.auth_comp_id_1             DT 
_pdbx_validate_rmsd_angle.auth_seq_id_1              1 
_pdbx_validate_rmsd_angle.PDB_ins_code_1             ? 
_pdbx_validate_rmsd_angle.label_alt_id_1             B 
_pdbx_validate_rmsd_angle.auth_atom_id_2             "C1'" 
_pdbx_validate_rmsd_angle.auth_asym_id_2             A 
_pdbx_validate_rmsd_angle.auth_comp_id_2             DT 
_pdbx_validate_rmsd_angle.auth_seq_id_2              1 
_pdbx_validate_rmsd_angle.PDB_ins_code_2             ? 
_pdbx_validate_rmsd_angle.label_alt_id_2             B 
_pdbx_validate_rmsd_angle.auth_atom_id_3             N1 
_pdbx_validate_rmsd_angle.auth_asym_id_3             A 
_pdbx_validate_rmsd_angle.auth_comp_id_3             DT 
_pdbx_validate_rmsd_angle.auth_seq_id_3              1 
_pdbx_validate_rmsd_angle.PDB_ins_code_3             ? 
_pdbx_validate_rmsd_angle.label_alt_id_3             B 
_pdbx_validate_rmsd_angle.angle_value                111.02 
_pdbx_validate_rmsd_angle.angle_target_value         108.30 
_pdbx_validate_rmsd_angle.angle_deviation            2.72 
_pdbx_validate_rmsd_angle.angle_standard_deviation   0.30 
_pdbx_validate_rmsd_angle.linker_flag                N 
# 
_pdbx_struct_special_symmetry.id              1 
_pdbx_struct_special_symmetry.PDB_model_num   1 
_pdbx_struct_special_symmetry.auth_asym_id    A 
_pdbx_struct_special_symmetry.auth_comp_id    HOH 
_pdbx_struct_special_symmetry.auth_seq_id     232 
_pdbx_struct_special_symmetry.PDB_ins_code    ? 
_pdbx_struct_special_symmetry.label_asym_id   F 
_pdbx_struct_special_symmetry.label_comp_id   HOH 
_pdbx_struct_special_symmetry.label_seq_id    . 
# 
loop_
_pdbx_distant_solvent_atoms.id 
_pdbx_distant_solvent_atoms.PDB_model_num 
_pdbx_distant_solvent_atoms.auth_atom_id 
_pdbx_distant_solvent_atoms.label_alt_id 
_pdbx_distant_solvent_atoms.auth_asym_id 
_pdbx_distant_solvent_atoms.auth_comp_id 
_pdbx_distant_solvent_atoms.auth_seq_id 
_pdbx_distant_solvent_atoms.PDB_ins_code 
_pdbx_distant_solvent_atoms.neighbor_macromolecule_distance 
_pdbx_distant_solvent_atoms.neighbor_ligand_distance 
1  1 O ? A HOH 273 ? .     5.81 
2  1 O ? A HOH 274 ? .     5.83 
3  1 O ? A HOH 275 ? .     5.96 
4  1 O ? A HOH 276 ? .     6.02 
5  1 O ? A HOH 277 ? .     6.61 
6  1 O ? A HOH 278 ? .     6.89 
7  1 O ? A HOH 279 ? .     7.52 
8  1 O ? A HOH 280 ? .     7.54 
9  1 O ? A HOH 281 ? 9.37  .    
10 1 O ? A HOH 282 ? 11.79 .    
# 
loop_
_chem_comp_atom.comp_id 
_chem_comp_atom.atom_id 
_chem_comp_atom.type_symbol 
_chem_comp_atom.pdbx_aromatic_flag 
_chem_comp_atom.pdbx_stereo_config 
_chem_comp_atom.pdbx_ordinal 
0TN RU     RU N N 1   
0TN C1     C  Y N 2   
0TN N1     N  Y N 3   
0TN C2     C  Y N 4   
0TN N2     N  Y N 5   
0TN C3     C  Y N 6   
0TN N3     N  Y N 7   
0TN C4     C  Y N 8   
0TN N4     N  Y N 9   
0TN C5     C  Y N 10  
0TN N5     N  Y N 11  
0TN C6     C  Y N 12  
0TN C7     C  Y N 13  
0TN C8     C  Y N 14  
0TN N8     N  Y N 15  
0TN C9     C  Y N 16  
0TN N9     N  Y N 17  
0TN C10    C  Y N 18  
0TN C11    C  Y N 19  
0TN C12    C  Y N 20  
0TN N12    N  Y N 21  
0TN C13    C  Y N 22  
0TN C14    C  Y N 23  
0TN C15    C  Y N 24  
0TN C16    C  Y N 25  
0TN C17    C  Y N 26  
0TN C18    C  Y N 27  
0TN C19    C  Y N 28  
0TN C20    C  Y N 29  
0TN C21    C  Y N 30  
0TN C22    C  Y N 31  
0TN C23    C  Y N 32  
0TN C24    C  Y N 33  
0TN C25    C  Y N 34  
0TN C26    C  Y N 35  
0TN C27    C  Y N 36  
0TN C28    C  Y N 37  
0TN C29    C  Y N 38  
0TN C30    C  Y N 39  
0TN C31    C  Y N 40  
0TN C32    C  Y N 41  
0TN C33    C  Y N 42  
0TN C34    C  Y N 43  
0TN C35    C  Y N 44  
0TN C36    C  Y N 45  
0TN C37    C  Y N 46  
0TN C38    C  Y N 47  
0TN C41    C  Y N 48  
0TN C42    C  Y N 49  
0TN C43    C  Y N 50  
0TN C44    C  Y N 51  
0TN H1     H  N N 52  
0TN H2     H  N N 53  
0TN H3     H  N N 54  
0TN H4     H  N N 55  
0TN H5     H  N N 56  
0TN H6     H  N N 57  
0TN H7     H  N N 58  
0TN H8     H  N N 59  
0TN H9     H  N N 60  
0TN H10    H  N N 61  
0TN H11    H  N N 62  
0TN H12    H  N N 63  
0TN H13    H  N N 64  
0TN H14    H  N N 65  
0TN H15    H  N N 66  
0TN H16    H  N N 67  
0TN H17    H  N N 68  
0TN H18    H  N N 69  
0TN H19    H  N N 70  
0TN H20    H  N N 71  
0TN H21    H  N N 72  
0TN H22    H  N N 73  
0TN H23    H  N N 74  
0TN H24    H  N N 75  
0TN H25    H  N N 76  
0TN H26    H  N N 77  
BA  BA     BA N N 78  
CL  CL     CL N N 79  
DA  OP3    O  N N 80  
DA  P      P  N N 81  
DA  OP1    O  N N 82  
DA  OP2    O  N N 83  
DA  "O5'"  O  N N 84  
DA  "C5'"  C  N N 85  
DA  "C4'"  C  N R 86  
DA  "O4'"  O  N N 87  
DA  "C3'"  C  N S 88  
DA  "O3'"  O  N N 89  
DA  "C2'"  C  N N 90  
DA  "C1'"  C  N R 91  
DA  N9     N  Y N 92  
DA  C8     C  Y N 93  
DA  N7     N  Y N 94  
DA  C5     C  Y N 95  
DA  C6     C  Y N 96  
DA  N6     N  N N 97  
DA  N1     N  Y N 98  
DA  C2     C  Y N 99  
DA  N3     N  Y N 100 
DA  C4     C  Y N 101 
DA  HOP3   H  N N 102 
DA  HOP2   H  N N 103 
DA  "H5'"  H  N N 104 
DA  "H5''" H  N N 105 
DA  "H4'"  H  N N 106 
DA  "H3'"  H  N N 107 
DA  "HO3'" H  N N 108 
DA  "H2'"  H  N N 109 
DA  "H2''" H  N N 110 
DA  "H1'"  H  N N 111 
DA  H8     H  N N 112 
DA  H61    H  N N 113 
DA  H62    H  N N 114 
DA  H2     H  N N 115 
DC  OP3    O  N N 116 
DC  P      P  N N 117 
DC  OP1    O  N N 118 
DC  OP2    O  N N 119 
DC  "O5'"  O  N N 120 
DC  "C5'"  C  N N 121 
DC  "C4'"  C  N R 122 
DC  "O4'"  O  N N 123 
DC  "C3'"  C  N S 124 
DC  "O3'"  O  N N 125 
DC  "C2'"  C  N N 126 
DC  "C1'"  C  N R 127 
DC  N1     N  N N 128 
DC  C2     C  N N 129 
DC  O2     O  N N 130 
DC  N3     N  N N 131 
DC  C4     C  N N 132 
DC  N4     N  N N 133 
DC  C5     C  N N 134 
DC  C6     C  N N 135 
DC  HOP3   H  N N 136 
DC  HOP2   H  N N 137 
DC  "H5'"  H  N N 138 
DC  "H5''" H  N N 139 
DC  "H4'"  H  N N 140 
DC  "H3'"  H  N N 141 
DC  "HO3'" H  N N 142 
DC  "H2'"  H  N N 143 
DC  "H2''" H  N N 144 
DC  "H1'"  H  N N 145 
DC  H41    H  N N 146 
DC  H42    H  N N 147 
DC  H5     H  N N 148 
DC  H6     H  N N 149 
DG  OP3    O  N N 150 
DG  P      P  N N 151 
DG  OP1    O  N N 152 
DG  OP2    O  N N 153 
DG  "O5'"  O  N N 154 
DG  "C5'"  C  N N 155 
DG  "C4'"  C  N R 156 
DG  "O4'"  O  N N 157 
DG  "C3'"  C  N S 158 
DG  "O3'"  O  N N 159 
DG  "C2'"  C  N N 160 
DG  "C1'"  C  N R 161 
DG  N9     N  Y N 162 
DG  C8     C  Y N 163 
DG  N7     N  Y N 164 
DG  C5     C  Y N 165 
DG  C6     C  N N 166 
DG  O6     O  N N 167 
DG  N1     N  N N 168 
DG  C2     C  N N 169 
DG  N2     N  N N 170 
DG  N3     N  N N 171 
DG  C4     C  Y N 172 
DG  HOP3   H  N N 173 
DG  HOP2   H  N N 174 
DG  "H5'"  H  N N 175 
DG  "H5''" H  N N 176 
DG  "H4'"  H  N N 177 
DG  "H3'"  H  N N 178 
DG  "HO3'" H  N N 179 
DG  "H2'"  H  N N 180 
DG  "H2''" H  N N 181 
DG  "H1'"  H  N N 182 
DG  H8     H  N N 183 
DG  H1     H  N N 184 
DG  H21    H  N N 185 
DG  H22    H  N N 186 
DT  OP3    O  N N 187 
DT  P      P  N N 188 
DT  OP1    O  N N 189 
DT  OP2    O  N N 190 
DT  "O5'"  O  N N 191 
DT  "C5'"  C  N N 192 
DT  "C4'"  C  N R 193 
DT  "O4'"  O  N N 194 
DT  "C3'"  C  N S 195 
DT  "O3'"  O  N N 196 
DT  "C2'"  C  N N 197 
DT  "C1'"  C  N R 198 
DT  N1     N  N N 199 
DT  C2     C  N N 200 
DT  O2     O  N N 201 
DT  N3     N  N N 202 
DT  C4     C  N N 203 
DT  O4     O  N N 204 
DT  C5     C  N N 205 
DT  C7     C  N N 206 
DT  C6     C  N N 207 
DT  HOP3   H  N N 208 
DT  HOP2   H  N N 209 
DT  "H5'"  H  N N 210 
DT  "H5''" H  N N 211 
DT  "H4'"  H  N N 212 
DT  "H3'"  H  N N 213 
DT  "HO3'" H  N N 214 
DT  "H2'"  H  N N 215 
DT  "H2''" H  N N 216 
DT  "H1'"  H  N N 217 
DT  H3     H  N N 218 
DT  H71    H  N N 219 
DT  H72    H  N N 220 
DT  H73    H  N N 221 
DT  H6     H  N N 222 
HOH O      O  N N 223 
HOH H1     H  N N 224 
HOH H2     H  N N 225 
# 
loop_
_chem_comp_bond.comp_id 
_chem_comp_bond.atom_id_1 
_chem_comp_bond.atom_id_2 
_chem_comp_bond.value_order 
_chem_comp_bond.pdbx_aromatic_flag 
_chem_comp_bond.pdbx_stereo_config 
_chem_comp_bond.pdbx_ordinal 
0TN C18   C14    doub Y N 1   
0TN C18   C17    sing Y N 2   
0TN C14   C13    sing Y N 3   
0TN C17   C16    doub Y N 4   
0TN C13   N4     doub Y N 5   
0TN C13   C15    sing Y N 6   
0TN C44   C37    doub Y N 7   
0TN C44   C35    sing Y N 8   
0TN C34   C35    doub Y N 9   
0TN C34   C33    sing Y N 10  
0TN N4    C7     sing Y N 11  
0TN C16   C15    sing Y N 12  
0TN C37   C38    sing Y N 13  
0TN C9    C11    doub Y N 14  
0TN C9    C8     sing Y N 15  
0TN C35   C36    sing Y N 16  
0TN C33   C32    doub Y N 17  
0TN C15   N3     doub Y N 18  
0TN C11   C12    sing Y N 19  
0TN C7    C8     doub Y N 20  
0TN C7    C6     sing Y N 21  
0TN C8    C10    sing Y N 22  
0TN N3    C6     sing Y N 23  
0TN C38   N12    doub Y N 24  
0TN C36   N12    sing Y N 25  
0TN C36   C29    doub Y N 26  
0TN C32   C29    sing Y N 27  
0TN C32   C43    sing Y N 28  
0TN C12   N1     doub Y N 29  
0TN C6    C5     doub Y N 30  
0TN N12   RU     sing N N 31  
0TN C10   N1     sing Y N 32  
0TN C10   C1     doub Y N 33  
0TN C29   N9     sing Y N 34  
0TN C43   C31    doub Y N 35  
0TN N1    RU     sing N N 36  
0TN C5    C1     sing Y N 37  
0TN C5    C4     sing Y N 38  
0TN C1    N2     sing Y N 39  
0TN N9    RU     sing N N 40  
0TN N9    C30    doub Y N 41  
0TN C4    C3     doub Y N 42  
0TN C31   C30    sing Y N 43  
0TN RU    N2     sing N N 44  
0TN RU    N5     sing N N 45  
0TN RU    N8     sing N N 46  
0TN N2    C2     doub Y N 47  
0TN C3    C2     sing Y N 48  
0TN C20   N5     doub Y N 49  
0TN C20   C21    sing Y N 50  
0TN N5    C19    sing Y N 51  
0TN N8    C28    doub Y N 52  
0TN N8    C26    sing Y N 53  
0TN C28   C27    sing Y N 54  
0TN C21   C41    doub Y N 55  
0TN C19   C26    doub Y N 56  
0TN C19   C22    sing Y N 57  
0TN C26   C25    sing Y N 58  
0TN C27   C42    doub Y N 59  
0TN C41   C22    sing Y N 60  
0TN C22   C23    doub Y N 61  
0TN C25   C42    sing Y N 62  
0TN C25   C24    doub Y N 63  
0TN C23   C24    sing Y N 64  
0TN C2    H1     sing N N 65  
0TN C3    H2     sing N N 66  
0TN C4    H3     sing N N 67  
0TN C9    H4     sing N N 68  
0TN C11   H5     sing N N 69  
0TN C12   H6     sing N N 70  
0TN C14   H7     sing N N 71  
0TN C16   H8     sing N N 72  
0TN C17   H9     sing N N 73  
0TN C18   H10    sing N N 74  
0TN C20   H11    sing N N 75  
0TN C21   H12    sing N N 76  
0TN C23   H13    sing N N 77  
0TN C24   H14    sing N N 78  
0TN C27   H15    sing N N 79  
0TN C28   H16    sing N N 80  
0TN C30   H17    sing N N 81  
0TN C31   H18    sing N N 82  
0TN C33   H19    sing N N 83  
0TN C34   H20    sing N N 84  
0TN C37   H21    sing N N 85  
0TN C38   H22    sing N N 86  
0TN C41   H23    sing N N 87  
0TN C42   H24    sing N N 88  
0TN C43   H25    sing N N 89  
0TN C44   H26    sing N N 90  
DA  OP3   P      sing N N 91  
DA  OP3   HOP3   sing N N 92  
DA  P     OP1    doub N N 93  
DA  P     OP2    sing N N 94  
DA  P     "O5'"  sing N N 95  
DA  OP2   HOP2   sing N N 96  
DA  "O5'" "C5'"  sing N N 97  
DA  "C5'" "C4'"  sing N N 98  
DA  "C5'" "H5'"  sing N N 99  
DA  "C5'" "H5''" sing N N 100 
DA  "C4'" "O4'"  sing N N 101 
DA  "C4'" "C3'"  sing N N 102 
DA  "C4'" "H4'"  sing N N 103 
DA  "O4'" "C1'"  sing N N 104 
DA  "C3'" "O3'"  sing N N 105 
DA  "C3'" "C2'"  sing N N 106 
DA  "C3'" "H3'"  sing N N 107 
DA  "O3'" "HO3'" sing N N 108 
DA  "C2'" "C1'"  sing N N 109 
DA  "C2'" "H2'"  sing N N 110 
DA  "C2'" "H2''" sing N N 111 
DA  "C1'" N9     sing N N 112 
DA  "C1'" "H1'"  sing N N 113 
DA  N9    C8     sing Y N 114 
DA  N9    C4     sing Y N 115 
DA  C8    N7     doub Y N 116 
DA  C8    H8     sing N N 117 
DA  N7    C5     sing Y N 118 
DA  C5    C6     sing Y N 119 
DA  C5    C4     doub Y N 120 
DA  C6    N6     sing N N 121 
DA  C6    N1     doub Y N 122 
DA  N6    H61    sing N N 123 
DA  N6    H62    sing N N 124 
DA  N1    C2     sing Y N 125 
DA  C2    N3     doub Y N 126 
DA  C2    H2     sing N N 127 
DA  N3    C4     sing Y N 128 
DC  OP3   P      sing N N 129 
DC  OP3   HOP3   sing N N 130 
DC  P     OP1    doub N N 131 
DC  P     OP2    sing N N 132 
DC  P     "O5'"  sing N N 133 
DC  OP2   HOP2   sing N N 134 
DC  "O5'" "C5'"  sing N N 135 
DC  "C5'" "C4'"  sing N N 136 
DC  "C5'" "H5'"  sing N N 137 
DC  "C5'" "H5''" sing N N 138 
DC  "C4'" "O4'"  sing N N 139 
DC  "C4'" "C3'"  sing N N 140 
DC  "C4'" "H4'"  sing N N 141 
DC  "O4'" "C1'"  sing N N 142 
DC  "C3'" "O3'"  sing N N 143 
DC  "C3'" "C2'"  sing N N 144 
DC  "C3'" "H3'"  sing N N 145 
DC  "O3'" "HO3'" sing N N 146 
DC  "C2'" "C1'"  sing N N 147 
DC  "C2'" "H2'"  sing N N 148 
DC  "C2'" "H2''" sing N N 149 
DC  "C1'" N1     sing N N 150 
DC  "C1'" "H1'"  sing N N 151 
DC  N1    C2     sing N N 152 
DC  N1    C6     sing N N 153 
DC  C2    O2     doub N N 154 
DC  C2    N3     sing N N 155 
DC  N3    C4     doub N N 156 
DC  C4    N4     sing N N 157 
DC  C4    C5     sing N N 158 
DC  N4    H41    sing N N 159 
DC  N4    H42    sing N N 160 
DC  C5    C6     doub N N 161 
DC  C5    H5     sing N N 162 
DC  C6    H6     sing N N 163 
DG  OP3   P      sing N N 164 
DG  OP3   HOP3   sing N N 165 
DG  P     OP1    doub N N 166 
DG  P     OP2    sing N N 167 
DG  P     "O5'"  sing N N 168 
DG  OP2   HOP2   sing N N 169 
DG  "O5'" "C5'"  sing N N 170 
DG  "C5'" "C4'"  sing N N 171 
DG  "C5'" "H5'"  sing N N 172 
DG  "C5'" "H5''" sing N N 173 
DG  "C4'" "O4'"  sing N N 174 
DG  "C4'" "C3'"  sing N N 175 
DG  "C4'" "H4'"  sing N N 176 
DG  "O4'" "C1'"  sing N N 177 
DG  "C3'" "O3'"  sing N N 178 
DG  "C3'" "C2'"  sing N N 179 
DG  "C3'" "H3'"  sing N N 180 
DG  "O3'" "HO3'" sing N N 181 
DG  "C2'" "C1'"  sing N N 182 
DG  "C2'" "H2'"  sing N N 183 
DG  "C2'" "H2''" sing N N 184 
DG  "C1'" N9     sing N N 185 
DG  "C1'" "H1'"  sing N N 186 
DG  N9    C8     sing Y N 187 
DG  N9    C4     sing Y N 188 
DG  C8    N7     doub Y N 189 
DG  C8    H8     sing N N 190 
DG  N7    C5     sing Y N 191 
DG  C5    C6     sing N N 192 
DG  C5    C4     doub Y N 193 
DG  C6    O6     doub N N 194 
DG  C6    N1     sing N N 195 
DG  N1    C2     sing N N 196 
DG  N1    H1     sing N N 197 
DG  C2    N2     sing N N 198 
DG  C2    N3     doub N N 199 
DG  N2    H21    sing N N 200 
DG  N2    H22    sing N N 201 
DG  N3    C4     sing N N 202 
DT  OP3   P      sing N N 203 
DT  OP3   HOP3   sing N N 204 
DT  P     OP1    doub N N 205 
DT  P     OP2    sing N N 206 
DT  P     "O5'"  sing N N 207 
DT  OP2   HOP2   sing N N 208 
DT  "O5'" "C5'"  sing N N 209 
DT  "C5'" "C4'"  sing N N 210 
DT  "C5'" "H5'"  sing N N 211 
DT  "C5'" "H5''" sing N N 212 
DT  "C4'" "O4'"  sing N N 213 
DT  "C4'" "C3'"  sing N N 214 
DT  "C4'" "H4'"  sing N N 215 
DT  "O4'" "C1'"  sing N N 216 
DT  "C3'" "O3'"  sing N N 217 
DT  "C3'" "C2'"  sing N N 218 
DT  "C3'" "H3'"  sing N N 219 
DT  "O3'" "HO3'" sing N N 220 
DT  "C2'" "C1'"  sing N N 221 
DT  "C2'" "H2'"  sing N N 222 
DT  "C2'" "H2''" sing N N 223 
DT  "C1'" N1     sing N N 224 
DT  "C1'" "H1'"  sing N N 225 
DT  N1    C2     sing N N 226 
DT  N1    C6     sing N N 227 
DT  C2    O2     doub N N 228 
DT  C2    N3     sing N N 229 
DT  N3    C4     sing N N 230 
DT  N3    H3     sing N N 231 
DT  C4    O4     doub N N 232 
DT  C4    C5     sing N N 233 
DT  C5    C7     sing N N 234 
DT  C5    C6     doub N N 235 
DT  C7    H71    sing N N 236 
DT  C7    H72    sing N N 237 
DT  C7    H73    sing N N 238 
DT  C6    H6     sing N N 239 
HOH O     H1     sing N N 240 
HOH O     H2     sing N N 241 
# 
loop_
_ndb_struct_conf_na.entry_id 
_ndb_struct_conf_na.feature 
5JEU 'double helix'        
5JEU 'b-form double helix' 
# 
loop_
_ndb_struct_na_base_pair.model_number 
_ndb_struct_na_base_pair.i_label_asym_id 
_ndb_struct_na_base_pair.i_label_comp_id 
_ndb_struct_na_base_pair.i_label_seq_id 
_ndb_struct_na_base_pair.i_symmetry 
_ndb_struct_na_base_pair.j_label_asym_id 
_ndb_struct_na_base_pair.j_label_comp_id 
_ndb_struct_na_base_pair.j_label_seq_id 
_ndb_struct_na_base_pair.j_symmetry 
_ndb_struct_na_base_pair.shear 
_ndb_struct_na_base_pair.stretch 
_ndb_struct_na_base_pair.stagger 
_ndb_struct_na_base_pair.buckle 
_ndb_struct_na_base_pair.propeller 
_ndb_struct_na_base_pair.opening 
_ndb_struct_na_base_pair.pair_number 
_ndb_struct_na_base_pair.pair_name 
_ndb_struct_na_base_pair.i_auth_asym_id 
_ndb_struct_na_base_pair.i_auth_seq_id 
_ndb_struct_na_base_pair.i_PDB_ins_code 
_ndb_struct_na_base_pair.j_auth_asym_id 
_ndb_struct_na_base_pair.j_auth_seq_id 
_ndb_struct_na_base_pair.j_PDB_ins_code 
_ndb_struct_na_base_pair.hbond_type_28 
_ndb_struct_na_base_pair.hbond_type_12 
1 A DC 2 1_555 A DG 9 7_555 0.188  -0.180 0.317  -3.847  -10.345 -0.833 1 A_DC2:DG9_A A 2 ? A 9 ? 19 1 
1 A DG 3 1_555 A DC 8 7_555 -0.195 -0.085 0.429  17.545  -6.033  -1.170 2 A_DG3:DC8_A A 3 ? A 8 ? 19 1 
1 A DG 4 1_555 A DC 7 7_555 -0.290 -0.142 -0.163 -11.697 -1.220  -0.990 3 A_DG4:DC7_A A 4 ? A 7 ? 19 1 
1 A DC 5 1_555 A DG 6 7_555 0.104  -0.078 0.226  -2.999  -5.423  -1.868 4 A_DC5:DG6_A A 5 ? A 6 ? 19 1 
1 A DG 6 1_555 A DC 5 7_555 -0.104 -0.078 0.226  2.999   -5.423  -1.868 5 A_DG6:DC5_A A 6 ? A 5 ? 19 1 
1 A DC 7 1_555 A DG 4 7_555 0.290  -0.142 -0.163 11.697  -1.220  -0.990 6 A_DC7:DG4_A A 7 ? A 4 ? 19 1 
1 A DC 8 1_555 A DG 3 7_555 0.195  -0.085 0.429  -17.545 -6.033  -1.170 7 A_DC8:DG3_A A 8 ? A 3 ? 19 1 
1 A DG 9 1_555 A DC 2 7_555 -0.188 -0.180 0.317  3.847   -10.345 -0.833 8 A_DG9:DC2_A A 9 ? A 2 ? 19 1 
# 
loop_
_ndb_struct_na_base_pair_step.model_number 
_ndb_struct_na_base_pair_step.i_label_asym_id_1 
_ndb_struct_na_base_pair_step.i_label_comp_id_1 
_ndb_struct_na_base_pair_step.i_label_seq_id_1 
_ndb_struct_na_base_pair_step.i_symmetry_1 
_ndb_struct_na_base_pair_step.j_label_asym_id_1 
_ndb_struct_na_base_pair_step.j_label_comp_id_1 
_ndb_struct_na_base_pair_step.j_label_seq_id_1 
_ndb_struct_na_base_pair_step.j_symmetry_1 
_ndb_struct_na_base_pair_step.i_label_asym_id_2 
_ndb_struct_na_base_pair_step.i_label_comp_id_2 
_ndb_struct_na_base_pair_step.i_label_seq_id_2 
_ndb_struct_na_base_pair_step.i_symmetry_2 
_ndb_struct_na_base_pair_step.j_label_asym_id_2 
_ndb_struct_na_base_pair_step.j_label_comp_id_2 
_ndb_struct_na_base_pair_step.j_label_seq_id_2 
_ndb_struct_na_base_pair_step.j_symmetry_2 
_ndb_struct_na_base_pair_step.shift 
_ndb_struct_na_base_pair_step.slide 
_ndb_struct_na_base_pair_step.rise 
_ndb_struct_na_base_pair_step.tilt 
_ndb_struct_na_base_pair_step.roll 
_ndb_struct_na_base_pair_step.twist 
_ndb_struct_na_base_pair_step.x_displacement 
_ndb_struct_na_base_pair_step.y_displacement 
_ndb_struct_na_base_pair_step.helical_rise 
_ndb_struct_na_base_pair_step.inclination 
_ndb_struct_na_base_pair_step.tip 
_ndb_struct_na_base_pair_step.helical_twist 
_ndb_struct_na_base_pair_step.step_number 
_ndb_struct_na_base_pair_step.step_name 
_ndb_struct_na_base_pair_step.i_auth_asym_id_1 
_ndb_struct_na_base_pair_step.i_auth_seq_id_1 
_ndb_struct_na_base_pair_step.i_PDB_ins_code_1 
_ndb_struct_na_base_pair_step.j_auth_asym_id_1 
_ndb_struct_na_base_pair_step.j_auth_seq_id_1 
_ndb_struct_na_base_pair_step.j_PDB_ins_code_1 
_ndb_struct_na_base_pair_step.i_auth_asym_id_2 
_ndb_struct_na_base_pair_step.i_auth_seq_id_2 
_ndb_struct_na_base_pair_step.i_PDB_ins_code_2 
_ndb_struct_na_base_pair_step.j_auth_asym_id_2 
_ndb_struct_na_base_pair_step.j_auth_seq_id_2 
_ndb_struct_na_base_pair_step.j_PDB_ins_code_2 
1 A DC 2 1_555 A DG 9 7_555 A DG 3 1_555 A DC 8 7_555 0.069  0.416  2.889 4.825  1.332  30.419 0.552  0.705  2.881 2.518  -9.117 
30.819 1 AA_DC2DG3:DC8DG9_AA A 2 ? A 9 ? A 3 ? A 8 ? 
1 A DG 3 1_555 A DC 8 7_555 A DG 4 1_555 A DC 7 7_555 -0.044 0.341  5.157 1.395  49.663 21.199 -5.053 0.201  2.409 68.303 -1.918 
53.751 2 AA_DG3DG4:DC7DC8_AA A 3 ? A 8 ? A 4 ? A 7 ? 
1 A DG 4 1_555 A DC 7 7_555 A DC 5 1_555 A DG 6 7_555 -0.878 -0.066 3.086 -3.735 2.939  33.027 -0.582 0.936  3.146 5.136  6.528  
33.357 3 AA_DG4DC5:DG6DC7_AA A 4 ? A 7 ? A 5 ? A 6 ? 
1 A DC 5 1_555 A DG 6 7_555 A DG 6 1_555 A DC 5 7_555 0.000  0.261  3.087 0.000  6.090  32.108 -0.540 0.000  3.083 10.887 0.000  
32.666 4 AA_DC5DG6:DC5DG6_AA A 5 ? A 6 ? A 6 ? A 5 ? 
1 A DG 6 1_555 A DC 5 7_555 A DC 7 1_555 A DG 4 7_555 0.878  -0.066 3.086 3.735  2.939  33.027 -0.582 -0.936 3.146 5.136  -6.528 
33.357 5 AA_DG6DC7:DG4DC5_AA A 6 ? A 5 ? A 7 ? A 4 ? 
1 A DC 7 1_555 A DG 4 7_555 A DC 8 1_555 A DG 3 7_555 0.044  0.341  5.157 -1.395 49.663 21.199 -5.053 -0.201 2.409 68.303 1.918  
53.751 6 AA_DC7DC8:DG3DG4_AA A 7 ? A 4 ? A 8 ? A 3 ? 
1 A DC 8 1_555 A DG 3 7_555 A DG 9 1_555 A DC 2 7_555 -0.069 0.416  2.889 -4.825 1.332  30.419 0.552  -0.705 2.881 2.518  9.117  
30.819 7 AA_DC8DG9:DC2DG3_AA A 8 ? A 3 ? A 9 ? A 2 ? 
# 
_atom_sites.entry_id                    5JEU 
_atom_sites.fract_transf_matrix[1][1]   -0.00655878 
_atom_sites.fract_transf_matrix[1][2]   -0.00488808 
_atom_sites.fract_transf_matrix[1][3]   0.01887145 
_atom_sites.fract_transf_matrix[2][1]   0.00816210 
_atom_sites.fract_transf_matrix[2][2]   -0.01877023 
_atom_sites.fract_transf_matrix[2][3]   -0.00202512 
_atom_sites.fract_transf_matrix[3][1]   0.02924635 
_atom_sites.fract_transf_matrix[3][2]   0.01130497 
_atom_sites.fract_transf_matrix[3][3]   0.01309280 
_atom_sites.fract_transf_vector[1]      0.609518 
_atom_sites.fract_transf_vector[2]      0.685836 
_atom_sites.fract_transf_vector[3]      0.083345 
# 
loop_
_atom_type.symbol 
BA 
C  
CL 
H  
K  
N  
O  
P  
RU 
# 
loop_
_atom_site.group_PDB 
_atom_site.id 
_atom_site.type_symbol 
_atom_site.label_atom_id 
_atom_site.label_alt_id 
_atom_site.label_comp_id 
_atom_site.label_asym_id 
_atom_site.label_entity_id 
_atom_site.label_seq_id 
_atom_site.pdbx_PDB_ins_code 
_atom_site.Cartn_x 
_atom_site.Cartn_y 
_atom_site.Cartn_z 
_atom_site.occupancy 
_atom_site.B_iso_or_equiv 
_atom_site.pdbx_formal_charge 
_atom_site.auth_seq_id 
_atom_site.auth_comp_id 
_atom_site.auth_asym_id 
_atom_site.auth_atom_id 
_atom_site.pdbx_PDB_model_num 
ATOM   1   O  "O5'"  A DT  A 1 1  ? -3.856  -11.774 -4.502  0.69 24.35 ? 1   DT  A "O5'"  1 
ATOM   2   O  "O5'"  B DT  A 1 1  ? -4.029  -11.956 -4.370  0.31 22.02 ? 1   DT  A "O5'"  1 
ATOM   3   C  "C5'"  A DT  A 1 1  ? -2.880  -10.908 -3.915  0.69 22.12 ? 1   DT  A "C5'"  1 
ATOM   4   C  "C5'"  B DT  A 1 1  ? -3.136  -11.032 -3.809  0.31 20.95 ? 1   DT  A "C5'"  1 
ATOM   5   C  "C4'"  A DT  A 1 1  ? -1.805  -11.714 -3.201  0.69 19.33 ? 1   DT  A "C4'"  1 
ATOM   6   C  "C4'"  B DT  A 1 1  ? -2.014  -11.726 -3.093  0.31 19.73 ? 1   DT  A "C4'"  1 
ATOM   7   O  "O4'"  A DT  A 1 1  ? -1.123  -12.554 -4.151  0.69 17.67 ? 1   DT  A "O4'"  1 
ATOM   8   O  "O4'"  B DT  A 1 1  ? -1.268  -12.612 -4.007  0.31 18.92 ? 1   DT  A "O4'"  1 
ATOM   9   C  "C3'"  A DT  A 1 1  ? -0.710  -10.892 -2.512  0.69 17.92 ? 1   DT  A "C3'"  1 
ATOM   10  C  "C3'"  B DT  A 1 1  ? -0.992  -10.754 -2.554  0.31 19.08 ? 1   DT  A "C3'"  1 
ATOM   11  O  "O3'"  A DT  A 1 1  ? -0.676  -11.233 -1.167  0.69 17.67 ? 1   DT  A "O3'"  1 
ATOM   12  O  "O3'"  B DT  A 1 1  ? -0.549  -11.180 -1.269  0.31 18.75 ? 1   DT  A "O3'"  1 
ATOM   13  C  "C2'"  A DT  A 1 1  ? 0.581   -11.255 -3.253  0.69 16.74 ? 1   DT  A "C2'"  1 
ATOM   14  C  "C2'"  B DT  A 1 1  ? 0.058   -10.784 -3.663  0.31 18.65 ? 1   DT  A "C2'"  1 
ATOM   15  C  "C1'"  A DT  A 1 1  ? 0.240   -12.615 -3.824  0.69 16.14 ? 1   DT  A "C1'"  1 
ATOM   16  C  "C1'"  B DT  A 1 1  ? 0.102   -12.258 -3.951  0.31 17.81 ? 1   DT  A "C1'"  1 
ATOM   17  N  N1     A DT  A 1 1  ? 0.960   -12.954 -5.044  0.69 15.31 ? 1   DT  A N1     1 
ATOM   18  N  N1     B DT  A 1 1  ? 0.828   -12.654 -5.248  0.31 16.22 ? 1   DT  A N1     1 
ATOM   19  C  C2     A DT  A 1 1  ? 1.716   -14.090 -5.087  0.69 15.46 ? 1   DT  A C2     1 
ATOM   20  C  C2     B DT  A 1 1  ? 0.829   -11.808 -6.352  0.31 16.20 ? 1   DT  A C2     1 
ATOM   21  O  O2     A DT  A 1 1  ? 1.889   -14.814 -4.121  0.69 16.67 ? 1   DT  A O2     1 
ATOM   22  O  O2     B DT  A 1 1  ? 0.263   -10.739 -6.388  0.31 16.98 ? 1   DT  A O2     1 
ATOM   23  N  N3     A DT  A 1 1  ? 2.310   -14.325 -6.296  0.69 14.18 ? 1   DT  A N3     1 
ATOM   24  N  N3     B DT  A 1 1  ? 1.523   -12.268 -7.427  0.31 15.25 ? 1   DT  A N3     1 
ATOM   25  C  C4     A DT  A 1 1  ? 2.242   -13.540 -7.426  0.69 13.96 ? 1   DT  A C4     1 
ATOM   26  C  C4     B DT  A 1 1  ? 2.204   -13.449 -7.538  0.31 14.90 ? 1   DT  A C4     1 
ATOM   27  O  O4     A DT  A 1 1  ? 2.863   -13.810 -8.453  0.69 14.37 ? 1   DT  A O4     1 
ATOM   28  O  O4     B DT  A 1 1  ? 2.810   -13.762 -8.559  0.31 15.35 ? 1   DT  A O4     1 
ATOM   29  C  C5     A DT  A 1 1  ? 1.406   -12.375 -7.303  0.69 14.51 ? 1   DT  A C5     1 
ATOM   30  C  C5     B DT  A 1 1  ? 2.176   -14.293 -6.380  0.31 14.45 ? 1   DT  A C5     1 
ATOM   31  C  C7     A DT  A 1 1  ? 1.196   -11.481 -8.467  0.69 14.96 ? 1   DT  A C7     1 
ATOM   32  C  C7     B DT  A 1 1  ? 2.913   -15.584 -6.421  0.31 14.28 ? 1   DT  A C7     1 
ATOM   33  C  C6     A DT  A 1 1  ? 0.798   -12.158 -6.136  0.69 15.07 ? 1   DT  A C6     1 
ATOM   34  C  C6     B DT  A 1 1  ? 1.502   -13.866 -5.291  0.31 15.20 ? 1   DT  A C6     1 
ATOM   35  H  "H5'"  A DT  A 1 1  ? -3.317  -10.322 -3.277  0.69 26.54 ? 1   DT  A "H5'"  1 
ATOM   36  H  "H5'"  B DT  A 1 1  ? -3.614  -10.469 -3.180  0.31 25.14 ? 1   DT  A "H5'"  1 
ATOM   37  H  "H5''" A DT  A 1 1  ? -2.469  -10.373 -4.611  0.69 26.54 ? 1   DT  A "H5''" 1 
ATOM   38  H  "H5''" B DT  A 1 1  ? -2.767  -10.478 -4.515  0.31 25.14 ? 1   DT  A "H5''" 1 
ATOM   39  H  "H4'"  A DT  A 1 1  ? -2.232  -12.279 -2.537  0.69 23.20 ? 1   DT  A "H4'"  1 
ATOM   40  H  "H4'"  B DT  A 1 1  ? -2.376  -12.250 -2.362  0.31 23.68 ? 1   DT  A "H4'"  1 
ATOM   41  H  "H3'"  A DT  A 1 1  ? -0.894  -9.945  -2.611  0.69 21.51 ? 1   DT  A "H3'"  1 
ATOM   42  H  "H3'"  B DT  A 1 1  ? -1.383  -9.868  -2.493  0.31 22.90 ? 1   DT  A "H3'"  1 
ATOM   43  H  "H2'"  A DT  A 1 1  ? 0.764   -10.619 -3.962  0.69 20.09 ? 1   DT  A "H2'"  1 
ATOM   44  H  "H2'"  B DT  A 1 1  ? -0.239  -10.285 -4.440  0.31 22.37 ? 1   DT  A "H2'"  1 
ATOM   45  H  "H2''" A DT  A 1 1  ? 1.329   -11.316 -2.638  0.69 20.09 ? 1   DT  A "H2''" 1 
ATOM   46  H  "H2''" B DT  A 1 1  ? 0.915   -10.465 -3.342  0.31 22.37 ? 1   DT  A "H2''" 1 
ATOM   47  H  "H1'"  A DT  A 1 1  ? 0.386   -13.300 -3.153  0.69 19.37 ? 1   DT  A "H1'"  1 
ATOM   48  H  "H1'"  B DT  A 1 1  ? 0.518   -12.715 -3.203  0.31 21.38 ? 1   DT  A "H1'"  1 
ATOM   49  H  H3     A DT  A 1 1  ? 2.840   -15.000 -6.335  0.69 17.02 ? 1   DT  A H3     1 
ATOM   50  H  H3     B DT  A 1 1  ? 1.531   -11.759 -8.119  0.31 18.30 ? 1   DT  A H3     1 
ATOM   51  H  H71    A DT  A 1 1  ? 1.510   -10.589 -8.251  0.69 17.95 ? 1   DT  A H71    1 
ATOM   52  H  H71    B DT  A 1 1  ? 2.292   -16.315 -6.281  0.31 17.13 ? 1   DT  A H71    1 
ATOM   53  H  H72    A DT  A 1 1  ? 0.250   -11.448 -8.681  0.69 17.95 ? 1   DT  A H72    1 
ATOM   54  H  H72    B DT  A 1 1  ? 3.587   -15.593 -5.722  0.31 17.13 ? 1   DT  A H72    1 
ATOM   55  H  H73    A DT  A 1 1  ? 1.689   -11.822 -9.230  0.69 17.95 ? 1   DT  A H73    1 
ATOM   56  H  H73    B DT  A 1 1  ? 3.342   -15.685 -7.285  0.31 17.13 ? 1   DT  A H73    1 
ATOM   57  H  H6     A DT  A 1 1  ? 0.251   -11.409 -6.058  0.69 18.09 ? 1   DT  A H6     1 
ATOM   58  H  H6     B DT  A 1 1  ? 1.492   -14.407 -4.535  0.31 18.24 ? 1   DT  A H6     1 
ATOM   59  H  "HO5'" A DT  A 1 1  ? -4.664  -11.547 -4.517  0.69 29.22 ? 1   DT  A "HO5'" 1 
ATOM   60  H  "HO5'" B DT  A 1 1  ? -4.847  -11.771 -4.423  0.31 26.42 ? 1   DT  A "HO5'" 1 
ATOM   61  P  P      . DC  A 1 2  ? -0.370  -10.124 -0.071  1.00 18.50 ? 2   DC  A P      1 
ATOM   62  O  OP1    . DC  A 1 2  ? -0.598  -10.801 1.201   1.00 21.10 ? 2   DC  A OP1    1 
ATOM   63  O  OP2    . DC  A 1 2  ? -1.082  -8.862  -0.374  1.00 19.14 ? 2   DC  A OP2    1 
ATOM   64  O  "O5'"  . DC  A 1 2  ? 1.172   -9.779  -0.192  1.00 18.08 ? 2   DC  A "O5'"  1 
ATOM   65  C  "C5'"  . DC  A 1 2  ? 2.153   -10.641 0.320   1.00 17.38 ? 2   DC  A "C5'"  1 
ATOM   66  C  "C4'"  . DC  A 1 2  ? 3.480   -9.916  0.345   1.00 16.49 ? 2   DC  A "C4'"  1 
ATOM   67  O  "O4'"  . DC  A 1 2  ? 3.911   -9.668  -1.000  1.00 16.57 ? 2   DC  A "O4'"  1 
ATOM   68  C  "C3'"  . DC  A 1 2  ? 3.425   -8.565  1.009   1.00 16.61 ? 2   DC  A "C3'"  1 
ATOM   69  O  "O3'"  . DC  A 1 2  ? 3.695   -8.726  2.371   1.00 17.44 ? 2   DC  A "O3'"  1 
ATOM   70  C  "C2'"  . DC  A 1 2  ? 4.482   -7.749  0.292   1.00 16.45 ? 2   DC  A "C2'"  1 
ATOM   71  C  "C1'"  . DC  A 1 2  ? 4.571   -8.416  -1.067  1.00 15.53 ? 2   DC  A "C1'"  1 
ATOM   72  N  N1     . DC  A 1 2  ? 3.958   -7.663  -2.203  1.00 13.80 ? 2   DC  A N1     1 
ATOM   73  C  C2     . DC  A 1 2  ? 4.763   -6.823  -2.944  1.00 13.00 ? 2   DC  A C2     1 
ATOM   74  O  O2     . DC  A 1 2  ? 5.906   -6.619  -2.528  1.00 13.34 ? 2   DC  A O2     1 
ATOM   75  N  N3     . DC  A 1 2  ? 4.250   -6.180  -4.029  1.00 12.83 ? 2   DC  A N3     1 
ATOM   76  C  C4     . DC  A 1 2  ? 2.982   -6.392  -4.379  1.00 13.74 ? 2   DC  A C4     1 
ATOM   77  N  N4     . DC  A 1 2  ? 2.543   -5.782  -5.448  1.00 14.44 ? 2   DC  A N4     1 
ATOM   78  C  C5     . DC  A 1 2  ? 2.125   -7.243  -3.615  1.00 14.02 ? 2   DC  A C5     1 
ATOM   79  C  C6     . DC  A 1 2  ? 2.658   -7.880  -2.563  1.00 14.04 ? 2   DC  A C6     1 
ATOM   80  H  "H5'"  . DC  A 1 2  ? 2.224   -11.426 -0.247  1.00 20.86 ? 2   DC  A "H5'"  1 
ATOM   81  H  "H5''" . DC  A 1 2  ? 1.913   -10.911 1.219   1.00 20.86 ? 2   DC  A "H5''" 1 
ATOM   82  H  "H4'"  . DC  A 1 2  ? 4.139   -10.467 0.795   1.00 19.79 ? 2   DC  A "H4'"  1 
ATOM   83  H  "H3'"  . DC  A 1 2  ? 2.550   -8.165  0.883   1.00 19.93 ? 2   DC  A "H3'"  1 
ATOM   84  H  "H2'"  . DC  A 1 2  ? 4.199   -6.825  0.201   1.00 19.73 ? 2   DC  A "H2'"  1 
ATOM   85  H  "H2''" . DC  A 1 2  ? 5.332   -7.804  0.757   1.00 19.73 ? 2   DC  A "H2''" 1 
ATOM   86  H  "H1'"  . DC  A 1 2  ? 5.507   -8.572  -1.271  1.00 18.63 ? 2   DC  A "H1'"  1 
ATOM   87  H  H41    . DC  A 1 2  ? 1.730   -5.894  -5.704  1.00 17.33 ? 2   DC  A H41    1 
ATOM   88  H  H42    . DC  A 1 2  ? 3.068   -5.267  -5.895  1.00 17.33 ? 2   DC  A H42    1 
ATOM   89  H  H5     . DC  A 1 2  ? 1.255   -7.421  -3.894  1.00 16.83 ? 2   DC  A H5     1 
ATOM   90  H  H6     . DC  A 1 2  ? 2.140   -8.482  -2.078  1.00 16.85 ? 2   DC  A H6     1 
ATOM   91  P  P      . DG  A 1 3  ? 3.041   -7.718  3.421   1.00 17.70 ? 3   DG  A P      1 
ATOM   92  O  OP1    . DG  A 1 3  ? 3.252   -8.301  4.768   1.00 19.11 ? 3   DG  A OP1    1 
ATOM   93  O  OP2    . DG  A 1 3  ? 1.693   -7.337  2.974   1.00 18.46 ? 3   DG  A OP2    1 
ATOM   94  O  "O5'"  . DG  A 1 3  ? 3.922   -6.403  3.325   1.00 16.20 ? 3   DG  A "O5'"  1 
ATOM   95  C  "C5'"  . DG  A 1 3  ? 5.220   -6.384  3.847   1.00 15.20 ? 3   DG  A "C5'"  1 
ATOM   96  C  "C4'"  . DG  A 1 3  ? 5.900   -5.083  3.491   1.00 14.34 ? 3   DG  A "C4'"  1 
ATOM   97  O  "O4'"  . DG  A 1 3  ? 6.098   -5.013  2.062   1.00 14.05 ? 3   DG  A "O4'"  1 
ATOM   98  C  "C3'"  . DG  A 1 3  ? 5.100   -3.848  3.846   1.00 15.14 ? 3   DG  A "C3'"  1 
ATOM   99  O  "O3'"  . DG  A 1 3  ? 5.388   -3.447  5.198   1.00 17.99 ? 3   DG  A "O3'"  1 
ATOM   100 C  "C2'"  . DG  A 1 3  ? 5.562   -2.833  2.806   1.00 14.44 ? 3   DG  A "C2'"  1 
ATOM   101 C  "C1'"  . DG  A 1 3  ? 5.898   -3.693  1.589   1.00 13.79 ? 3   DG  A "C1'"  1 
ATOM   102 N  N9     . DG  A 1 3  ? 4.843   -3.709  0.581   1.00 13.41 ? 3   DG  A N9     1 
ATOM   103 C  C8     . DG  A 1 3  ? 3.561   -4.175  0.727   1.00 13.99 ? 3   DG  A C8     1 
ATOM   104 N  N7     . DG  A 1 3  ? 2.819   -4.028  -0.340  1.00 13.52 ? 3   DG  A N7     1 
ATOM   105 C  C5     . DG  A 1 3  ? 3.698   -3.476  -1.261  1.00 12.84 ? 3   DG  A C5     1 
ATOM   106 C  C6     . DG  A 1 3  ? 3.482   -3.095  -2.606  1.00 12.76 ? 3   DG  A C6     1 
ATOM   107 O  O6     . DG  A 1 3  ? 2.449   -3.222  -3.277  1.00 13.51 ? 3   DG  A O6     1 
ATOM   108 N  N1     . DG  A 1 3  ? 4.625   -2.548  -3.195  1.00 12.15 ? 3   DG  A N1     1 
ATOM   109 C  C2     . DG  A 1 3  ? 5.819   -2.383  -2.547  1.00 11.63 ? 3   DG  A C2     1 
ATOM   110 N  N2     . DG  A 1 3  ? 6.787   -1.791  -3.245  1.00 12.25 ? 3   DG  A N2     1 
ATOM   111 N  N3     . DG  A 1 3  ? 6.050   -2.773  -1.295  1.00 12.34 ? 3   DG  A N3     1 
ATOM   112 C  C4     . DG  A 1 3  ? 4.943   -3.288  -0.713  1.00 12.66 ? 3   DG  A C4     1 
ATOM   113 H  "H5'"  . DG  A 1 3  ? 5.727   -7.124  3.478   1.00 18.24 ? 3   DG  A "H5'"  1 
ATOM   114 H  "H5''" . DG  A 1 3  ? 5.180   -6.472  4.812   1.00 18.24 ? 3   DG  A "H5''" 1 
ATOM   115 H  "H4'"  . DG  A 1 3  ? 6.762   -5.042  3.934   1.00 17.21 ? 3   DG  A "H4'"  1 
ATOM   116 H  "H3'"  . DG  A 1 3  ? 4.152   -4.024  3.742   1.00 18.17 ? 3   DG  A "H3'"  1 
ATOM   117 H  "H2'"  . DG  A 1 3  ? 4.849   -2.210  2.596   1.00 17.32 ? 3   DG  A "H2'"  1 
ATOM   118 H  "H2''" . DG  A 1 3  ? 6.351   -2.360  3.117   1.00 17.32 ? 3   DG  A "H2''" 1 
ATOM   119 H  "H1'"  . DG  A 1 3  ? 6.720   -3.370  1.187   1.00 16.55 ? 3   DG  A "H1'"  1 
ATOM   120 H  H8     . DG  A 1 3  ? 3.239   -4.536  1.522   1.00 16.78 ? 3   DG  A H8     1 
ATOM   121 H  H1     . DG  A 1 3  ? 4.574   -2.292  -4.015  1.00 14.58 ? 3   DG  A H1     1 
ATOM   122 H  H21    . DG  A 1 3  ? 7.558   -1.661  -2.887  1.00 14.70 ? 3   DG  A H21    1 
ATOM   123 H  H22    . DG  A 1 3  ? 6.641   -1.538  -4.054  1.00 14.70 ? 3   DG  A H22    1 
ATOM   124 P  P      . DG  A 1 4  ? 4.278   -2.723  6.090   1.00 21.82 ? 4   DG  A P      1 
ATOM   125 O  OP1    . DG  A 1 4  ? 4.802   -2.631  7.472   1.00 24.23 ? 4   DG  A OP1    1 
ATOM   126 O  OP2    . DG  A 1 4  ? 2.984   -3.423  5.856   1.00 23.46 ? 4   DG  A OP2    1 
ATOM   127 O  "O5'"  . DG  A 1 4  ? 4.134   -1.294  5.445   1.00 20.27 ? 4   DG  A "O5'"  1 
ATOM   128 C  "C5'"  . DG  A 1 4  ? 5.217   -0.431  5.458   1.00 19.66 ? 4   DG  A "C5'"  1 
ATOM   129 C  "C4'"  . DG  A 1 4  ? 4.798   0.926   5.004   1.00 19.30 ? 4   DG  A "C4'"  1 
ATOM   130 O  "O4'"  . DG  A 1 4  ? 4.309   0.847   3.643   1.00 18.09 ? 4   DG  A "O4'"  1 
ATOM   131 C  "C3'"  . DG  A 1 4  ? 3.674   1.537   5.814   1.00 20.10 ? 4   DG  A "C3'"  1 
ATOM   132 O  "O3'"  . DG  A 1 4  ? 3.917   2.900   5.956   1.00 21.72 ? 4   DG  A "O3'"  1 
ATOM   133 C  "C2'"  . DG  A 1 4  ? 2.429   1.247   4.986   1.00 18.82 ? 4   DG  A "C2'"  1 
ATOM   134 C  "C1'"  . DG  A 1 4  ? 2.964   1.311   3.572   1.00 17.53 ? 4   DG  A "C1'"  1 
ATOM   135 N  N9     . DG  A 1 4  ? 2.276   0.466   2.629   1.00 16.63 ? 4   DG  A N9     1 
ATOM   136 C  C8     . DG  A 1 4  ? 1.973   -0.859  2.776   1.00 16.18 ? 4   DG  A C8     1 
ATOM   137 N  N7     . DG  A 1 4  ? 1.412   -1.389  1.714   1.00 16.32 ? 4   DG  A N7     1 
ATOM   138 C  C5     . DG  A 1 4  ? 1.345   -0.344  0.811   1.00 15.24 ? 4   DG  A C5     1 
ATOM   139 C  C6     . DG  A 1 4  ? 0.850   -0.322  -0.509  1.00 14.99 ? 4   DG  A C6     1 
ATOM   140 O  O6     . DG  A 1 4  ? 0.385   -1.255  -1.157  1.00 16.00 ? 4   DG  A O6     1 
ATOM   141 N  N1     . DG  A 1 4  ? 1.004   0.936   -1.096  1.00 14.43 ? 4   DG  A N1     1 
ATOM   142 C  C2     . DG  A 1 4  ? 1.550   2.036   -0.478  1.00 14.60 ? 4   DG  A C2     1 
ATOM   143 N  N2     . DG  A 1 4  ? 1.611   3.166   -1.211  1.00 14.92 ? 4   DG  A N2     1 
ATOM   144 N  N3     . DG  A 1 4  ? 2.032   2.025   0.763   1.00 14.81 ? 4   DG  A N3     1 
ATOM   145 C  C4     . DG  A 1 4  ? 1.890   0.802   1.347   1.00 15.22 ? 4   DG  A C4     1 
ATOM   146 H  "H5'"  . DG  A 1 4  ? 5.905   -0.770  4.865   1.00 23.60 ? 4   DG  A "H5'"  1 
ATOM   147 H  "H5''" . DG  A 1 4  ? 5.569   -0.374  6.360   1.00 23.60 ? 4   DG  A "H5''" 1 
ATOM   148 H  "H4'"  . DG  A 1 4  ? 5.565   1.520   5.031   1.00 23.16 ? 4   DG  A "H4'"  1 
ATOM   149 H  "H3'"  . DG  A 1 4  ? 3.612   1.109   6.682   1.00 24.12 ? 4   DG  A "H3'"  1 
ATOM   150 H  "H2'"  . DG  A 1 4  ? 2.083   0.363   5.184   1.00 22.58 ? 4   DG  A "H2'"  1 
ATOM   151 H  "H2''" . DG  A 1 4  ? 1.753   1.927   5.131   1.00 22.58 ? 4   DG  A "H2''" 1 
ATOM   152 H  "H1'"  . DG  A 1 4  ? 2.952   2.229   3.260   1.00 21.03 ? 4   DG  A "H1'"  1 
ATOM   153 H  H8     . DG  A 1 4  ? 2.141   -1.337  3.556   1.00 19.42 ? 4   DG  A H8     1 
ATOM   154 H  H1     . DG  A 1 4  ? 0.719   1.034   -1.902  1.00 17.32 ? 4   DG  A H1     1 
ATOM   155 H  H21    . DG  A 1 4  ? 1.961   3.877   -0.877  1.00 17.90 ? 4   DG  A H21    1 
ATOM   156 H  H22    . DG  A 1 4  ? 1.300   3.176   -2.013  1.00 17.90 ? 4   DG  A H22    1 
ATOM   157 P  P      . DC  A 1 5  ? 2.907   3.849   6.741   1.00 22.49 ? 5   DC  A P      1 
ATOM   158 O  OP1    . DC  A 1 5  ? 3.816   4.709   7.550   1.00 23.86 ? 5   DC  A OP1    1 
ATOM   159 O  OP2    . DC  A 1 5  ? 1.811   3.078   7.376   1.00 24.10 ? 5   DC  A OP2    1 
ATOM   160 O  "O5'"  . DC  A 1 5  ? 2.285   4.728   5.588   1.00 19.84 ? 5   DC  A "O5'"  1 
ATOM   161 C  "C5'"  . DC  A 1 5  ? 3.125   5.494   4.790   1.00 18.38 ? 5   DC  A "C5'"  1 
ATOM   162 C  "C4'"  . DC  A 1 5  ? 2.309   6.325   3.852   1.00 17.18 ? 5   DC  A "C4'"  1 
ATOM   163 O  "O4'"  . DC  A 1 5  ? 1.683   5.477   2.856   1.00 16.35 ? 5   DC  A "O4'"  1 
ATOM   164 C  "C3'"  . DC  A 1 5  ? 1.196   7.096   4.508   1.00 16.99 ? 5   DC  A "C3'"  1 
ATOM   165 O  "O3'"  . DC  A 1 5  ? 1.257   8.416   4.020   1.00 17.58 ? 5   DC  A "O3'"  1 
ATOM   166 C  "C2'"  . DC  A 1 5  ? -0.077  6.323   4.122   1.00 16.66 ? 5   DC  A "C2'"  1 
ATOM   167 C  "C1'"  . DC  A 1 5  ? 0.292   5.705   2.795   1.00 16.03 ? 5   DC  A "C1'"  1 
ATOM   168 N  N1     . DC  A 1 5  ? -0.331  4.393   2.486   1.00 15.13 ? 5   DC  A N1     1 
ATOM   169 C  C2     . DC  A 1 5  ? -0.837  4.166   1.193   1.00 14.47 ? 5   DC  A C2     1 
ATOM   170 O  O2     . DC  A 1 5  ? -0.865  5.098   0.391   1.00 14.85 ? 5   DC  A O2     1 
ATOM   171 N  N3     . DC  A 1 5  ? -1.340  2.953   0.887   1.00 14.21 ? 5   DC  A N3     1 
ATOM   172 C  C4     . DC  A 1 5  ? -1.305  1.972   1.801   1.00 13.91 ? 5   DC  A C4     1 
ATOM   173 N  N4     . DC  A 1 5  ? -1.782  0.773   1.457   1.00 13.61 ? 5   DC  A N4     1 
ATOM   174 C  C5     . DC  A 1 5  ? -0.783  2.179   3.122   1.00 14.25 ? 5   DC  A C5     1 
ATOM   175 C  C6     . DC  A 1 5  ? -0.295  3.388   3.407   1.00 15.21 ? 5   DC  A C6     1 
ATOM   176 H  "H5'"  . DC  A 1 5  ? 3.707   4.910   4.280   1.00 22.05 ? 5   DC  A "H5'"  1 
ATOM   177 H  "H5''" . DC  A 1 5  ? 3.662   6.074   5.352   1.00 22.05 ? 5   DC  A "H5''" 1 
ATOM   178 H  "H4'"  . DC  A 1 5  ? 2.897   6.952   3.402   1.00 20.61 ? 5   DC  A "H4'"  1 
ATOM   179 H  "H3'"  . DC  A 1 5  ? 1.310   7.090   5.471   1.00 20.39 ? 5   DC  A "H3'"  1 
ATOM   180 H  "H2'"  . DC  A 1 5  ? -0.273  5.636   4.777   1.00 19.99 ? 5   DC  A "H2'"  1 
ATOM   181 H  "H2''" . DC  A 1 5  ? -0.828  6.928   4.021   1.00 19.99 ? 5   DC  A "H2''" 1 
ATOM   182 H  "H1'"  . DC  A 1 5  ? 0.099   6.332   2.081   1.00 19.23 ? 5   DC  A "H1'"  1 
ATOM   183 H  H41    . DC  A 1 5  ? -1.771  0.127   2.025   1.00 16.34 ? 5   DC  A H41    1 
ATOM   184 H  H42    . DC  A 1 5  ? -2.100  0.646   0.669   1.00 16.34 ? 5   DC  A H42    1 
ATOM   185 H  H5     . DC  A 1 5  ? -0.753  1.488   3.743   1.00 17.10 ? 5   DC  A H5     1 
ATOM   186 H  H6     . DC  A 1 5  ? 0.081   3.546   4.243   1.00 18.25 ? 5   DC  A H6     1 
ATOM   187 P  P      . DG  A 1 6  ? 0.343   9.561   4.668   1.00 18.57 ? 6   DG  A P      1 
ATOM   188 O  OP1    . DG  A 1 6  ? 1.098   10.826  4.641   1.00 20.08 ? 6   DG  A OP1    1 
ATOM   189 O  OP2    . DG  A 1 6  ? -0.310  9.096   5.909   1.00 20.44 ? 6   DG  A OP2    1 
ATOM   190 O  "O5'"  . DG  A 1 6  ? -0.880  9.648   3.647   1.00 18.44 ? 6   DG  A "O5'"  1 
ATOM   191 C  "C5'"  . DG  A 1 6  ? -0.648  9.951   2.284   1.00 17.66 ? 6   DG  A "C5'"  1 
ATOM   192 C  "C4'"  . DG  A 1 6  ? -1.919  9.910   1.461   1.00 17.24 ? 6   DG  A "C4'"  1 
ATOM   193 O  "O4'"  . DG  A 1 6  ? -2.262  8.530   1.202   1.00 17.20 ? 6   DG  A "O4'"  1 
ATOM   194 C  "C3'"  . DG  A 1 6  ? -3.135  10.547  2.105   1.00 17.68 ? 6   DG  A "C3'"  1 
ATOM   195 O  "O3'"  . DG  A 1 6  ? -3.755  11.391  1.155   1.00 19.23 ? 6   DG  A "O3'"  1 
ATOM   196 C  "C2'"  . DG  A 1 6  ? -4.001  9.353   2.525   1.00 17.35 ? 6   DG  A "C2'"  1 
ATOM   197 C  "C1'"  . DG  A 1 6  ? -3.640  8.321   1.478   1.00 16.40 ? 6   DG  A "C1'"  1 
ATOM   198 N  N9     . DG  A 1 6  ? -3.802  6.938   1.885   1.00 14.70 ? 6   DG  A N9     1 
ATOM   199 C  C8     . DG  A 1 6  ? -3.448  6.392   3.097   1.00 14.28 ? 6   DG  A C8     1 
ATOM   200 N  N7     . DG  A 1 6  ? -3.634  5.105   3.155   1.00 14.23 ? 6   DG  A N7     1 
ATOM   201 C  C5     . DG  A 1 6  ? -4.122  4.770   1.898   1.00 13.95 ? 6   DG  A C5     1 
ATOM   202 C  C6     . DG  A 1 6  ? -4.527  3.508   1.381   1.00 13.44 ? 6   DG  A C6     1 
ATOM   203 O  O6     . DG  A 1 6  ? -4.522  2.400   1.940   1.00 13.71 ? 6   DG  A O6     1 
ATOM   204 N  N1     . DG  A 1 6  ? -4.972  3.621   0.070   1.00 13.79 ? 6   DG  A N1     1 
ATOM   205 C  C2     . DG  A 1 6  ? -5.025  4.781   -0.651  1.00 14.63 ? 6   DG  A C2     1 
ATOM   206 N  N2     . DG  A 1 6  ? -5.487  4.676   -1.907  1.00 15.91 ? 6   DG  A N2     1 
ATOM   207 N  N3     . DG  A 1 6  ? -4.662  5.962   -0.184  1.00 14.55 ? 6   DG  A N3     1 
ATOM   208 C  C4     . DG  A 1 6  ? -4.234  5.889   1.102   1.00 14.14 ? 6   DG  A C4     1 
ATOM   209 H  "H5'"  . DG  A 1 6  ? -0.019  9.308   1.922   1.00 21.19 ? 6   DG  A "H5'"  1 
ATOM   210 H  "H5''" . DG  A 1 6  ? -0.262  10.838  2.222   1.00 21.19 ? 6   DG  A "H5''" 1 
ATOM   211 H  "H4'"  . DG  A 1 6  ? -1.751  10.351  0.614   1.00 20.68 ? 6   DG  A "H4'"  1 
ATOM   212 H  "H3'"  . DG  A 1 6  ? -2.869  11.059  2.885   1.00 21.22 ? 6   DG  A "H3'"  1 
ATOM   213 H  "H2'"  . DG  A 1 6  ? -3.758  9.045   3.412   1.00 20.82 ? 6   DG  A "H2'"  1 
ATOM   214 H  "H2''" . DG  A 1 6  ? -4.944  9.577   2.480   1.00 20.82 ? 6   DG  A "H2''" 1 
ATOM   215 H  "H1'"  . DG  A 1 6  ? -4.157  8.484   0.673   1.00 19.69 ? 6   DG  A "H1'"  1 
ATOM   216 H  H8     . DG  A 1 6  ? -3.104  6.892   3.802   1.00 17.14 ? 6   DG  A H8     1 
ATOM   217 H  H1     . DG  A 1 6  ? -5.233  2.900   -0.321  1.00 16.54 ? 6   DG  A H1     1 
ATOM   218 H  H21    . DG  A 1 6  ? -5.544  5.375   -2.403  1.00 19.09 ? 6   DG  A H21    1 
ATOM   219 H  H22    . DG  A 1 6  ? -5.724  3.909   -2.214  1.00 19.09 ? 6   DG  A H22    1 
ATOM   220 P  P      . DC  A 1 7  ? -4.844  12.464  1.614   1.00 20.65 ? 7   DC  A P      1 
ATOM   221 O  OP1    . DC  A 1 7  ? -4.772  13.557  0.616   1.00 21.35 ? 7   DC  A OP1    1 
ATOM   222 O  OP2    . DC  A 1 7  ? -4.717  12.731  3.077   1.00 21.82 ? 7   DC  A OP2    1 
ATOM   223 O  "O5'"  . DC  A 1 7  ? -6.236  11.681  1.457   1.00 19.08 ? 7   DC  A "O5'"  1 
ATOM   224 C  "C5'"  . DC  A 1 7  ? -6.766  11.443  0.174   1.00 16.94 ? 7   DC  A "C5'"  1 
ATOM   225 C  "C4'"  . DC  A 1 7  ? -7.824  10.347  0.198   1.00 15.62 ? 7   DC  A "C4'"  1 
ATOM   226 O  "O4'"  . DC  A 1 7  ? -7.226  9.082   0.545   1.00 16.02 ? 7   DC  A "O4'"  1 
ATOM   227 C  "C3'"  . DC  A 1 7  ? -8.928  10.484  1.227   1.00 15.18 ? 7   DC  A "C3'"  1 
ATOM   228 O  "O3'"  . DC  A 1 7  ? -9.915  11.407  0.786   1.00 14.60 ? 7   DC  A "O3'"  1 
ATOM   229 C  "C2'"  . DC  A 1 7  ? -9.435  9.032   1.321   1.00 16.18 ? 7   DC  A "C2'"  1 
ATOM   230 C  "C1'"  . DC  A 1 7  ? -8.266  8.188   0.786   1.00 15.86 ? 7   DC  A "C1'"  1 
ATOM   231 N  N1     . DC  A 1 7  ? -7.804  7.147   1.729   1.00 15.22 ? 7   DC  A N1     1 
ATOM   232 C  C2     . DC  A 1 7  ? -7.861  5.802   1.351   1.00 14.79 ? 7   DC  A C2     1 
ATOM   233 O  O2     . DC  A 1 7  ? -8.290  5.505   0.229   1.00 15.35 ? 7   DC  A O2     1 
ATOM   234 N  N3     . DC  A 1 7  ? -7.487  4.853   2.238   1.00 14.97 ? 7   DC  A N3     1 
ATOM   235 C  C4     . DC  A 1 7  ? -7.016  5.198   3.427   1.00 15.46 ? 7   DC  A C4     1 
ATOM   236 N  N4     . DC  A 1 7  ? -6.659  4.222   4.275   1.00 15.51 ? 7   DC  A N4     1 
ATOM   237 C  C5     . DC  A 1 7  ? -6.897  6.565   3.809   1.00 15.49 ? 7   DC  A C5     1 
ATOM   238 C  C6     . DC  A 1 7  ? -7.301  7.497   2.930   1.00 15.66 ? 7   DC  A C6     1 
ATOM   239 H  "H5'"  . DC  A 1 7  ? -6.048  11.176  -0.420  1.00 20.32 ? 7   DC  A "H5'"  1 
ATOM   240 H  "H5''" . DC  A 1 7  ? -7.166  12.262  -0.160  1.00 20.32 ? 7   DC  A "H5''" 1 
ATOM   241 H  "H4'"  . DC  A 1 7  ? -8.223  10.275  -0.683  1.00 18.74 ? 7   DC  A "H4'"  1 
ATOM   242 H  "H3'"  . DC  A 1 7  ? -8.558  10.766  2.078   1.00 18.21 ? 7   DC  A "H3'"  1 
ATOM   243 H  "H2'"  . DC  A 1 7  ? -9.626  8.799   2.242   1.00 19.42 ? 7   DC  A "H2'"  1 
ATOM   244 H  "H2''" . DC  A 1 7  ? -10.222 8.911   0.767   1.00 19.42 ? 7   DC  A "H2''" 1 
ATOM   245 H  "H1'"  . DC  A 1 7  ? -8.529  7.770   -0.049  1.00 19.03 ? 7   DC  A "H1'"  1 
ATOM   246 H  H41    . DC  A 1 7  ? -6.352  4.419   5.053   1.00 18.62 ? 7   DC  A H41    1 
ATOM   247 H  H42    . DC  A 1 7  ? -6.740  3.399   4.039   1.00 18.62 ? 7   DC  A H42    1 
ATOM   248 H  H5     . DC  A 1 7  ? -6.598  6.801   4.657   1.00 18.58 ? 7   DC  A H5     1 
ATOM   249 H  H6     . DC  A 1 7  ? -7.273  8.395   3.170   1.00 18.79 ? 7   DC  A H6     1 
ATOM   250 P  P      . DC  A 1 8  ? -10.896 12.132  1.824   1.00 14.63 ? 8   DC  A P      1 
ATOM   251 O  OP1    . DC  A 1 8  ? -11.614 13.165  1.000   1.00 15.39 ? 8   DC  A OP1    1 
ATOM   252 O  OP2    . DC  A 1 8  ? -10.149 12.540  3.037   1.00 16.41 ? 8   DC  A OP2    1 
ATOM   253 O  "O5'"  . DC  A 1 8  ? -11.889 10.968  2.284   1.00 13.10 ? 8   DC  A "O5'"  1 
ATOM   254 C  "C5'"  . DC  A 1 8  ? -12.807 10.465  1.348   1.00 12.64 ? 8   DC  A "C5'"  1 
ATOM   255 C  "C4'"  . DC  A 1 8  ? -13.779 9.513   1.981   1.00 13.04 ? 8   DC  A "C4'"  1 
ATOM   256 O  "O4'"  . DC  A 1 8  ? -13.070 8.374   2.506   1.00 13.76 ? 8   DC  A "O4'"  1 
ATOM   257 C  "C3'"  . DC  A 1 8  ? -14.588 10.082  3.131   1.00 13.58 ? 8   DC  A "C3'"  1 
ATOM   258 O  "O3'"  . DC  A 1 8  ? -15.901 9.621   2.977   1.00 14.61 ? 8   DC  A "O3'"  1 
ATOM   259 C  "C2'"  . DC  A 1 8  ? -13.892 9.513   4.373   1.00 14.19 ? 8   DC  A "C2'"  1 
ATOM   260 C  "C1'"  . DC  A 1 8  ? -13.469 8.155   3.859   1.00 13.50 ? 8   DC  A "C1'"  1 
ATOM   261 N  N1     . DC  A 1 8  ? -12.330 7.513   4.550   1.00 13.60 ? 8   DC  A N1     1 
ATOM   262 C  C2     . DC  A 1 8  ? -12.411 6.157   4.883   1.00 13.03 ? 8   DC  A C2     1 
ATOM   263 O  O2     . DC  A 1 8  ? -13.456 5.533   4.651   1.00 12.74 ? 8   DC  A O2     1 
ATOM   264 N  N3     . DC  A 1 8  ? -11.340 5.562   5.444   1.00 13.35 ? 8   DC  A N3     1 
ATOM   265 C  C4     . DC  A 1 8  ? -10.245 6.261   5.699   1.00 14.08 ? 8   DC  A C4     1 
ATOM   266 N  N4     . DC  A 1 8  ? -9.206  5.611   6.241   1.00 14.41 ? 8   DC  A N4     1 
ATOM   267 C  C5     . DC  A 1 8  ? -10.135 7.646   5.354   1.00 14.54 ? 8   DC  A C5     1 
ATOM   268 C  C6     . DC  A 1 8  ? -11.189 8.221   4.782   1.00 14.17 ? 8   DC  A C6     1 
ATOM   269 H  "H5'"  . DC  A 1 8  ? -12.321 10.001  0.648   1.00 15.16 ? 8   DC  A "H5'"  1 
ATOM   270 H  "H5''" . DC  A 1 8  ? -13.297 11.204  0.956   1.00 15.16 ? 8   DC  A "H5''" 1 
ATOM   271 H  "H4'"  . DC  A 1 8  ? -14.393 9.205   1.298   1.00 15.65 ? 8   DC  A "H4'"  1 
ATOM   272 H  "H3'"  . DC  A 1 8  ? -14.556 11.051  3.128   1.00 16.30 ? 8   DC  A "H3'"  1 
ATOM   273 H  "H2'"  . DC  A 1 8  ? -13.122 10.049  4.619   1.00 17.03 ? 8   DC  A "H2'"  1 
ATOM   274 H  "H2''" . DC  A 1 8  ? -14.513 9.428   5.113   1.00 17.03 ? 8   DC  A "H2''" 1 
ATOM   275 H  "H1'"  . DC  A 1 8  ? -14.231 7.555   3.874   1.00 16.20 ? 8   DC  A "H1'"  1 
ATOM   276 H  H41    . DC  A 1 8  ? -8.479  6.035   6.420   1.00 17.29 ? 8   DC  A H41    1 
ATOM   277 H  H42    . DC  A 1 8  ? -9.266  4.770   6.412   1.00 17.29 ? 8   DC  A H42    1 
ATOM   278 H  H5     . DC  A 1 8  ? -9.352  8.123   5.514   1.00 17.45 ? 8   DC  A H5     1 
ATOM   279 H  H6     . DC  A 1 8  ? -11.147 9.117   4.538   1.00 17.00 ? 8   DC  A H6     1 
ATOM   280 P  P      . DG  A 1 9  ? -17.161 10.396  3.584   1.00 13.21 ? 9   DG  A P      1 
ATOM   281 O  OP1    . DG  A 1 9  ? -18.030 10.649  2.396   1.00 15.27 ? 9   DG  A OP1    1 
ATOM   282 O  OP2    . DG  A 1 9  ? -16.758 11.517  4.463   1.00 13.78 ? 9   DG  A OP2    1 
ATOM   283 O  "O5'"  . DG  A 1 9  ? -17.814 9.285   4.530   1.00 12.96 ? 9   DG  A "O5'"  1 
ATOM   284 C  "C5'"  . DG  A 1 9  ? -18.332 8.099   3.980   1.00 13.01 ? 9   DG  A "C5'"  1 
ATOM   285 C  "C4'"  . DG  A 1 9  ? -18.349 7.016   5.021   1.00 12.43 ? 9   DG  A "C4'"  1 
ATOM   286 O  "O4'"  . DG  A 1 9  ? -16.981 6.683   5.369   1.00 11.55 ? 9   DG  A "O4'"  1 
ATOM   287 C  "C3'"  . DG  A 1 9  ? -19.023 7.370   6.370   1.00 12.75 ? 9   DG  A "C3'"  1 
ATOM   288 O  "O3'"  . DG  A 1 9  ? -19.763 6.270   6.861   1.00 14.93 ? 9   DG  A "O3'"  1 
ATOM   289 C  "C2'"  . DG  A 1 9  ? -17.860 7.620   7.283   1.00 11.78 ? 9   DG  A "C2'"  1 
ATOM   290 C  "C1'"  . DG  A 1 9  ? -16.914 6.560   6.767   1.00 11.12 ? 9   DG  A "C1'"  1 
ATOM   291 N  N9     . DG  A 1 9  ? -15.546 6.702   7.208   1.00 10.75 ? 9   DG  A N9     1 
ATOM   292 C  C8     . DG  A 1 9  ? -14.806 7.851   7.320   1.00 11.46 ? 9   DG  A C8     1 
ATOM   293 N  N7     . DG  A 1 9  ? -13.601 7.640   7.770   1.00 11.82 ? 9   DG  A N7     1 
ATOM   294 C  C5     . DG  A 1 9  ? -13.537 6.263   7.944   1.00 11.21 ? 9   DG  A C5     1 
ATOM   295 C  C6     . DG  A 1 9  ? -12.495 5.458   8.444   1.00 11.65 ? 9   DG  A C6     1 
ATOM   296 O  O6     . DG  A 1 9  ? -11.373 5.809   8.836   1.00 12.69 ? 9   DG  A O6     1 
ATOM   297 N  N1     . DG  A 1 9  ? -12.863 4.112   8.488   1.00 11.26 ? 9   DG  A N1     1 
ATOM   298 C  C2     . DG  A 1 9  ? -14.076 3.613   8.072   1.00 10.41 ? 9   DG  A C2     1 
ATOM   299 N  N2     . DG  A 1 9  ? -14.234 2.277   8.180   1.00 10.99 ? 9   DG  A N2     1 
ATOM   300 N  N3     . DG  A 1 9  ? -15.065 4.368   7.610   1.00 10.44 ? 9   DG  A N3     1 
ATOM   301 C  C4     . DG  A 1 9  ? -14.722 5.676   7.582   1.00 10.43 ? 9   DG  A C4     1 
ATOM   302 H  "H5'"  . DG  A 1 9  ? -17.778 7.820   3.235   1.00 15.61 ? 9   DG  A "H5'"  1 
ATOM   303 H  "H5''" . DG  A 1 9  ? -19.236 8.258   3.667   1.00 15.61 ? 9   DG  A "H5''" 1 
ATOM   304 H  "H4'"  . DG  A 1 9  ? -18.781 6.231   4.651   1.00 14.91 ? 9   DG  A "H4'"  1 
ATOM   305 H  "H3'"  . DG  A 1 9  ? -19.578 8.161   6.287   1.00 15.30 ? 9   DG  A "H3'"  1 
ATOM   306 H  "H2'"  . DG  A 1 9  ? -17.496 8.510   7.155   1.00 14.14 ? 9   DG  A "H2'"  1 
ATOM   307 H  "H2''" . DG  A 1 9  ? -18.099 7.459   8.209   1.00 14.14 ? 9   DG  A "H2''" 1 
ATOM   308 H  "H1'"  . DG  A 1 9  ? -17.243 5.685   7.026   1.00 13.34 ? 9   DG  A "H1'"  1 
ATOM   309 H  H8     . DG  A 1 9  ? -15.136 8.695   7.113   1.00 13.75 ? 9   DG  A H8     1 
ATOM   310 H  H1     . DG  A 1 9  ? -12.268 3.546   8.742   1.00 13.51 ? 9   DG  A H1     1 
ATOM   311 H  H21    . DG  A 1 9  ? -14.977 1.912   7.950   1.00 13.19 ? 9   DG  A H21    1 
ATOM   312 H  H22    . DG  A 1 9  ? -13.590 1.791   8.480   1.00 13.19 ? 9   DG  A H22    1 
ATOM   313 P  P      . DA  A 1 10 ? -21.337 6.278   6.967   1.00 17.97 ? 10  DA  A P      1 
ATOM   314 O  OP1    . DA  A 1 10 ? -21.766 6.704   5.617   1.00 19.37 ? 10  DA  A OP1    1 
ATOM   315 O  OP2    . DA  A 1 10 ? -21.825 7.031   8.139   1.00 20.45 ? 10  DA  A OP2    1 
ATOM   316 O  "O5'"  . DA  A 1 10 ? -21.699 4.771   7.214   1.00 17.85 ? 10  DA  A "O5'"  1 
ATOM   317 C  "C5'"  . DA  A 1 10 ? -21.282 3.817   6.318   1.00 17.53 ? 10  DA  A "C5'"  1 
ATOM   318 C  "C4'"  . DA  A 1 10 ? -22.354 2.766   6.078   1.00 16.40 ? 10  DA  A "C4'"  1 
ATOM   319 O  "O4'"  . DA  A 1 10 ? -21.850 1.903   5.047   1.00 15.09 ? 10  DA  A "O4'"  1 
ATOM   320 C  "C3'"  . DA  A 1 10 ? -22.657 1.868   7.255   1.00 17.96 ? 10  DA  A "C3'"  1 
ATOM   321 O  "O3'"  . DA  A 1 10 ? -23.998 1.416   7.239   1.00 20.55 ? 10  DA  A "O3'"  1 
ATOM   322 C  "C2'"  . DA  A 1 10 ? -21.677 0.722   7.073   1.00 15.38 ? 10  DA  A "C2'"  1 
ATOM   323 C  "C1'"  . DA  A 1 10 ? -21.514 0.629   5.566   1.00 14.04 ? 10  DA  A "C1'"  1 
ATOM   324 N  N9     . DA  A 1 10 ? -20.162 0.317   5.098   1.00 13.11 ? 10  DA  A N9     1 
ATOM   325 C  C8     . DA  A 1 10 ? -19.862 -0.467  4.024   1.00 13.63 ? 10  DA  A C8     1 
ATOM   326 N  N7     . DA  A 1 10 ? -18.583 -0.574  3.784   1.00 13.48 ? 10  DA  A N7     1 
ATOM   327 C  C5     . DA  A 1 10 ? -17.989 0.210   4.760   1.00 11.82 ? 10  DA  A C5     1 
ATOM   328 C  C6     . DA  A 1 10 ? -16.648 0.523   5.019   1.00 11.43 ? 10  DA  A C6     1 
ATOM   329 N  N6     . DA  A 1 10 ? -15.628 0.021   4.302   1.00 12.69 ? 10  DA  A N6     1 
ATOM   330 N  N1     . DA  A 1 10 ? -16.379 1.351   6.050   1.00 10.83 ? 10  DA  A N1     1 
ATOM   331 C  C2     . DA  A 1 10 ? -17.396 1.830   6.751   1.00 10.41 ? 10  DA  A C2     1 
ATOM   332 N  N3     . DA  A 1 10 ? -18.695 1.583   6.624   1.00 11.07 ? 10  DA  A N3     1 
ATOM   333 C  C4     . DA  A 1 10 ? -18.933 0.795   5.567   1.00 11.63 ? 10  DA  A C4     1 
ATOM   334 H  "H5'"  . DA  A 1 10 ? -20.487 3.383   6.665   1.00 21.03 ? 10  DA  A "H5'"  1 
ATOM   335 H  "H5''" . DA  A 1 10 ? -21.067 4.246   5.476   1.00 21.03 ? 10  DA  A "H5''" 1 
ATOM   336 H  "H4'"  . DA  A 1 10 ? -23.170 3.194   5.776   1.00 19.69 ? 10  DA  A "H4'"  1 
ATOM   337 H  "H3'"  . DA  A 1 10 ? -22.472 2.335   8.086   1.00 21.56 ? 10  DA  A "H3'"  1 
ATOM   338 H  "HO3'" . DA  A 1 10 ? -24.510 1.598   7.879   1.00 24.66 ? 10  DA  A "HO3'" 1 
ATOM   339 H  "H2'"  . DA  A 1 10 ? -20.829 0.928   7.497   1.00 18.46 ? 10  DA  A "H2'"  1 
ATOM   340 H  "H2''" . DA  A 1 10 ? -22.046 -0.101  7.428   1.00 18.46 ? 10  DA  A "H2''" 1 
ATOM   341 H  "H1'"  . DA  A 1 10 ? -22.134 -0.031  5.218   1.00 16.85 ? 10  DA  A "H1'"  1 
ATOM   342 H  H8     . DA  A 1 10 ? -20.510 -0.910  3.524   1.00 16.35 ? 10  DA  A H8     1 
ATOM   343 H  H61    . DA  A 1 10 ? -14.818 0.230   4.502   1.00 15.23 ? 10  DA  A H61    1 
ATOM   344 H  H62    . DA  A 1 10 ? -15.785 -0.507  3.643   1.00 15.23 ? 10  DA  A H62    1 
ATOM   345 H  H2     . DA  A 1 10 ? -17.163 2.380   7.464   1.00 12.50 ? 10  DA  A H2     1 
HETATM 346 BA BA     . BA  B 2 .  ? -0.098  -3.741  0.293   0.82 16.01 ? 101 BA  A BA     1 
HETATM 347 RU RU     . 0TN C 3 .  ? 11.051  -8.353  -2.890  1.00 9.87  ? 102 0TN A RU     1 
HETATM 348 C  C1     . 0TN C 3 .  ? 10.388  -6.875  -5.282  1.00 9.96  ? 102 0TN A C1     1 
HETATM 349 N  N1     . 0TN C 3 .  ? 9.322   -8.549  -4.016  1.00 10.45 ? 102 0TN A N1     1 
HETATM 350 C  C2     . 0TN C 3 .  ? 12.460  -6.173  -4.513  1.00 10.58 ? 102 0TN A C2     1 
HETATM 351 N  N2     . 0TN C 3 .  ? 11.368  -6.929  -4.358  1.00 9.95  ? 102 0TN A N2     1 
HETATM 352 C  C3     . 0TN C 3 .  ? 12.624  -5.358  -5.625  1.00 11.28 ? 102 0TN A C3     1 
HETATM 353 N  N3     . 0TN C 3 .  ? 9.533   -5.330  -8.510  1.00 12.22 ? 102 0TN A N3     1 
HETATM 354 C  C4     . 0TN C 3 .  ? 11.647  -5.299  -6.595  1.00 11.24 ? 102 0TN A C4     1 
HETATM 355 N  N4     . 0TN C 3 .  ? 7.236   -6.865  -8.019  1.00 11.90 ? 102 0TN A N4     1 
HETATM 356 C  C5     . 0TN C 3 .  ? 10.494  -6.083  -6.432  1.00 10.90 ? 102 0TN A C5     1 
HETATM 357 N  N5     . 0TN C 3 .  ? 12.103  -9.799  -3.944  1.00 11.12 ? 102 0TN A N5     1 
HETATM 358 C  C6     . 0TN C 3 .  ? 9.418   -6.064  -7.383  1.00 11.17 ? 102 0TN A C6     1 
HETATM 359 C  C7     . 0TN C 3 .  ? 8.275   -6.876  -7.143  1.00 10.96 ? 102 0TN A C7     1 
HETATM 360 C  C8     . 0TN C 3 .  ? 8.211   -7.696  -5.981  1.00 10.60 ? 102 0TN A C8     1 
HETATM 361 N  N8     . 0TN C 3 .  ? 10.741  -10.016 -1.693  1.00 10.88 ? 102 0TN A N8     1 
HETATM 362 C  C9     . 0TN C 3 .  ? 7.125   -8.535  -5.705  1.00 11.41 ? 102 0TN A C9     1 
HETATM 363 N  N9     . 0TN C 3 .  ? 10.166  -6.987  -1.600  1.00 9.78  ? 102 0TN A N9     1 
HETATM 364 C  C10    . 0TN C 3 .  ? 9.301   -7.741  -5.103  1.00 10.01 ? 102 0TN A C10    1 
HETATM 365 C  C11    . 0TN C 3 .  ? 7.159   -9.348  -4.590  1.00 12.30 ? 102 0TN A C11    1 
HETATM 366 C  C12    . 0TN C 3 .  ? 8.272   -9.349  -3.741  1.00 11.43 ? 102 0TN A C12    1 
HETATM 367 N  N12    . 0TN C 3 .  ? 12.700  -7.745  -1.791  1.00 9.70  ? 102 0TN A N12    1 
HETATM 368 C  C13    . 0TN C 3 .  ? 7.346   -6.093  -9.127  1.00 12.88 ? 102 0TN A C13    1 
HETATM 369 C  C14    . 0TN C 3 .  ? 6.298   -6.088  -10.046 1.00 14.16 ? 102 0TN A C14    1 
HETATM 370 C  C15    . 0TN C 3 .  ? 8.503   -5.339  -9.389  1.00 13.11 ? 102 0TN A C15    1 
HETATM 371 C  C16    . 0TN C 3 .  ? 8.596   -4.574  -10.559 1.00 14.93 ? 102 0TN A C16    1 
HETATM 372 C  C17    . 0TN C 3 .  ? 7.542   -4.568  -11.460 1.00 15.41 ? 102 0TN A C17    1 
HETATM 373 C  C18    . 0TN C 3 .  ? 6.413   -5.342  -11.201 1.00 14.89 ? 102 0TN A C18    1 
HETATM 374 C  C19    . 0TN C 3 .  ? 12.090  -11.012 -3.334  1.00 11.91 ? 102 0TN A C19    1 
HETATM 375 C  C20    . 0TN C 3 .  ? 12.786  -9.633  -5.092  1.00 12.28 ? 102 0TN A C20    1 
HETATM 376 C  C21    . 0TN C 3 .  ? 13.498  -10.705 -5.661  1.00 13.63 ? 102 0TN A C21    1 
HETATM 377 C  C22    . 0TN C 3 .  ? 12.776  -12.131 -3.860  1.00 13.31 ? 102 0TN A C22    1 
HETATM 378 C  C23    . 0TN C 3 .  ? 12.740  -13.358 -3.183  1.00 14.34 ? 102 0TN A C23    1 
HETATM 379 C  C24    . 0TN C 3 .  ? 12.023  -13.464 -1.995  1.00 14.21 ? 102 0TN A C24    1 
HETATM 380 C  C25    . 0TN C 3 .  ? 11.311  -12.358 -1.492  1.00 13.29 ? 102 0TN A C25    1 
HETATM 381 C  C26    . 0TN C 3 .  ? 11.375  -11.116 -2.140  1.00 11.42 ? 102 0TN A C26    1 
HETATM 382 C  C27    . 0TN C 3 .  ? 9.917   -11.301 0.153   1.00 13.68 ? 102 0TN A C27    1 
HETATM 383 C  C28    . 0TN C 3 .  ? 10.029  -10.090 -0.561  1.00 12.09 ? 102 0TN A C28    1 
HETATM 384 C  C29    . 0TN C 3 .  ? 11.074  -6.305  -0.851  1.00 9.90  ? 102 0TN A C29    1 
HETATM 385 C  C30    . 0TN C 3 .  ? 8.861   -6.688  -1.469  1.00 10.44 ? 102 0TN A C30    1 
HETATM 386 C  C31    . 0TN C 3 .  ? 8.433   -5.688  -0.592  1.00 11.27 ? 102 0TN A C31    1 
HETATM 387 C  C32    . 0TN C 3 .  ? 10.704  -5.286  0.049   1.00 10.51 ? 102 0TN A C32    1 
HETATM 388 C  C33    . 0TN C 3 .  ? 11.707  -4.624  0.779   1.00 11.00 ? 102 0TN A C33    1 
HETATM 389 C  C34    . 0TN C 3 .  ? 13.051  -4.983  0.623   1.00 10.97 ? 102 0TN A C34    1 
HETATM 390 C  C35    . 0TN C 3 .  ? 13.415  -6.061  -0.209  1.00 10.44 ? 102 0TN A C35    1 
HETATM 391 C  C36    . 0TN C 3 .  ? 12.426  -6.717  -0.957  1.00 9.74  ? 102 0TN A C36    1 
HETATM 392 C  C37    . 0TN C 3 .  ? 15.006  -7.565  -1.193  1.00 10.31 ? 102 0TN A C37    1 
HETATM 393 C  C38    . 0TN C 3 .  ? 13.963  -8.163  -1.919  1.00 10.14 ? 102 0TN A C38    1 
HETATM 394 C  C41    . 0TN C 3 .  ? 13.475  -11.947 -5.047  1.00 14.24 ? 102 0TN A C41    1 
HETATM 395 C  C42    . 0TN C 3 .  ? 10.569  -12.430 -0.320  1.00 13.97 ? 102 0TN A C42    1 
HETATM 396 C  C43    . 0TN C 3 .  ? 9.353   -4.988  0.165   1.00 11.42 ? 102 0TN A C43    1 
HETATM 397 C  C44    . 0TN C 3 .  ? 14.737  -6.481  -0.369  1.00 10.61 ? 102 0TN A C44    1 
HETATM 398 H  H1     . 0TN C 3 .  ? 13.264  -6.250  -3.792  1.00 12.70 ? 102 0TN A H1     1 
HETATM 399 H  H2     . 0TN C 3 .  ? 13.530  -4.775  -5.738  1.00 13.54 ? 102 0TN A H2     1 
HETATM 400 H  H3     . 0TN C 3 .  ? 11.764  -4.660  -7.461  1.00 13.48 ? 102 0TN A H3     1 
HETATM 401 H  H4     . 0TN C 3 .  ? 6.306   -8.613  -6.410  1.00 13.70 ? 102 0TN A H4     1 
HETATM 402 H  H5     . 0TN C 3 .  ? 6.315   -9.990  -4.369  1.00 14.75 ? 102 0TN A H5     1 
HETATM 403 H  H6     . 0TN C 3 .  ? 8.242   -9.900  -2.808  1.00 13.72 ? 102 0TN A H6     1 
HETATM 404 H  H7     . 0TN C 3 .  ? 5.453   -6.753  -9.911  1.00 16.99 ? 102 0TN A H7     1 
HETATM 405 H  H8     . 0TN C 3 .  ? 9.414   -3.876  -10.683 1.00 17.92 ? 102 0TN A H8     1 
HETATM 406 H  H9     . 0TN C 3 .  ? 7.552   -3.887  -12.301 1.00 18.49 ? 102 0TN A H9     1 
HETATM 407 H  H10    . 0TN C 3 .  ? 5.587   -5.324  -11.903 1.00 17.87 ? 102 0TN A H10    1 
HETATM 408 H  H11    . 0TN C 3 .  ? 12.815  -8.657  -5.564  1.00 14.74 ? 102 0TN A H11    1 
HETATM 409 H  H12    . 0TN C 3 .  ? 14.051  -10.563 -6.581  1.00 16.36 ? 102 0TN A H12    1 
HETATM 410 H  H13    . 0TN C 3 .  ? 13.247  -14.223 -3.594  1.00 17.21 ? 102 0TN A H13    1 
HETATM 411 H  H14    . 0TN C 3 .  ? 11.953  -14.420 -1.492  1.00 17.05 ? 102 0TN A H14    1 
HETATM 412 H  H15    . 0TN C 3 .  ? 9.356   -11.340 1.079   1.00 16.42 ? 102 0TN A H15    1 
HETATM 413 H  H16    . 0TN C 3 .  ? 9.524   -9.207  -0.192  1.00 14.50 ? 102 0TN A H16    1 
HETATM 414 H  H17    . 0TN C 3 .  ? 8.135   -7.186  -2.100  1.00 12.53 ? 102 0TN A H17    1 
HETATM 415 H  H18    . 0TN C 3 .  ? 7.393   -5.387  -0.586  1.00 13.52 ? 102 0TN A H18    1 
HETATM 416 H  H19    . 0TN C 3 .  ? 11.435  -3.851  1.487   1.00 13.20 ? 102 0TN A H19    1 
HETATM 417 H  H20    . 0TN C 3 .  ? 13.799  -4.531  1.263   1.00 13.17 ? 102 0TN A H20    1 
HETATM 418 H  H21    . 0TN C 3 .  ? 16.032  -7.854  -1.388  1.00 12.37 ? 102 0TN A H21    1 
HETATM 419 H  H22    . 0TN C 3 .  ? 14.198  -8.915  -2.661  1.00 12.17 ? 102 0TN A H22    1 
HETATM 420 H  H23    . 0TN C 3 .  ? 14.021  -12.774 -5.483  1.00 17.09 ? 102 0TN A H23    1 
HETATM 421 H  H24    . 0TN C 3 .  ? 10.518  -13.360 0.234   1.00 16.77 ? 102 0TN A H24    1 
HETATM 422 H  H25    . 0TN C 3 .  ? 9.028   -4.169  0.795   1.00 13.71 ? 102 0TN A H25    1 
HETATM 423 H  H26    . 0TN C 3 .  ? 15.532  -6.016  0.201   1.00 12.73 ? 102 0TN A H26    1 
HETATM 424 RU RU     . 0TN D 3 .  ? 7.949   3.522   -2.761  1.00 14.06 ? 103 0TN A RU     1 
HETATM 425 C  C1     . 0TN D 3 .  ? 6.905   6.177   -3.152  1.00 15.27 ? 103 0TN A C1     1 
HETATM 426 N  N1     . 0TN D 3 .  ? 8.059   4.632   -4.492  1.00 14.38 ? 103 0TN A N1     1 
HETATM 427 C  C2     . 0TN D 3 .  ? 6.395   5.457   -0.999  1.00 17.26 ? 103 0TN A C2     1 
HETATM 428 N  N2     . 0TN D 3 .  ? 6.921   5.210   -2.202  1.00 15.26 ? 103 0TN A N2     1 
HETATM 429 C  C3     . 0TN D 3 .  ? 5.784   6.684   -0.732  1.00 17.48 ? 103 0TN A C3     1 
HETATM 430 N  N3     . 0TN D 3 .  ? 5.769   9.594   -3.832  1.00 16.33 ? 103 0TN A N3     1 
HETATM 431 C  C4     . 0TN D 3 .  ? 5.756   7.667   -1.722  1.00 17.12 ? 103 0TN A C4     1 
HETATM 432 N  N4     . 0TN D 3 .  ? 6.969   8.952   -6.271  1.00 15.37 ? 103 0TN A N4     1 
HETATM 433 C  C5     . 0TN D 3 .  ? 6.322   7.438   -2.974  1.00 16.22 ? 103 0TN A C5     1 
HETATM 434 N  N5     . 0TN D 3 .  ? 9.790   4.274   -2.172  1.00 15.21 ? 103 0TN A N5     1 
HETATM 435 C  C6     . 0TN D 3 .  ? 6.346   8.391   -4.026  1.00 15.72 ? 103 0TN A C6     1 
HETATM 436 C  C7     . 0TN D 3 .  ? 6.940   8.046   -5.257  1.00 15.16 ? 103 0TN A C7     1 
HETATM 437 C  C8     . 0TN D 3 .  ? 7.523   6.768   -5.436  1.00 14.69 ? 103 0TN A C8     1 
HETATM 438 N  N8     . 0TN D 3 .  ? 9.185   1.981   -3.351  1.00 13.35 ? 103 0TN A N8     1 
HETATM 439 C  C9     . 0TN D 3 .  ? 8.135   6.374   -6.638  1.00 15.04 ? 103 0TN A C9     1 
HETATM 440 N  N9     . 0TN D 3 .  ? 6.195   2.517   -3.230  1.00 13.99 ? 103 0TN A N9     1 
HETATM 441 C  C10    . 0TN D 3 .  ? 7.511   5.860   -4.369  1.00 14.77 ? 103 0TN A C10    1 
HETATM 442 C  C11    . 0TN D 3 .  ? 8.702   5.119   -6.741  1.00 14.74 ? 103 0TN A C11    1 
HETATM 443 C  C12    . 0TN D 3 .  ? 8.652   4.264   -5.641  1.00 14.82 ? 103 0TN A C12    1 
HETATM 444 N  N12    . 0TN D 3 .  ? 7.620   2.477   -1.004  1.00 14.61 ? 103 0TN A N12    1 
HETATM 445 C  C13    . 0TN D 3 .  ? 6.411   10.171  -6.075  1.00 16.14 ? 103 0TN A C13    1 
HETATM 446 C  C14    . 0TN D 3 .  ? 6.427   11.115  -7.094  1.00 16.86 ? 103 0TN A C14    1 
HETATM 447 C  C15    . 0TN D 3 .  ? 5.802   10.491  -4.853  1.00 16.97 ? 103 0TN A C15    1 
HETATM 448 C  C16    . 0TN D 3 .  ? 5.221   11.753  -4.666  1.00 18.84 ? 103 0TN A C16    1 
HETATM 449 C  C17    . 0TN D 3 .  ? 5.245   12.685  -5.697  1.00 19.31 ? 103 0TN A C17    1 
HETATM 450 C  C18    . 0TN D 3 .  ? 5.855   12.369  -6.910  1.00 18.17 ? 103 0TN A C18    1 
HETATM 451 C  C19    . 0TN D 3 .  ? 10.790  3.409   -2.409  1.00 15.89 ? 103 0TN A C19    1 
HETATM 452 C  C20    . 0TN D 3 .  ? 10.018  5.435   -1.585  1.00 17.75 ? 103 0TN A C20    1 
HETATM 453 C  C21    . 0TN D 3 .  ? 11.320  5.774   -1.220  1.00 19.57 ? 103 0TN A C21    1 
HETATM 454 C  C22    . 0TN D 3 .  ? 12.111  3.688   -2.055  1.00 18.51 ? 103 0TN A C22    1 
HETATM 455 C  C23    . 0TN D 3 .  ? 13.114  2.749   -2.316  1.00 19.38 ? 103 0TN A C23    1 
HETATM 456 C  C24    . 0TN D 3 .  ? 12.793  1.528   -2.914  1.00 18.34 ? 103 0TN A C24    1 
HETATM 457 C  C25    . 0TN D 3 .  ? 11.475  1.230   -3.266  1.00 15.91 ? 103 0TN A C25    1 
HETATM 458 C  C26    . 0TN D 3 .  ? 10.477  2.168   -2.992  1.00 14.63 ? 103 0TN A C26    1 
HETATM 459 C  C27    . 0TN D 3 .  ? 9.768   -0.138  -4.237  1.00 13.83 ? 103 0TN A C27    1 
HETATM 460 C  C28    . 0TN D 3 .  ? 8.809   0.841   -3.948  1.00 13.44 ? 103 0TN A C28    1 
HETATM 461 C  C29    . 0TN D 3 .  ? 5.756   1.736   -2.217  1.00 14.49 ? 103 0TN A C29    1 
HETATM 462 C  C30    . 0TN D 3 .  ? 5.509   2.598   -4.375  1.00 14.84 ? 103 0TN A C30    1 
HETATM 463 C  C31    . 0TN D 3 .  ? 4.329   1.869   -4.541  1.00 15.59 ? 103 0TN A C31    1 
HETATM 464 C  C32    . 0TN D 3 .  ? 4.592   0.971   -2.317  1.00 14.70 ? 103 0TN A C32    1 
HETATM 465 C  C33    . 0TN D 3 .  ? 4.195   0.172   -1.235  1.00 15.15 ? 103 0TN A C33    1 
HETATM 466 C  C34    . 0TN D 3 .  ? 4.974   0.133   -0.080  1.00 15.39 ? 103 0TN A C34    1 
HETATM 467 C  C35    . 0TN D 3 .  ? 6.131   0.913   0.035   1.00 15.16 ? 103 0TN A C35    1 
HETATM 468 C  C36    . 0TN D 3 .  ? 6.518   1.713   -1.042  1.00 14.61 ? 103 0TN A C36    1 
HETATM 469 C  C37    . 0TN D 3 .  ? 8.081   1.682   1.198   1.00 17.06 ? 103 0TN A C37    1 
HETATM 470 C  C38    . 0TN D 3 .  ? 8.413   2.464   0.084   1.00 16.04 ? 103 0TN A C38    1 
HETATM 471 C  C41    . 0TN D 3 .  ? 12.378  4.899   -1.437  1.00 19.60 ? 103 0TN A C41    1 
HETATM 472 C  C42    . 0TN D 3 .  ? 11.107  0.058   -3.905  1.00 14.62 ? 103 0TN A C42    1 
HETATM 473 C  C43    . 0TN D 3 .  ? 3.863   1.045   -3.503  1.00 15.33 ? 103 0TN A C43    1 
HETATM 474 C  C44    . 0TN D 3 .  ? 6.934   0.899   1.177   1.00 16.56 ? 103 0TN A C44    1 
HETATM 475 H  H1     . 0TN D 3 .  ? 6.414   4.688   -0.236  1.00 20.71 ? 103 0TN A H1     1 
HETATM 476 H  H2     . 0TN D 3 .  ? 5.341   6.874   0.238   1.00 20.97 ? 103 0TN A H2     1 
HETATM 477 H  H3     . 0TN D 3 .  ? 5.295   8.624   -1.512  1.00 20.54 ? 103 0TN A H3     1 
HETATM 478 H  H4     . 0TN D 3 .  ? 8.199   7.067   -7.467  1.00 18.05 ? 103 0TN A H4     1 
HETATM 479 H  H5     . 0TN D 3 .  ? 9.191   4.810   -7.656  1.00 17.68 ? 103 0TN A H5     1 
HETATM 480 H  H6     . 0TN D 3 .  ? 9.081   3.274   -5.721  1.00 17.78 ? 103 0TN A H6     1 
HETATM 481 H  H7     . 0TN D 3 .  ? 6.872   10.864  -8.049  1.00 20.23 ? 103 0TN A H7     1 
HETATM 482 H  H8     . 0TN D 3 .  ? 4.758   12.003  -3.720  1.00 22.61 ? 103 0TN A H8     1 
HETATM 483 H  H9     . 0TN D 3 .  ? 4.785   13.656  -5.561  1.00 23.17 ? 103 0TN A H9     1 
HETATM 484 H  H10    . 0TN D 3 .  ? 5.844   13.083  -7.724  1.00 21.80 ? 103 0TN A H10    1 
HETATM 485 H  H11    . 0TN D 3 .  ? 9.201   6.122   -1.397  1.00 21.30 ? 103 0TN A H11    1 
HETATM 486 H  H12    . 0TN D 3 .  ? 11.506  6.723   -0.733  1.00 23.48 ? 103 0TN A H12    1 
HETATM 487 H  H13    . 0TN D 3 .  ? 14.139  2.964   -2.043  1.00 23.26 ? 103 0TN A H13    1 
HETATM 488 H  H14    . 0TN D 3 .  ? 13.580  0.818   -3.135  1.00 22.01 ? 103 0TN A H14    1 
HETATM 489 H  H15    . 0TN D 3 .  ? 9.462   -1.067  -4.699  1.00 16.59 ? 103 0TN A H15    1 
HETATM 490 H  H16    . 0TN D 3 .  ? 7.765   0.664   -4.177  1.00 16.13 ? 103 0TN A H16    1 
HETATM 491 H  H17    . 0TN D 3 .  ? 5.861   3.242   -5.171  1.00 17.80 ? 103 0TN A H17    1 
HETATM 492 H  H18    . 0TN D 3 .  ? 3.778   1.935   -5.471  1.00 18.70 ? 103 0TN A H18    1 
HETATM 493 H  H19    . 0TN D 3 .  ? 3.295   -0.427  -1.302  1.00 18.17 ? 103 0TN A H19    1 
HETATM 494 H  H20    . 0TN D 3 .  ? 4.658   -0.477  0.757   1.00 18.46 ? 103 0TN A H20    1 
HETATM 495 H  H21    . 0TN D 3 .  ? 8.706   1.703   2.081   1.00 20.47 ? 103 0TN A H21    1 
HETATM 496 H  H22    . 0TN D 3 .  ? 9.304   3.080   0.106   1.00 19.25 ? 103 0TN A H22    1 
HETATM 497 H  H23    . 0TN D 3 .  ? 13.387  5.162   -1.145  1.00 23.52 ? 103 0TN A H23    1 
HETATM 498 H  H24    . 0TN D 3 .  ? 11.847  -0.700  -4.131  1.00 17.55 ? 103 0TN A H24    1 
HETATM 499 H  H25    . 0TN D 3 .  ? 2.957   0.466   -3.626  1.00 18.40 ? 103 0TN A H25    1 
HETATM 500 H  H26    . 0TN D 3 .  ? 6.661   0.299   2.036   1.00 19.88 ? 103 0TN A H26    1 
HETATM 501 CL CL     . CL  E 4 .  ? 9.007   -2.012  2.752   0.76 15.81 ? 104 CL  A CL     1 
HETATM 502 O  O      . HOH F 5 .  ? -0.146  -8.627  -6.084  1.00 24.14 ? 201 HOH A O      1 
HETATM 503 O  O      . HOH F 5 .  ? 0.906   -3.132  4.970   0.55 29.39 ? 202 HOH A O      1 
HETATM 504 O  O      . HOH F 5 .  ? -2.616  7.956   5.842   1.00 29.67 ? 203 HOH A O      1 
HETATM 505 O  O      . HOH F 5 .  ? -16.057 14.019  3.980   1.00 30.18 ? 204 HOH A O      1 
HETATM 506 O  O      . HOH F 5 .  ? -19.626 9.093   0.856   1.00 16.22 ? 205 HOH A O      1 
HETATM 507 O  O      . HOH F 5 .  ? -1.105  -6.999  -2.344  1.00 33.37 ? 206 HOH A O      1 
HETATM 508 O  O      . HOH F 5 .  ? -16.122 10.836  7.023   1.00 19.64 ? 207 HOH A O      1 
HETATM 509 O  O      . HOH F 5 .  ? -10.452 14.364  -1.156  1.00 25.70 ? 208 HOH A O      1 
HETATM 510 O  O      . HOH F 5 .  ? 0.624   7.979   8.232   1.00 32.51 ? 209 HOH A O      1 
HETATM 511 O  O      . HOH F 5 .  ? 0.111   -4.366  -2.396  1.00 16.86 ? 210 HOH A O      1 
HETATM 512 O  O      . HOH F 5 .  ? -9.131  10.841  4.944   1.00 24.06 ? 211 HOH A O      1 
HETATM 513 O  O      . HOH F 5 .  ? -18.022 -2.289  1.701   1.00 27.35 ? 212 HOH A O      1 
HETATM 514 O  O      . HOH F 5 .  ? -3.172  3.806   5.551   1.00 20.54 ? 213 HOH A O      1 
HETATM 515 O  O      . HOH F 5 .  ? -12.091 9.970   8.051   1.00 23.50 ? 214 HOH A O      1 
HETATM 516 O  O      . HOH F 5 .  ? 2.728   5.578   0.248   1.00 20.33 ? 215 HOH A O      1 
HETATM 517 O  O      . HOH F 5 .  ? -0.814  -8.565  3.359   1.00 41.00 ? 216 HOH A O      1 
HETATM 518 O  O      . HOH F 5 .  ? -3.932  7.573   -2.403  1.00 34.42 ? 217 HOH A O      1 
HETATM 519 O  O      . HOH F 5 .  ? -2.262  -10.904 -7.675  1.00 35.79 ? 218 HOH A O      1 
HETATM 520 O  O      . HOH F 5 .  ? -2.896  -12.983 -6.889  1.00 39.59 ? 219 HOH A O      1 
HETATM 521 O  O      . HOH F 5 .  ? -2.505  15.261  0.905   1.00 34.09 ? 220 HOH A O      1 
HETATM 522 O  O      . HOH F 5 .  ? -0.121  7.609   -0.821  1.00 28.96 ? 221 HOH A O      1 
HETATM 523 O  O      . HOH F 5 .  ? 0.369   -6.482  0.487   1.00 18.93 ? 222 HOH A O      1 
HETATM 524 O  O      . HOH F 5 .  ? 1.089   -4.486  2.810   1.00 19.99 ? 223 HOH A O      1 
HETATM 525 O  O      . HOH F 5 .  ? 2.929   7.398   8.377   0.86 30.35 ? 224 HOH A O      1 
HETATM 526 O  O      . HOH F 5 .  ? -6.896  7.133   7.271   1.00 28.44 ? 225 HOH A O      1 
HETATM 527 O  O      . HOH F 5 .  ? 1.266   -10.623 -9.867  0.36 17.73 ? 226 HOH A O      1 
HETATM 528 O  O      . HOH F 5 .  ? -0.276  -6.104  -6.294  1.00 30.21 ? 227 HOH A O      1 
HETATM 529 O  O      . HOH F 5 .  ? -1.797  -1.472  3.396   1.00 34.14 ? 228 HOH A O      1 
HETATM 530 O  O      . HOH F 5 .  ? 3.299   -17.129 -6.416  0.94 20.08 ? 229 HOH A O      1 
HETATM 531 O  O      . HOH F 5 .  ? -21.447 9.580   4.858   1.00 42.15 ? 230 HOH A O      1 
HETATM 532 O  O      . HOH F 5 .  ? -0.932  -15.888 -4.213  1.00 30.50 ? 231 HOH A O      1 
HETATM 533 O  O      . HOH F 5 .  ? -16.042 11.630  0.327   0.50 13.98 ? 232 HOH A O      1 
HETATM 534 O  O      . HOH F 5 .  ? -2.376  -2.407  -0.589  1.00 19.59 ? 233 HOH A O      1 
HETATM 535 O  O      . HOH F 5 .  ? 4.627   3.656   0.993   1.00 21.01 ? 234 HOH A O      1 
HETATM 536 O  O      . HOH F 5 .  ? 3.689   10.383  -1.691  1.00 26.33 ? 235 HOH A O      1 
HETATM 537 O  O      . HOH F 5 .  ? 6.167   11.191  -1.189  1.00 31.72 ? 236 HOH A O      1 
HETATM 538 O  O      . HOH F 5 .  ? -6.354  10.597  4.654   1.00 38.73 ? 237 HOH A O      1 
HETATM 539 O  O      . HOH F 5 .  ? -2.287  13.693  4.856   1.00 41.83 ? 238 HOH A O      1 
HETATM 540 O  O      . HOH F 5 .  ? 7.404   -5.401  6.767   1.00 30.49 ? 239 HOH A O      1 
HETATM 541 O  O      . HOH F 5 .  ? 3.711   -13.549 -1.719  1.00 35.75 ? 240 HOH A O      1 
HETATM 542 O  O      . HOH F 5 .  ? 8.371   11.315  -2.851  1.00 35.42 ? 241 HOH A O      1 
HETATM 543 O  O      . HOH F 5 .  ? -3.172  12.401  -1.994  1.00 41.60 ? 242 HOH A O      1 
HETATM 544 O  O      . HOH F 5 .  ? -22.671 4.491   10.588  1.00 38.85 ? 243 HOH A O      1 
HETATM 545 O  O      . HOH F 5 .  ? 12.913  -4.923  -9.852  1.00 33.21 ? 244 HOH A O      1 
HETATM 546 O  O      . HOH F 5 .  ? 4.275   8.973   1.965   1.00 31.22 ? 245 HOH A O      1 
HETATM 547 O  O      . HOH F 5 .  ? 11.801  3.514   -5.769  1.00 18.50 ? 246 HOH A O      1 
HETATM 548 O  O      . HOH F 5 .  ? 0.195   -7.986  -9.120  1.00 31.41 ? 247 HOH A O      1 
HETATM 549 O  O      . HOH F 5 .  ? -1.837  -3.470  2.394   1.00 31.87 ? 248 HOH A O      1 
HETATM 550 O  O      . HOH F 5 .  ? 8.652   5.700   1.307   1.00 24.51 ? 249 HOH A O      1 
HETATM 551 O  O      . HOH F 5 .  ? 9.709   8.409   -3.426  1.00 32.96 ? 250 HOH A O      1 
HETATM 552 O  O      . HOH F 5 .  ? 7.740   3.062   4.504   1.00 29.60 ? 251 HOH A O      1 
HETATM 553 O  O      . HOH F 5 .  ? -2.349  -5.122  0.703   1.00 33.08 ? 252 HOH A O      1 
HETATM 554 O  O      . HOH F 5 .  ? 2.699   8.284   0.008   1.00 22.92 ? 253 HOH A O      1 
HETATM 555 O  O      . HOH F 5 .  ? -1.436  -3.701  -4.688  1.00 27.16 ? 254 HOH A O      1 
HETATM 556 O  O      . HOH F 5 .  ? 8.411   0.252   4.637   1.00 29.69 ? 255 HOH A O      1 
HETATM 557 O  O      . HOH F 5 .  ? 11.888  2.131   0.872   1.00 36.09 ? 256 HOH A O      1 
HETATM 558 O  O      . HOH F 5 .  ? 6.397   4.452   2.615   1.00 26.19 ? 257 HOH A O      1 
HETATM 559 O  O      . HOH F 5 .  ? 8.899   8.080   0.335   1.00 29.66 ? 258 HOH A O      1 
HETATM 560 O  O      . HOH F 5 .  ? 10.882  4.451   2.062   1.00 33.26 ? 259 HOH A O      1 
HETATM 561 O  O      . HOH F 5 .  ? 14.074  -7.834  -7.720  1.00 18.87 ? 260 HOH A O      1 
HETATM 562 O  O      . HOH F 5 .  ? 7.427   13.749  -3.635  0.67 28.60 ? 261 HOH A O      1 
HETATM 563 O  O      . HOH F 5 .  ? 5.866   7.048   3.504   1.00 34.12 ? 262 HOH A O      1 
HETATM 564 O  O      . HOH F 5 .  ? 3.066   -4.612  -9.780  1.00 29.58 ? 263 HOH A O      1 
HETATM 565 O  O      . HOH F 5 .  ? -0.904  -0.566  5.695   1.00 41.92 ? 264 HOH A O      1 
HETATM 566 O  O      A HOH F 5 .  ? -12.652 16.892  3.449   0.55 26.58 ? 265 HOH A O      1 
HETATM 567 O  O      B HOH F 5 .  ? -13.037 16.387  4.840   0.45 26.02 ? 265 HOH A O      1 
HETATM 568 O  O      . HOH F 5 .  ? 8.129   -0.306  9.952   1.00 42.04 ? 266 HOH A O      1 
HETATM 569 O  O      . HOH F 5 .  ? 6.589   10.098  0.833   1.00 36.60 ? 267 HOH A O      1 
HETATM 570 O  O      . HOH F 5 .  ? 13.965  -6.815  -9.711  1.00 35.71 ? 268 HOH A O      1 
HETATM 571 O  O      . HOH F 5 .  ? -5.246  8.998   6.107   1.00 35.87 ? 269 HOH A O      1 
HETATM 572 O  O      . HOH F 5 .  ? 2.752   -7.590  -10.580 1.00 23.37 ? 270 HOH A O      1 
HETATM 573 O  O      . HOH F 5 .  ? 13.812  7.091   -4.031  1.00 25.21 ? 271 HOH A O      1 
HETATM 574 O  O      . HOH F 5 .  ? 14.094  1.847   -6.024  1.00 28.66 ? 272 HOH A O      1 
HETATM 575 O  O      . HOH F 5 .  ? 14.476  2.747   0.910   1.00 36.02 ? 273 HOH A O      1 
HETATM 576 O  O      . HOH F 5 .  ? 13.958  8.333   -1.817  1.00 32.48 ? 274 HOH A O      1 
HETATM 577 O  O      . HOH F 5 .  ? 13.274  6.172   2.280   1.00 41.29 ? 275 HOH A O      1 
HETATM 578 O  O      . HOH F 5 .  ? 15.644  5.020   -3.336  1.00 30.59 ? 276 HOH A O      1 
HETATM 579 O  O      . HOH F 5 .  ? 15.135  7.398   0.131   0.72 28.49 ? 277 HOH A O      1 
HETATM 580 O  O      . HOH F 5 .  ? 16.026  2.069   -4.170  1.00 38.11 ? 278 HOH A O      1 
HETATM 581 O  O      . HOH F 5 .  ? 12.946  0.819   4.044   1.00 34.98 ? 279 HOH A O      1 
HETATM 582 O  O      . HOH F 5 .  ? 15.028  8.128   -5.980  1.00 32.69 ? 280 HOH A O      1 
HETATM 583 O  O      . HOH F 5 .  ? -2.264  -23.117 -2.826  1.00 34.13 ? 281 HOH A O      1 
HETATM 584 O  O      . HOH F 5 .  ? -2.186  -25.825 -2.999  1.00 39.23 ? 282 HOH A O      1 
# 
loop_
_atom_site_anisotrop.id 
_atom_site_anisotrop.type_symbol 
_atom_site_anisotrop.pdbx_label_atom_id 
_atom_site_anisotrop.pdbx_label_alt_id 
_atom_site_anisotrop.pdbx_label_comp_id 
_atom_site_anisotrop.pdbx_label_asym_id 
_atom_site_anisotrop.pdbx_label_seq_id 
_atom_site_anisotrop.pdbx_PDB_ins_code 
_atom_site_anisotrop.U[1][1] 
_atom_site_anisotrop.U[2][2] 
_atom_site_anisotrop.U[3][3] 
_atom_site_anisotrop.U[1][2] 
_atom_site_anisotrop.U[1][3] 
_atom_site_anisotrop.U[2][3] 
_atom_site_anisotrop.pdbx_auth_seq_id 
_atom_site_anisotrop.pdbx_auth_comp_id 
_atom_site_anisotrop.pdbx_auth_asym_id 
_atom_site_anisotrop.pdbx_auth_atom_id 
1   O  "O5'" A DT  A 1  ? 0.2536 0.3237 0.3480 -0.0063 0.0196  -0.0396 1   DT  A "O5'" 
2   O  "O5'" B DT  A 1  ? 0.2287 0.2807 0.3273 -0.0273 0.0273  -0.0313 1   DT  A "O5'" 
3   C  "C5'" A DT  A 1  ? 0.2164 0.2997 0.3243 -0.0169 0.0255  -0.0477 1   DT  A "C5'" 
4   C  "C5'" B DT  A 1  ? 0.2118 0.2703 0.3138 -0.0327 0.0264  -0.0355 1   DT  A "C5'" 
5   C  "C4'" A DT  A 1  ? 0.1681 0.2688 0.2977 -0.0321 0.0363  -0.0514 1   DT  A "C4'" 
6   C  "C4'" B DT  A 1  ? 0.1933 0.2575 0.2990 -0.0363 0.0244  -0.0375 1   DT  A "C4'" 
7   O  "O4'" A DT  A 1  ? 0.1268 0.2522 0.2925 -0.0402 0.0394  -0.0531 1   DT  A "O4'" 
8   O  "O4'" B DT  A 1  ? 0.1783 0.2480 0.2927 -0.0376 0.0188  -0.0395 1   DT  A "O4'" 
9   C  "C3'" A DT  A 1  ? 0.1611 0.2439 0.2759 -0.0431 0.0383  -0.0527 1   DT  A "C3'" 
10  C  "C3'" B DT  A 1  ? 0.1881 0.2484 0.2885 -0.0409 0.0261  -0.0375 1   DT  A "C3'" 
11  O  "O3'" A DT  A 1  ? 0.1635 0.2292 0.2788 -0.0575 0.0554  -0.0292 1   DT  A "O3'" 
12  O  "O3'" B DT  A 1  ? 0.1838 0.2446 0.2841 -0.0433 0.0397  -0.0281 1   DT  A "O3'" 
13  C  "C2'" A DT  A 1  ? 0.1381 0.2307 0.2674 -0.0448 0.0264  -0.0585 1   DT  A "C2'" 
14  C  "C2'" B DT  A 1  ? 0.1821 0.2422 0.2841 -0.0442 0.0163  -0.0410 1   DT  A "C2'" 
15  C  "C1'" A DT  A 1  ? 0.1160 0.2332 0.2641 -0.0445 0.0227  -0.0590 1   DT  A "C1'" 
16  C  "C1'" B DT  A 1  ? 0.1656 0.2361 0.2752 -0.0425 0.0087  -0.0425 1   DT  A "C1'" 
17  N  N1    A DT  A 1  ? 0.1147 0.2185 0.2487 -0.0471 0.0076  -0.0473 1   DT  A N1    
18  N  N1    B DT  A 1  ? 0.1396 0.2211 0.2559 -0.0430 -0.0082 -0.0377 1   DT  A N1    
19  C  C2    A DT  A 1  ? 0.1467 0.2001 0.2406 -0.0558 0.0092  -0.0327 1   DT  A C2    
20  C  C2    B DT  A 1  ? 0.1445 0.2225 0.2485 -0.0373 -0.0136 -0.0328 1   DT  A C2    
21  O  O2    A DT  A 1  ? 0.1860 0.2070 0.2402 -0.0592 0.0154  -0.0134 1   DT  A O2    
22  O  O2    B DT  A 1  ? 0.1631 0.2330 0.2492 -0.0249 -0.0155 -0.0242 1   DT  A O2    
23  N  N3    A DT  A 1  ? 0.1305 0.1867 0.2217 -0.0555 -0.0003 -0.0452 1   DT  A N3    
24  N  N3    B DT  A 1  ? 0.1331 0.2077 0.2387 -0.0476 -0.0173 -0.0376 1   DT  A N3    
25  C  C4    A DT  A 1  ? 0.1190 0.1926 0.2188 -0.0490 -0.0160 -0.0487 1   DT  A C4    
26  C  C4    B DT  A 1  ? 0.1272 0.2039 0.2354 -0.0479 -0.0181 -0.0435 1   DT  A C4    
27  O  O4    A DT  A 1  ? 0.1473 0.1763 0.2225 -0.0385 -0.0136 -0.0430 1   DT  A O4    
28  O  O4    B DT  A 1  ? 0.1466 0.1983 0.2383 -0.0438 -0.0134 -0.0411 1   DT  A O4    
29  C  C5    A DT  A 1  ? 0.1247 0.2042 0.2222 -0.0514 -0.0165 -0.0484 1   DT  A C5    
30  C  C5    B DT  A 1  ? 0.1153 0.2014 0.2324 -0.0535 -0.0214 -0.0512 1   DT  A C5    
31  C  C7    A DT  A 1  ? 0.1407 0.2118 0.2158 -0.0433 -0.0225 -0.0510 1   DT  A C7    
32  C  C7    B DT  A 1  ? 0.1204 0.1967 0.2254 -0.0542 -0.0252 -0.0612 1   DT  A C7    
33  C  C6    A DT  A 1  ? 0.1184 0.2186 0.2356 -0.0494 -0.0044 -0.0504 1   DT  A C6    
34  C  C6    B DT  A 1  ? 0.1204 0.2132 0.2439 -0.0473 -0.0172 -0.0437 1   DT  A C6    
61  P  P     . DC  A 2  ? 0.1613 0.2595 0.2818 -0.0335 0.0543  -0.0237 2   DC  A P     
62  O  OP1   . DC  A 2  ? 0.1987 0.2973 0.3056 -0.0376 0.0543  -0.0032 2   DC  A OP1   
63  O  OP2   . DC  A 2  ? 0.1755 0.2691 0.2828 -0.0186 0.0383  -0.0539 2   DC  A OP2   
64  O  "O5'" . DC  A 2  ? 0.1605 0.2303 0.2962 -0.0260 0.0349  0.0034  2   DC  A "O5'" 
65  C  "C5'" . DC  A 2  ? 0.1564 0.2165 0.2873 -0.0113 0.0330  0.0240  2   DC  A "C5'" 
66  C  "C4'" . DC  A 2  ? 0.1521 0.2016 0.2730 -0.0108 0.0222  0.0426  2   DC  A "C4'" 
67  O  "O4'" . DC  A 2  ? 0.1496 0.2015 0.2784 -0.0064 0.0250  0.0472  2   DC  A "O4'" 
68  C  "C3'" . DC  A 2  ? 0.1534 0.2136 0.2641 -0.0056 0.0103  0.0525  2   DC  A "C3'" 
69  O  "O3'" . DC  A 2  ? 0.1706 0.2369 0.2553 0.0073  0.0183  0.0672  2   DC  A "O3'" 
70  C  "C2'" . DC  A 2  ? 0.1507 0.2032 0.2710 -0.0155 0.0061  0.0494  2   DC  A "C2'" 
71  C  "C1'" . DC  A 2  ? 0.1239 0.1931 0.2728 -0.0094 0.0077  0.0480  2   DC  A "C1'" 
72  N  N1    . DC  A 2  ? 0.1076 0.1695 0.2474 -0.0046 -0.0010 0.0299  2   DC  A N1    
73  C  C2    . DC  A 2  ? 0.1046 0.1620 0.2274 -0.0062 -0.0076 0.0218  2   DC  A C2    
74  O  O2    . DC  A 2  ? 0.1004 0.1737 0.2327 -0.0038 -0.0089 0.0382  2   DC  A O2    
75  N  N3    . DC  A 2  ? 0.0993 0.1562 0.2321 0.0019  -0.0098 0.0083  2   DC  A N3    
76  C  C4    . DC  A 2  ? 0.1110 0.1771 0.2341 0.0070  -0.0218 -0.0020 2   DC  A C4    
77  N  N4    . DC  A 2  ? 0.1145 0.1848 0.2493 0.0087  -0.0254 0.0063  2   DC  A N4    
78  C  C5    . DC  A 2  ? 0.1084 0.1771 0.2471 -0.0100 -0.0133 -0.0067 2   DC  A C5    
79  C  C6    . DC  A 2  ? 0.1063 0.1796 0.2477 -0.0094 -0.0069 0.0110  2   DC  A C6    
91  P  P     . DG  A 3  ? 0.1639 0.2588 0.2496 -0.0158 0.0305  0.0685  3   DG  A P     
92  O  OP1   . DG  A 3  ? 0.2084 0.2695 0.2480 -0.0208 0.0442  0.0658  3   DG  A OP1   
93  O  OP2   . DG  A 3  ? 0.1646 0.2779 0.2587 -0.0141 0.0408  0.0552  3   DG  A OP2   
94  O  "O5'" . DG  A 3  ? 0.1307 0.2467 0.2379 -0.0063 0.0265  0.0652  3   DG  A "O5'" 
95  C  "C5'" . DG  A 3  ? 0.1352 0.2250 0.2174 0.0099  0.0223  0.0548  3   DG  A "C5'" 
96  C  "C4'" . DG  A 3  ? 0.1329 0.2152 0.1967 0.0260  0.0295  0.0494  3   DG  A "C4'" 
97  O  "O4'" . DG  A 3  ? 0.1380 0.2018 0.1941 0.0312  0.0355  0.0467  3   DG  A "O4'" 
98  C  "C3'" . DG  A 3  ? 0.1705 0.2241 0.1808 0.0373  0.0324  0.0501  3   DG  A "C3'" 
99  O  "O3'" . DG  A 3  ? 0.2498 0.2537 0.1800 0.0570  0.0331  0.0493  3   DG  A "O3'" 
100 C  "C2'" . DG  A 3  ? 0.1642 0.2047 0.1796 0.0326  0.0310  0.0518  3   DG  A "C2'" 
101 C  "C1'" . DG  A 3  ? 0.1344 0.1989 0.1908 0.0368  0.0357  0.0504  3   DG  A "C1'" 
102 N  N9    . DG  A 3  ? 0.1251 0.1937 0.1906 0.0230  0.0430  0.0410  3   DG  A N9    
103 C  C8    . DG  A 3  ? 0.1357 0.2001 0.1956 0.0190  0.0352  0.0473  3   DG  A C8    
104 N  N7    . DG  A 3  ? 0.1301 0.1907 0.1927 0.0235  0.0434  0.0440  3   DG  A N7    
105 C  C5    . DG  A 3  ? 0.1319 0.1686 0.1874 0.0213  0.0339  0.0420  3   DG  A C5    
106 C  C6    . DG  A 3  ? 0.1156 0.1759 0.1932 0.0296  0.0319  0.0397  3   DG  A C6    
107 O  O6    . DG  A 3  ? 0.1209 0.1930 0.1996 0.0241  0.0246  0.0465  3   DG  A O6    
108 N  N1    . DG  A 3  ? 0.1241 0.1530 0.1846 0.0333  0.0298  0.0358  3   DG  A N1    
109 C  C2    . DG  A 3  ? 0.1229 0.1370 0.1820 0.0302  0.0304  0.0263  3   DG  A C2    
110 N  N2    . DG  A 3  ? 0.1327 0.1578 0.1749 0.0199  0.0229  0.0206  3   DG  A N2    
111 N  N3    . DG  A 3  ? 0.1244 0.1564 0.1882 0.0304  0.0427  0.0282  3   DG  A N3    
112 C  C4    . DG  A 3  ? 0.1269 0.1668 0.1872 0.0216  0.0375  0.0398  3   DG  A C4    
124 P  P     . DG  A 4  ? 0.3431 0.2743 0.2115 0.0528  0.0771  0.0513  4   DG  A P     
125 O  OP1   . DG  A 4  ? 0.4167 0.2941 0.2098 0.0723  0.0637  0.0522  4   DG  A OP1   
126 O  OP2   . DG  A 4  ? 0.3474 0.2750 0.2690 0.0400  0.1079  0.0265  4   DG  A OP2   
127 O  "O5'" . DG  A 4  ? 0.2889 0.2695 0.2115 0.0690  0.0609  0.0531  4   DG  A "O5'" 
128 C  "C5'" . DG  A 4  ? 0.2776 0.2655 0.2041 0.0796  0.0367  0.0384  4   DG  A "C5'" 
129 C  "C4'" . DG  A 4  ? 0.2773 0.2625 0.1936 0.0761  0.0278  0.0259  4   DG  A "C4'" 
130 O  "O4'" . DG  A 4  ? 0.2442 0.2640 0.1790 0.0757  0.0321  0.0267  4   DG  A "O4'" 
131 C  "C3'" . DG  A 4  ? 0.2988 0.2727 0.1923 0.0820  0.0337  0.0231  4   DG  A "C3'" 
132 O  "O3'" . DG  A 4  ? 0.3405 0.2783 0.2066 0.0815  0.0332  0.0121  4   DG  A "O3'" 
133 C  "C2'" . DG  A 4  ? 0.2625 0.2720 0.1807 0.0838  0.0415  0.0258  4   DG  A "C2'" 
134 C  "C1'" . DG  A 4  ? 0.2337 0.2560 0.1763 0.0839  0.0421  0.0316  4   DG  A "C1'" 
135 N  N9    . DG  A 4  ? 0.2138 0.2427 0.1755 0.0846  0.0525  0.0412  4   DG  A N9    
136 C  C8    . DG  A 4  ? 0.2073 0.2321 0.1755 0.0670  0.0697  0.0473  4   DG  A C8    
137 N  N7    . DG  A 4  ? 0.1962 0.2212 0.2027 0.0674  0.0697  0.0559  4   DG  A N7    
138 C  C5    . DG  A 4  ? 0.1757 0.2185 0.1847 0.0627  0.0620  0.0510  4   DG  A C5    
139 C  C6    . DG  A 4  ? 0.1542 0.2178 0.1977 0.0541  0.0501  0.0557  4   DG  A C6    
140 O  O6    . DG  A 4  ? 0.1476 0.2342 0.2260 0.0444  0.0424  0.0643  4   DG  A O6    
141 N  N1    . DG  A 4  ? 0.1473 0.2127 0.1881 0.0527  0.0428  0.0553  4   DG  A N1    
142 C  C2    . DG  A 4  ? 0.1672 0.2127 0.1748 0.0628  0.0441  0.0448  4   DG  A C2    
143 N  N2    . DG  A 4  ? 0.1872 0.2031 0.1765 0.0552  0.0444  0.0412  4   DG  A N2    
144 N  N3    . DG  A 4  ? 0.1764 0.2164 0.1699 0.0671  0.0522  0.0449  4   DG  A N3    
145 C  C4    . DG  A 4  ? 0.1910 0.2199 0.1676 0.0784  0.0533  0.0429  4   DG  A C4    
157 P  P     . DC  A 5  ? 0.3573 0.2856 0.2118 0.0731  0.0273  0.0054  5   DC  A P     
158 O  OP1   . DC  A 5  ? 0.3681 0.3046 0.2338 0.0713  -0.0006 0.0079  5   DC  A OP1   
159 O  OP2   . DC  A 5  ? 0.4048 0.2836 0.2272 0.0720  0.0485  0.0158  5   DC  A OP2   
160 O  "O5'" . DC  A 5  ? 0.2664 0.2588 0.2287 0.0516  0.0327  0.0078  5   DC  A "O5'" 
161 C  "C5'" . DC  A 5  ? 0.2280 0.2429 0.2273 0.0256  0.0334  -0.0065 5   DC  A "C5'" 
162 C  "C4'" . DC  A 5  ? 0.2133 0.2198 0.2195 0.0091  0.0315  -0.0195 5   DC  A "C4'" 
163 O  "O4'" . DC  A 5  ? 0.1909 0.2298 0.2007 0.0041  0.0359  -0.0338 5   DC  A "O4'" 
164 C  "C3'" . DC  A 5  ? 0.2144 0.2038 0.2274 -0.0004 0.0286  -0.0178 5   DC  A "C3'" 
165 O  "O3'" . DC  A 5  ? 0.2235 0.1994 0.2449 -0.0067 0.0313  -0.0101 5   DC  A "O3'" 
166 C  "C2'" . DC  A 5  ? 0.1988 0.2145 0.2200 -0.0029 0.0285  -0.0246 5   DC  A "C2'" 
167 C  "C1'" . DC  A 5  ? 0.1785 0.2250 0.2053 0.0011  0.0219  -0.0196 5   DC  A "C1'" 
168 N  N1    . DC  A 5  ? 0.1518 0.2230 0.2001 0.0093  0.0254  -0.0003 5   DC  A N1    
169 C  C2    . DC  A 5  ? 0.1440 0.2214 0.1845 0.0108  0.0277  0.0028  5   DC  A C2    
170 O  O2    . DC  A 5  ? 0.1740 0.2160 0.1742 0.0105  0.0206  0.0070  5   DC  A O2    
171 N  N3    . DC  A 5  ? 0.1333 0.2201 0.1867 0.0182  0.0326  -0.0009 5   DC  A N3    
172 C  C4    . DC  A 5  ? 0.1264 0.2123 0.1899 0.0099  0.0178  0.0039  5   DC  A C4    
173 N  N4    . DC  A 5  ? 0.1271 0.2109 0.1793 0.0179  0.0174  0.0058  5   DC  A N4    
174 C  C5    . DC  A 5  ? 0.1409 0.2142 0.1862 0.0149  0.0225  -0.0024 5   DC  A C5    
175 C  C6    . DC  A 5  ? 0.1540 0.2202 0.2036 0.0179  0.0333  -0.0008 5   DC  A C6    
187 P  P     . DG  A 6  ? 0.2464 0.2024 0.2567 -0.0066 0.0209  -0.0138 6   DG  A P     
188 O  OP1   . DG  A 6  ? 0.2855 0.2000 0.2775 -0.0077 0.0431  -0.0113 6   DG  A OP1   
189 O  OP2   . DG  A 6  ? 0.2674 0.2306 0.2786 0.0126  0.0434  -0.0126 6   DG  A OP2   
190 O  "O5'" . DG  A 6  ? 0.2440 0.2076 0.2490 -0.0001 0.0289  -0.0111 6   DG  A "O5'" 
191 C  "C5'" . DG  A 6  ? 0.2158 0.2015 0.2535 -0.0093 0.0201  -0.0003 6   DG  A "C5'" 
192 C  "C4'" . DG  A 6  ? 0.1958 0.1984 0.2607 -0.0123 0.0294  0.0091  6   DG  A "C4'" 
193 O  "O4'" . DG  A 6  ? 0.1790 0.2013 0.2734 -0.0250 0.0494  0.0027  6   DG  A "O4'" 
194 C  "C3'" . DG  A 6  ? 0.2045 0.1891 0.2782 -0.0065 0.0350  0.0255  6   DG  A "C3'" 
195 O  "O3'" . DG  A 6  ? 0.2193 0.1914 0.3200 -0.0054 0.0430  0.0414  6   DG  A "O3'" 
196 C  "C2'" . DG  A 6  ? 0.1950 0.1971 0.2670 -0.0127 0.0420  0.0196  6   DG  A "C2'" 
197 C  "C1'" . DG  A 6  ? 0.1785 0.1895 0.2553 -0.0191 0.0443  0.0141  6   DG  A "C1'" 
198 N  N9    . DG  A 6  ? 0.1547 0.1742 0.2294 -0.0156 0.0411  0.0141  6   DG  A N9    
199 C  C8    . DG  A 6  ? 0.1432 0.1858 0.2135 -0.0034 0.0337  0.0088  6   DG  A C8    
200 N  N7    . DG  A 6  ? 0.1414 0.1886 0.2109 -0.0040 0.0344  0.0009  6   DG  A N7    
201 C  C5    . DG  A 6  ? 0.1379 0.1871 0.2049 -0.0011 0.0417  0.0099  6   DG  A C5    
202 C  C6    . DG  A 6  ? 0.1315 0.1819 0.1974 0.0039  0.0427  0.0116  6   DG  A C6    
203 O  O6    . DG  A 6  ? 0.1473 0.1798 0.1939 0.0007  0.0441  0.0133  6   DG  A O6    
204 N  N1    . DG  A 6  ? 0.1481 0.1873 0.1884 0.0076  0.0422  0.0101  6   DG  A N1    
205 C  C2    . DG  A 6  ? 0.1632 0.1909 0.2019 -0.0080 0.0359  0.0155  6   DG  A C2    
206 N  N2    . DG  A 6  ? 0.1902 0.2030 0.2111 -0.0086 0.0218  0.0180  6   DG  A N2    
207 N  N3    . DG  A 6  ? 0.1661 0.1793 0.2075 -0.0128 0.0401  0.0131  6   DG  A N3    
208 C  C4    . DG  A 6  ? 0.1490 0.1780 0.2102 -0.0079 0.0438  0.0088  6   DG  A C4    
220 P  P     . DC  A 7  ? 0.2461 0.1933 0.3450 -0.0088 0.0401  0.0422  7   DC  A P     
221 O  OP1   . DC  A 7  ? 0.2609 0.1961 0.3541 -0.0029 0.0356  0.0505  7   DC  A OP1   
222 O  OP2   . DC  A 7  ? 0.2810 0.2035 0.3447 -0.0009 0.0439  0.0247  7   DC  A OP2   
223 O  "O5'" . DC  A 7  ? 0.2254 0.1753 0.3242 -0.0035 0.0538  0.0413  7   DC  A "O5'" 
224 C  "C5'" . DC  A 7  ? 0.1879 0.1627 0.2929 -0.0012 0.0553  0.0344  7   DC  A "C5'" 
225 C  "C4'" . DC  A 7  ? 0.1830 0.1592 0.2513 0.0052  0.0645  0.0339  7   DC  A "C4'" 
226 O  "O4'" . DC  A 7  ? 0.1810 0.1697 0.2582 0.0069  0.0840  0.0342  7   DC  A "O4'" 
227 C  "C3'" . DC  A 7  ? 0.1810 0.1607 0.2350 0.0133  0.0542  0.0298  7   DC  A "C3'" 
228 O  "O3'" . DC  A 7  ? 0.1792 0.1562 0.2194 0.0187  0.0382  0.0220  7   DC  A "O3'" 
229 C  "C2'" . DC  A 7  ? 0.1890 0.1675 0.2582 0.0214  0.0586  0.0336  7   DC  A "C2'" 
230 C  "C1'" . DC  A 7  ? 0.1840 0.1661 0.2524 0.0158  0.0682  0.0379  7   DC  A "C1'" 
231 N  N1    . DC  A 7  ? 0.1697 0.1660 0.2425 0.0171  0.0668  0.0269  7   DC  A N1    
232 C  C2    . DC  A 7  ? 0.1630 0.1649 0.2341 0.0197  0.0548  0.0330  7   DC  A C2    
233 O  O2    . DC  A 7  ? 0.1874 0.1639 0.2320 0.0289  0.0320  0.0290  7   DC  A O2    
234 N  N3    . DC  A 7  ? 0.1442 0.1792 0.2455 0.0134  0.0566  0.0301  7   DC  A N3    
235 C  C4    . DC  A 7  ? 0.1454 0.1935 0.2485 0.0090  0.0610  0.0376  7   DC  A C4    
236 N  N4    . DC  A 7  ? 0.1472 0.1931 0.2491 0.0060  0.0565  0.0359  7   DC  A N4    
237 C  C5    . DC  A 7  ? 0.1537 0.1897 0.2449 0.0052  0.0660  0.0271  7   DC  A C5    
238 C  C6    . DC  A 7  ? 0.1672 0.1785 0.2492 0.0040  0.0669  0.0258  7   DC  A C6    
250 P  P     . DC  A 8  ? 0.1868 0.1571 0.2118 0.0138  0.0306  0.0017  8   DC  A P     
251 O  OP1   . DC  A 8  ? 0.1917 0.1438 0.2491 0.0308  0.0290  0.0217  8   DC  A OP1   
252 O  OP2   . DC  A 8  ? 0.2085 0.1871 0.2277 0.0087  0.0130  -0.0016 8   DC  A OP2   
253 O  "O5'" . DC  A 8  ? 0.1736 0.1586 0.1657 0.0153  0.0266  -0.0021 8   DC  A "O5'" 
254 C  "C5'" . DC  A 8  ? 0.1793 0.1432 0.1577 0.0181  0.0280  0.0043  8   DC  A "C5'" 
255 C  "C4'" . DC  A 8  ? 0.1908 0.1416 0.1631 0.0268  0.0341  0.0117  8   DC  A "C4'" 
256 O  "O4'" . DC  A 8  ? 0.1927 0.1628 0.1673 0.0198  0.0447  0.0264  8   DC  A "O4'" 
257 C  "C3'" . DC  A 8  ? 0.1811 0.1519 0.1831 0.0151  0.0487  0.0196  8   DC  A "C3'" 
258 O  "O3'" . DC  A 8  ? 0.1917 0.1630 0.2004 0.0112  0.0478  -0.0010 8   DC  A "O3'" 
259 C  "C2'" . DC  A 8  ? 0.1953 0.1789 0.1652 0.0360  0.0438  0.0244  8   DC  A "C2'" 
260 C  "C1'" . DC  A 8  ? 0.1797 0.1670 0.1661 0.0192  0.0479  0.0296  8   DC  A "C1'" 
261 N  N1    . DC  A 8  ? 0.1721 0.1761 0.1686 0.0211  0.0543  0.0266  8   DC  A N1    
262 C  C2    . DC  A 8  ? 0.1562 0.1718 0.1673 0.0130  0.0451  0.0303  8   DC  A C2    
263 O  O2    . DC  A 8  ? 0.1592 0.1645 0.1603 0.0257  0.0370  0.0327  8   DC  A O2    
264 N  N3    . DC  A 8  ? 0.1512 0.1819 0.1742 0.0166  0.0420  0.0308  8   DC  A N3    
265 C  C4    . DC  A 8  ? 0.1541 0.1846 0.1964 0.0146  0.0498  0.0330  8   DC  A C4    
266 N  N4    . DC  A 8  ? 0.1463 0.1900 0.2113 0.0108  0.0483  0.0343  8   DC  A N4    
267 C  C5    . DC  A 8  ? 0.1748 0.1720 0.2057 0.0055  0.0544  0.0340  8   DC  A C5    
268 C  C6    . DC  A 8  ? 0.1800 0.1663 0.1920 0.0076  0.0619  0.0288  8   DC  A C6    
280 P  P     . DG  A 9  ? 0.1823 0.1514 0.1683 0.0205  0.0163  0.0089  9   DG  A P     
281 O  OP1   . DG  A 9  ? 0.2375 0.1654 0.1772 0.0292  -0.0161 0.0276  9   DG  A OP1   
282 O  OP2   . DG  A 9  ? 0.1922 0.1701 0.1612 0.0166  0.0209  0.0010  9   DG  A OP2   
283 O  "O5'" . DG  A 9  ? 0.1634 0.1574 0.1716 0.0080  0.0117  0.0044  9   DG  A "O5'" 
284 C  "C5'" . DG  A 9  ? 0.1544 0.1612 0.1788 0.0128  0.0107  0.0059  9   DG  A "C5'" 
285 C  "C4'" . DG  A 9  ? 0.1361 0.1558 0.1803 0.0091  0.0066  -0.0018 9   DG  A "C4'" 
286 O  "O4'" . DG  A 9  ? 0.1434 0.1439 0.1514 0.0073  0.0053  -0.0064 9   DG  A "O4'" 
287 C  "C3'" . DG  A 9  ? 0.1250 0.1517 0.2078 -0.0005 0.0184  0.0057  9   DG  A "C3'" 
288 O  "O3'" . DG  A 9  ? 0.1301 0.1712 0.2661 0.0041  0.0209  0.0156  9   DG  A "O3'" 
289 C  "C2'" . DG  A 9  ? 0.1411 0.1502 0.1565 0.0046  0.0126  -0.0067 9   DG  A "C2'" 
290 C  "C1'" . DG  A 9  ? 0.1412 0.1449 0.1364 -0.0024 0.0177  -0.0105 9   DG  A "C1'" 
291 N  N9    . DG  A 9  ? 0.1359 0.1405 0.1319 -0.0143 0.0146  -0.0062 9   DG  A N9    
292 C  C8    . DG  A 9  ? 0.1555 0.1397 0.1401 -0.0288 0.0164  -0.0031 9   DG  A C8    
293 N  N7    . DG  A 9  ? 0.1429 0.1579 0.1483 -0.0322 0.0115  -0.0051 9   DG  A N7    
294 C  C5    . DG  A 9  ? 0.1229 0.1660 0.1368 -0.0198 0.0082  -0.0011 9   DG  A C5    
295 C  C6    . DG  A 9  ? 0.1114 0.1689 0.1622 -0.0269 0.0126  0.0063  9   DG  A C6    
296 O  O6    . DG  A 9  ? 0.1193 0.1850 0.1776 -0.0322 0.0004  0.0104  9   DG  A O6    
297 N  N1    . DG  A 9  ? 0.1044 0.1675 0.1558 -0.0204 0.0069  0.0040  9   DG  A N1    
298 C  C2    . DG  A 9  ? 0.1015 0.1511 0.1429 -0.0179 0.0148  0.0022  9   DG  A C2    
299 N  N2    . DG  A 9  ? 0.1016 0.1625 0.1533 -0.0113 0.0038  0.0125  9   DG  A N2    
300 N  N3    . DG  A 9  ? 0.1128 0.1520 0.1320 -0.0179 0.0117  0.0019  9   DG  A N3    
301 C  C4    . DG  A 9  ? 0.1195 0.1490 0.1277 -0.0147 0.0158  -0.0031 9   DG  A C4    
313 P  P     . DA  A 10 ? 0.1456 0.2109 0.3263 0.0083  0.0014  -0.0040 10  DA  A P     
314 O  OP1   . DA  A 10 ? 0.1819 0.2362 0.3179 -0.0051 -0.0282 -0.0076 10  DA  A OP1   
315 O  OP2   . DA  A 10 ? 0.1968 0.2283 0.3517 0.0183  0.0426  -0.0131 10  DA  A OP2   
316 O  "O5'" . DA  A 10 ? 0.1643 0.2192 0.2946 -0.0006 -0.0125 -0.0236 10  DA  A "O5'" 
317 C  "C5'" . DA  A 10 ? 0.1543 0.2379 0.2737 0.0127  -0.0321 -0.0227 10  DA  A "C5'" 
318 C  "C4'" . DA  A 10 ? 0.1462 0.2243 0.2528 0.0184  -0.0370 -0.0026 10  DA  A "C4'" 
319 O  "O4'" . DA  A 10 ? 0.1517 0.2047 0.2169 0.0163  -0.0447 -0.0004 10  DA  A "O4'" 
320 C  "C3'" . DA  A 10 ? 0.1584 0.2326 0.2914 0.0101  -0.0095 0.0174  10  DA  A "C3'" 
321 O  "O3'" . DA  A 10 ? 0.1659 0.2654 0.3495 0.0196  0.0186  0.0290  10  DA  A "O3'" 
322 C  "C2'" . DA  A 10 ? 0.1297 0.2069 0.2480 -0.0047 -0.0207 0.0123  10  DA  A "C2'" 
323 C  "C1'" . DA  A 10 ? 0.1281 0.1867 0.2186 0.0010  -0.0361 0.0029  10  DA  A "C1'" 
324 N  N9    . DA  A 10 ? 0.1337 0.1664 0.1979 -0.0043 -0.0316 -0.0035 10  DA  A N9    
325 C  C8    . DA  A 10 ? 0.1675 0.1654 0.1847 -0.0085 -0.0340 -0.0165 10  DA  A C8    
326 N  N7    . DA  A 10 ? 0.1745 0.1634 0.1743 -0.0018 -0.0289 -0.0110 10  DA  A N7    
327 C  C5    . DA  A 10 ? 0.1463 0.1476 0.1553 -0.0058 -0.0229 0.0005  10  DA  A C5    
328 C  C6    . DA  A 10 ? 0.1332 0.1471 0.1539 0.0059  -0.0076 0.0144  10  DA  A C6    
329 N  N6    . DA  A 10 ? 0.1467 0.1654 0.1700 0.0092  0.0009  0.0057  10  DA  A N6    
330 N  N1    . DA  A 10 ? 0.1262 0.1394 0.1460 0.0012  -0.0064 0.0088  10  DA  A N1    
331 C  C2    . DA  A 10 ? 0.1108 0.1348 0.1502 -0.0001 -0.0023 0.0152  10  DA  A C2    
332 N  N3    . DA  A 10 ? 0.1125 0.1476 0.1603 -0.0127 -0.0157 0.0077  10  DA  A N3    
333 C  C4    . DA  A 10 ? 0.1249 0.1471 0.1701 -0.0043 -0.0235 0.0043  10  DA  A C4    
346 BA BA    . BA  B .  ? 0.1287 0.2251 0.2544 0.0338  0.0544  0.0747  101 BA  A BA    
347 RU RU    . 0TN C .  ? 0.0876 0.1417 0.1457 -0.0110 -0.0316 -0.0080 102 0TN A RU    
348 C  C1    . 0TN C .  ? 0.0966 0.1527 0.1290 0.0046  -0.0268 -0.0253 102 0TN A C1    
349 N  N1    . 0TN C .  ? 0.0973 0.1493 0.1504 -0.0150 -0.0357 -0.0056 102 0TN A N1    
350 C  C2    . 0TN C .  ? 0.1006 0.1637 0.1379 -0.0094 -0.0201 -0.0109 102 0TN A C2    
351 N  N2    . 0TN C .  ? 0.0834 0.1608 0.1339 -0.0078 -0.0222 -0.0180 102 0TN A N2    
352 C  C3    . 0TN C .  ? 0.1170 0.1597 0.1521 -0.0073 -0.0116 -0.0052 102 0TN A C3    
353 N  N3    . 0TN C .  ? 0.1436 0.1753 0.1455 0.0175  -0.0231 -0.0287 102 0TN A N3    
354 C  C4    . 0TN C .  ? 0.1223 0.1671 0.1375 0.0035  -0.0164 -0.0106 102 0TN A C4    
355 N  N4    . 0TN C .  ? 0.1283 0.1799 0.1439 0.0119  -0.0432 -0.0333 102 0TN A N4    
356 C  C5    . 0TN C .  ? 0.1082 0.1657 0.1405 0.0091  -0.0183 -0.0208 102 0TN A C5    
357 N  N5    . 0TN C .  ? 0.0928 0.1610 0.1687 -0.0084 -0.0423 -0.0327 102 0TN A N5    
358 C  C6    . 0TN C .  ? 0.1261 0.1652 0.1331 0.0062  -0.0252 -0.0306 102 0TN A C6    
359 C  C7    . 0TN C .  ? 0.1134 0.1598 0.1432 0.0082  -0.0341 -0.0312 102 0TN A C7    
360 C  C8    . 0TN C .  ? 0.0999 0.1623 0.1405 0.0049  -0.0317 -0.0273 102 0TN A C8    
361 N  N8    . 0TN C .  ? 0.0921 0.1376 0.1838 -0.0141 -0.0398 0.0002  102 0TN A N8    
362 C  C9    . 0TN C .  ? 0.1099 0.1685 0.1553 -0.0039 -0.0450 -0.0164 102 0TN A C9    
363 N  N9    . 0TN C .  ? 0.1011 0.1285 0.1421 -0.0089 -0.0148 0.0073  102 0TN A N9    
364 C  C10   . 0TN C .  ? 0.0955 0.1500 0.1350 -0.0016 -0.0319 -0.0208 102 0TN A C10   
365 C  C11   . 0TN C .  ? 0.1088 0.1780 0.1804 -0.0221 -0.0414 -0.0087 102 0TN A C11   
366 C  C12   . 0TN C .  ? 0.0945 0.1635 0.1763 -0.0241 -0.0394 -0.0005 102 0TN A C12   
367 N  N12   . 0TN C .  ? 0.0937 0.1424 0.1323 -0.0149 -0.0304 -0.0011 102 0TN A N12   
368 C  C13   . 0TN C .  ? 0.1574 0.1871 0.1446 0.0242  -0.0558 -0.0271 102 0TN A C13   
369 C  C14   . 0TN C .  ? 0.1958 0.1939 0.1483 0.0260  -0.0609 -0.0279 102 0TN A C14   
370 C  C15   . 0TN C .  ? 0.1741 0.1851 0.1389 0.0214  -0.0467 -0.0267 102 0TN A C15   
371 C  C16   . 0TN C .  ? 0.2180 0.1999 0.1493 0.0254  -0.0523 -0.0183 102 0TN A C16   
372 C  C17   . 0TN C .  ? 0.2230 0.2064 0.1560 0.0319  -0.0551 -0.0143 102 0TN A C17   
373 C  C18   . 0TN C .  ? 0.2145 0.2045 0.1468 0.0343  -0.0626 -0.0287 102 0TN A C18   
374 C  C19   . 0TN C .  ? 0.1044 0.1480 0.2002 -0.0084 -0.0576 -0.0329 102 0TN A C19   
375 C  C20   . 0TN C .  ? 0.1071 0.1907 0.1687 0.0008  -0.0442 -0.0587 102 0TN A C20   
376 C  C21   . 0TN C .  ? 0.1146 0.2053 0.1980 -0.0085 -0.0590 -0.0637 102 0TN A C21   
377 C  C22   . 0TN C .  ? 0.1210 0.1541 0.2307 -0.0180 -0.0712 -0.0387 102 0TN A C22   
378 C  C23   . 0TN C .  ? 0.1363 0.1488 0.2600 -0.0219 -0.0759 -0.0274 102 0TN A C23   
379 C  C24   . 0TN C .  ? 0.1458 0.1383 0.2557 -0.0277 -0.0804 -0.0101 102 0TN A C24   
380 C  C25   . 0TN C .  ? 0.1191 0.1461 0.2398 -0.0237 -0.0691 -0.0047 102 0TN A C25   
381 C  C26   . 0TN C .  ? 0.1039 0.1290 0.2009 -0.0180 -0.0657 -0.0115 102 0TN A C26   
382 C  C27   . 0TN C .  ? 0.1179 0.1663 0.2354 -0.0278 -0.0545 0.0286  102 0TN A C27   
383 C  C28   . 0TN C .  ? 0.1043 0.1517 0.2032 -0.0229 -0.0478 0.0240  102 0TN A C28   
384 C  C29   . 0TN C .  ? 0.1083 0.1397 0.1278 -0.0081 -0.0182 0.0090  102 0TN A C29   
385 C  C30   . 0TN C .  ? 0.0983 0.1417 0.1567 -0.0011 -0.0105 0.0185  102 0TN A C30   
386 C  C31   . 0TN C .  ? 0.1173 0.1520 0.1589 0.0026  -0.0046 0.0210  102 0TN A C31   
387 C  C32   . 0TN C .  ? 0.1178 0.1475 0.1340 -0.0024 -0.0161 0.0068  102 0TN A C32   
388 C  C33   . 0TN C .  ? 0.1385 0.1488 0.1307 -0.0006 -0.0133 -0.0046 102 0TN A C33   
389 C  C34   . 0TN C .  ? 0.1411 0.1421 0.1336 -0.0117 -0.0260 -0.0050 102 0TN A C34   
390 C  C35   . 0TN C .  ? 0.1197 0.1409 0.1362 -0.0169 -0.0323 0.0007  102 0TN A C35   
391 C  C36   . 0TN C .  ? 0.0991 0.1369 0.1341 -0.0146 -0.0274 0.0067  102 0TN A C36   
392 C  C37   . 0TN C .  ? 0.0909 0.1484 0.1525 -0.0197 -0.0380 0.0107  102 0TN A C37   
393 C  C38   . 0TN C .  ? 0.0932 0.1501 0.1422 -0.0090 -0.0343 0.0041  102 0TN A C38   
394 C  C41   . 0TN C .  ? 0.1170 0.1938 0.2305 -0.0074 -0.0579 -0.0529 102 0TN A C41   
395 C  C42   . 0TN C .  ? 0.1231 0.1554 0.2523 -0.0330 -0.0661 0.0158  102 0TN A C42   
396 C  C43   . 0TN C .  ? 0.1297 0.1519 0.1524 0.0075  -0.0113 0.0174  102 0TN A C43   
397 C  C44   . 0TN C .  ? 0.1129 0.1453 0.1449 -0.0213 -0.0379 0.0005  102 0TN A C44   
424 RU RU    . 0TN D .  ? 0.2433 0.1424 0.1486 0.0118  0.0409  0.0141  103 0TN A RU    
425 C  C1    . 0TN D .  ? 0.2859 0.1465 0.1476 0.0262  0.0657  0.0112  103 0TN A C1    
426 N  N1    . 0TN D .  ? 0.2506 0.1401 0.1558 0.0136  0.0480  0.0084  103 0TN A N1    
427 C  C2    . 0TN D .  ? 0.3302 0.1592 0.1662 0.0373  0.0751  0.0172  103 0TN A C2    
428 N  N2    . 0TN D .  ? 0.2850 0.1461 0.1486 0.0205  0.0643  0.0122  103 0TN A N2    
429 C  C3    . 0TN D .  ? 0.3411 0.1602 0.1628 0.0388  0.0824  0.0194  103 0TN A C3    
430 N  N3    . 0TN D .  ? 0.2992 0.1654 0.1556 0.0487  0.0630  0.0238  103 0TN A N3    
431 C  C4    . 0TN D .  ? 0.3324 0.1636 0.1545 0.0420  0.0707  0.0140  103 0TN A C4    
432 N  N4    . 0TN D .  ? 0.2707 0.1509 0.1622 0.0397  0.0587  0.0129  103 0TN A N4    
433 C  C5    . 0TN D .  ? 0.3130 0.1579 0.1455 0.0361  0.0676  0.0135  103 0TN A C5    
434 N  N5    . 0TN D .  ? 0.2511 0.1509 0.1758 -0.0204 0.0306  -0.0041 103 0TN A N5    
435 C  C6    . 0TN D .  ? 0.2904 0.1531 0.1538 0.0406  0.0652  0.0186  103 0TN A C6    
436 C  C7    . 0TN D .  ? 0.2738 0.1504 0.1516 0.0342  0.0625  0.0154  103 0TN A C7    
437 C  C8    . 0TN D .  ? 0.2667 0.1385 0.1529 0.0233  0.0612  0.0076  103 0TN A C8    
438 N  N8    . 0TN D .  ? 0.2057 0.1433 0.1582 -0.0040 0.0413  0.0127  103 0TN A N8    
439 C  C9    . 0TN D .  ? 0.2721 0.1362 0.1631 0.0110  0.0588  0.0061  103 0TN A C9    
440 N  N9    . 0TN D .  ? 0.2107 0.1555 0.1654 0.0241  0.0617  0.0308  103 0TN A N9    
441 C  C10   . 0TN D .  ? 0.2644 0.1391 0.1577 0.0229  0.0556  0.0086  103 0TN A C10   
442 C  C11   . 0TN D .  ? 0.2653 0.1361 0.1585 0.0140  0.0517  0.0061  103 0TN A C11   
443 C  C12   . 0TN D .  ? 0.2610 0.1448 0.1573 0.0121  0.0537  0.0098  103 0TN A C12   
444 N  N12   . 0TN D .  ? 0.2447 0.1604 0.1497 0.0128  0.0287  0.0223  103 0TN A N12   
445 C  C13   . 0TN D .  ? 0.2949 0.1541 0.1644 0.0476  0.0582  0.0159  103 0TN A C13   
446 C  C14   . 0TN D .  ? 0.3044 0.1620 0.1742 0.0570  0.0557  0.0185  103 0TN A C14   
447 C  C15   . 0TN D .  ? 0.3154 0.1632 0.1661 0.0495  0.0654  0.0227  103 0TN A C15   
448 C  C16   . 0TN D .  ? 0.3392 0.1791 0.1976 0.0542  0.0697  0.0389  103 0TN A C16   
449 C  C17   . 0TN D .  ? 0.3390 0.1903 0.2044 0.0590  0.0683  0.0374  103 0TN A C17   
450 C  C18   . 0TN D .  ? 0.3304 0.1744 0.1857 0.0596  0.0620  0.0266  103 0TN A C18   
451 C  C19   . 0TN D .  ? 0.2447 0.1506 0.2085 -0.0226 0.0358  0.0087  103 0TN A C19   
452 C  C20   . 0TN D .  ? 0.2885 0.1783 0.2077 -0.0193 0.0347  -0.0134 103 0TN A C20   
453 C  C21   . 0TN D .  ? 0.3101 0.1907 0.2427 -0.0265 0.0332  -0.0184 103 0TN A C21   
454 C  C22   . 0TN D .  ? 0.2766 0.1691 0.2575 -0.0325 0.0370  -0.0072 103 0TN A C22   
455 C  C23   . 0TN D .  ? 0.2613 0.1986 0.2764 -0.0182 0.0392  -0.0088 103 0TN A C23   
456 C  C24   . 0TN D .  ? 0.2467 0.1944 0.2559 -0.0093 0.0350  -0.0060 103 0TN A C24   
457 C  C25   . 0TN D .  ? 0.2180 0.1677 0.2190 -0.0103 0.0379  0.0014  103 0TN A C25   
458 C  C26   . 0TN D .  ? 0.2232 0.1461 0.1868 -0.0152 0.0349  0.0057  103 0TN A C26   
459 C  C27   . 0TN D .  ? 0.1999 0.1526 0.1727 0.0013  0.0465  0.0195  103 0TN A C27   
460 C  C28   . 0TN D .  ? 0.2035 0.1460 0.1612 0.0005  0.0453  0.0086  103 0TN A C28   
461 C  C29   . 0TN D .  ? 0.2049 0.1719 0.1737 0.0354  0.0609  0.0312  103 0TN A C29   
462 C  C30   . 0TN D .  ? 0.2230 0.1755 0.1653 0.0455  0.0690  0.0335  103 0TN A C30   
463 C  C31   . 0TN D .  ? 0.2078 0.1975 0.1870 0.0587  0.0733  0.0364  103 0TN A C31   
464 C  C32   . 0TN D .  ? 0.1891 0.1846 0.1850 0.0513  0.0759  0.0438  103 0TN A C32   
465 C  C33   . 0TN D .  ? 0.1788 0.1849 0.2117 0.0505  0.0841  0.0460  103 0TN A C33   
466 C  C34   . 0TN D .  ? 0.2042 0.1786 0.2018 0.0474  0.0667  0.0411  103 0TN A C34   
467 C  C35   . 0TN D .  ? 0.2168 0.1773 0.1819 0.0307  0.0508  0.0425  103 0TN A C35   
468 C  C36   . 0TN D .  ? 0.2157 0.1718 0.1677 0.0259  0.0495  0.0363  103 0TN A C36   
469 C  C37   . 0TN D .  ? 0.2838 0.1945 0.1698 0.0072  0.0286  0.0301  103 0TN A C37   
470 C  C38   . 0TN D .  ? 0.2747 0.1831 0.1516 0.0125  0.0221  0.0225  103 0TN A C38   
471 C  C41   . 0TN D .  ? 0.2948 0.1837 0.2662 -0.0353 0.0343  -0.0119 103 0TN A C41   
472 C  C42   . 0TN D .  ? 0.2034 0.1549 0.1973 -0.0087 0.0464  0.0167  103 0TN A C42   
473 C  C43   . 0TN D .  ? 0.1813 0.2035 0.1977 0.0602  0.0759  0.0359  103 0TN A C43   
474 C  C44   . 0TN D .  ? 0.2594 0.1934 0.1766 0.0191  0.0391  0.0329  103 0TN A C44   
501 CL CL    . CL  E .  ? 0.2174 0.1955 0.1878 -0.0045 -0.0023 0.0084  104 CL  A CL    
502 O  O     . HOH F .  ? 0.2690 0.3259 0.3222 0.1310  -0.0529 -0.0879 201 HOH A O     
503 O  O     . HOH F .  ? 0.3833 0.4189 0.3146 -0.0449 0.0109  0.1068  202 HOH A O     
504 O  O     . HOH F .  ? 0.5041 0.3686 0.2545 -0.0801 0.0530  -0.0647 203 HOH A O     
505 O  O     . HOH F .  ? 0.5486 0.3568 0.2415 -0.0756 -0.0583 0.0145  204 HOH A O     
506 O  O     . HOH F .  ? 0.2432 0.1991 0.1741 0.0356  0.0222  0.0205  205 HOH A O     
507 O  O     . HOH F .  ? 0.2062 0.4359 0.6259 -0.0553 0.0966  -0.0235 206 HOH A O     
508 O  O     . HOH F .  ? 0.3758 0.1854 0.1850 0.0481  -0.0037 -0.0116 207 HOH A O     
509 O  O     . HOH F .  ? 0.2423 0.4657 0.2686 -0.1346 -0.0496 0.1228  208 HOH A O     
510 O  O     . HOH F .  ? 0.4671 0.3707 0.3974 0.0806  0.0819  0.0591  209 HOH A O     
511 O  O     . HOH F .  ? 0.1600 0.2150 0.2657 0.0031  0.0321  0.0212  210 HOH A O     
512 O  O     . HOH F .  ? 0.4089 0.2179 0.2872 -0.0579 0.0145  0.0053  211 HOH A O     
513 O  O     . HOH F .  ? 0.2823 0.2873 0.4694 0.0707  -0.0457 -0.0319 212 HOH A O     
514 O  O     . HOH F .  ? 0.2344 0.3242 0.2217 0.0435  0.0192  0.0233  213 HOH A O     
515 O  O     . HOH F .  ? 0.3200 0.2725 0.3005 -0.1713 0.0342  -0.0331 214 HOH A O     
516 O  O     . HOH F .  ? 0.2918 0.2140 0.2668 -0.0171 0.0973  -0.0479 215 HOH A O     
517 O  O     . HOH F .  ? 0.2485 0.6902 0.6191 -0.1099 0.0321  0.1648  216 HOH A O     
518 O  O     . HOH F .  ? 0.4694 0.3766 0.4620 -0.1188 -0.0161 0.1816  217 HOH A O     
519 O  O     . HOH F .  ? 0.2923 0.5325 0.5352 -0.0092 0.0304  0.0797  218 HOH A O     
520 O  O     . HOH F .  ? 0.5200 0.5092 0.4749 -0.1448 0.1926  -0.1617 219 HOH A O     
521 O  O     . HOH F .  ? 0.4907 0.4029 0.4017 -0.0497 0.0181  0.1446  220 HOH A O     
522 O  O     . HOH F .  ? 0.4663 0.2444 0.3895 -0.0655 0.1233  -0.0052 221 HOH A O     
523 O  O     . HOH F .  ? 0.2035 0.2163 0.2995 0.0255  0.0143  0.0280  222 HOH A O     
524 O  O     . HOH F .  ? 0.1714 0.3045 0.2835 0.0229  0.0653  0.0738  223 HOH A O     
525 O  O     . HOH F .  ? 0.4310 0.3907 0.3316 0.0586  -0.0086 -0.0337 224 HOH A O     
526 O  O     . HOH F .  ? 0.3312 0.4401 0.3093 -0.1593 0.0282  -0.0469 225 HOH A O     
527 O  O     . HOH F .  ? 0.1300 0.2917 0.2521 0.0519  -0.0507 -0.0958 226 HOH A O     
528 O  O     . HOH F .  ? 0.2483 0.4542 0.4452 -0.0771 -0.1418 0.0630  227 HOH A O     
529 O  O     . HOH F .  ? 0.2983 0.3775 0.6216 -0.0621 -0.0048 0.2511  228 HOH A O     
530 O  O     . HOH F .  ? 0.3090 0.1936 0.2602 -0.0506 0.0300  -0.0603 229 HOH A O     
531 O  O     . HOH F .  ? 0.3771 0.5676 0.6569 0.1788  0.0833  0.0957  230 HOH A O     
532 O  O     . HOH F .  ? 0.2150 0.3657 0.5783 -0.1064 0.0028  -0.0977 231 HOH A O     
533 O  O     . HOH F .  ? 0.2032 0.1620 0.1659 0.0179  0.0140  0.0169  232 HOH A O     
534 O  O     . HOH F .  ? 0.1423 0.2304 0.3718 0.0334  0.0447  0.0827  233 HOH A O     
535 O  O     . HOH F .  ? 0.3050 0.2327 0.2605 0.0246  0.0815  0.0305  234 HOH A O     
536 O  O     . HOH F .  ? 0.4124 0.2561 0.3320 -0.0113 0.0982  0.0663  235 HOH A O     
537 O  O     . HOH F .  ? 0.6424 0.2716 0.2911 -0.0223 0.0565  -0.0348 236 HOH A O     
538 O  O     . HOH F .  ? 0.4653 0.5796 0.4267 0.1994  -0.0592 0.0844  237 HOH A O     
539 O  O     . HOH F .  ? 0.5041 0.5854 0.4999 -0.0686 0.0530  -0.0158 238 HOH A O     
540 O  O     . HOH F .  ? 0.2985 0.3360 0.5239 0.0689  -0.1207 0.0641  239 HOH A O     
541 O  O     . HOH F .  ? 0.7695 0.2815 0.3075 0.0585  0.0925  0.0511  240 HOH A O     
542 O  O     . HOH F .  ? 0.5152 0.3195 0.5113 0.0485  -0.0706 0.1213  241 HOH A O     
543 O  O     . HOH F .  ? 0.5962 0.5286 0.4559 0.0487  0.1403  0.1765  242 HOH A O     
544 O  O     . HOH F .  ? 0.4112 0.5937 0.4713 -0.0941 -0.1511 -0.0275 243 HOH A O     
545 O  O     . HOH F .  ? 0.4024 0.4860 0.3735 -0.0079 0.0927  -0.0254 244 HOH A O     
546 O  O     . HOH F .  ? 0.4977 0.3646 0.3239 -0.1612 0.0562  0.0147  245 HOH A O     
547 O  O     . HOH F .  ? 0.2566 0.2165 0.2300 -0.0042 -0.0152 0.0586  246 HOH A O     
548 O  O     . HOH F .  ? 0.4879 0.3692 0.3365 0.0724  0.0723  0.0029  247 HOH A O     
549 O  O     . HOH F .  ? 0.3531 0.4906 0.3672 0.0538  -0.0044 0.0512  248 HOH A O     
550 O  O     . HOH F .  ? 0.3870 0.3225 0.2217 -0.0116 0.0592  -0.0008 249 HOH A O     
551 O  O     . HOH F .  ? 0.3466 0.2905 0.6152 -0.0902 -0.1607 0.1949  250 HOH A O     
552 O  O     . HOH F .  ? 0.4733 0.3526 0.2989 -0.0118 0.0149  0.0913  251 HOH A O     
553 O  O     . HOH F .  ? 0.2152 0.2865 0.7553 -0.0131 0.0423  0.1341  252 HOH A O     
554 O  O     . HOH F .  ? 0.3032 0.2002 0.3677 0.0261  0.0560  -0.0189 253 HOH A O     
555 O  O     . HOH F .  ? 0.2688 0.2625 0.5005 0.0463  0.0578  0.0882  254 HOH A O     
556 O  O     . HOH F .  ? 0.3899 0.4045 0.3338 0.0116  -0.0060 -0.0677 255 HOH A O     
557 O  O     . HOH F .  ? 0.4581 0.4754 0.4376 0.0252  -0.0885 -0.0853 256 HOH A O     
558 O  O     . HOH F .  ? 0.3769 0.3620 0.2560 0.0032  0.0160  -0.0301 257 HOH A O     
559 O  O     . HOH F .  ? 0.5070 0.3116 0.3083 0.0556  0.0943  0.0113  258 HOH A O     
560 O  O     . HOH F .  ? 0.3654 0.4941 0.4043 0.0550  -0.0490 -0.0613 259 HOH A O     
561 O  O     . HOH F .  ? 0.1483 0.2283 0.3404 -0.0744 0.0593  -0.0817 260 HOH A O     
562 O  O     . HOH F .  ? 0.4356 0.2601 0.3910 -0.0608 -0.0186 0.0492  261 HOH A O     
563 O  O     . HOH F .  ? 0.3095 0.3432 0.6437 -0.0270 0.1373  -0.0885 262 HOH A O     
564 O  O     . HOH F .  ? 0.2893 0.3671 0.4673 -0.0122 -0.1292 0.0849  263 HOH A O     
565 O  O     . HOH F .  ? 0.4841 0.5677 0.5412 -0.1027 0.2336  0.1064  264 HOH A O     
566 O  O     A HOH F .  ? 0.5762 0.2194 0.2143 0.0657  0.0172  -0.0617 265 HOH A O     
567 O  O     B HOH F .  ? 0.6301 0.1875 0.1711 0.0860  0.0007  -0.0096 265 HOH A O     
568 O  O     . HOH F .  ? 0.5774 0.4536 0.5663 -0.0486 0.0669  -0.0572 266 HOH A O     
569 O  O     . HOH F .  ? 0.5505 0.4109 0.4294 0.0427  -0.0210 -0.0734 267 HOH A O     
570 O  O     . HOH F .  ? 0.2738 0.4560 0.6270 -0.0526 -0.0489 0.0019  268 HOH A O     
571 O  O     . HOH F .  ? 0.3773 0.4153 0.5703 -0.0295 0.0470  0.1042  269 HOH A O     
572 O  O     . HOH F .  ? 0.2681 0.4071 0.2127 0.0734  -0.1191 -0.0238 270 HOH A O     
573 O  O     . HOH F .  ? 0.2747 0.3476 0.3354 -0.0760 -0.0373 0.0432  271 HOH A O     
574 O  O     . HOH F .  ? 0.2515 0.3357 0.5018 0.0397  0.0045  0.0629  272 HOH A O     
575 O  O     . HOH F .  ? 0.4857 0.5309 0.3522 -0.0597 -0.0121 0.0959  273 HOH A O     
576 O  O     . HOH F .  ? 0.5734 0.3669 0.2936 -0.1371 -0.0907 0.0910  274 HOH A O     
577 O  O     . HOH F .  ? 0.4248 0.6965 0.4474 -0.0909 -0.0260 -0.0533 275 HOH A O     
578 O  O     . HOH F .  ? 0.3219 0.3503 0.4899 0.0468  0.0308  0.0071  276 HOH A O     
579 O  O     . HOH F .  ? 0.4028 0.3373 0.3424 -0.0767 -0.1259 0.1128  277 HOH A O     
580 O  O     . HOH F .  ? 0.5149 0.4784 0.4545 -0.0712 -0.0254 -0.0391 278 HOH A O     
581 O  O     . HOH F .  ? 0.5564 0.3122 0.4605 -0.0414 -0.1060 0.0628  279 HOH A O     
582 O  O     . HOH F .  ? 0.3312 0.4527 0.4581 0.0895  -0.0610 0.0610  280 HOH A O     
583 O  O     . HOH F .  ? 0.5570 0.4192 0.3207 0.1136  -0.0905 -0.0670 281 HOH A O     
584 O  O     . HOH F .  ? 0.6973 0.4328 0.3604 0.0756  -0.0012 -0.0814 282 HOH A O     
# 
